data_1EBB
# 
_entry.id   1EBB 
# 
_audit_conform.dict_name       mmcif_pdbx.dic 
_audit_conform.dict_version    5.382 
_audit_conform.dict_location   http://mmcif.pdb.org/dictionaries/ascii/mmcif_pdbx.dic 
# 
loop_
_database_2.database_id 
_database_2.database_code 
_database_2.pdbx_database_accession 
_database_2.pdbx_DOI 
PDB   1EBB         pdb_00001ebb 10.2210/pdb1ebb/pdb 
PDBE  EBI-8386     ?            ?                   
WWPDB D_1290008386 ?            ?                   
# 
_pdbx_database_status.status_code                     REL 
_pdbx_database_status.entry_id                        1EBB 
_pdbx_database_status.deposit_site                    PDBE 
_pdbx_database_status.process_site                    PDBE 
_pdbx_database_status.SG_entry                        . 
_pdbx_database_status.recvd_initial_deposition_date   2001-07-24 
_pdbx_database_status.pdb_format_compatible           Y 
_pdbx_database_status.status_code_sf                  REL 
_pdbx_database_status.status_code_mr                  ? 
_pdbx_database_status.status_code_cs                  ? 
_pdbx_database_status.methods_development_category    ? 
_pdbx_database_status.status_code_nmr_data            ? 
# 
loop_
_audit_author.name 
_audit_author.pdbx_ordinal 
'Rigden, D.J.'    1 
'Jedrzejas, M.J.' 2 
# 
loop_
_citation.id 
_citation.title 
_citation.journal_abbrev 
_citation.journal_volume 
_citation.page_first 
_citation.page_last 
_citation.year 
_citation.journal_id_ASTM 
_citation.country 
_citation.journal_id_ISSN 
_citation.journal_id_CSD 
_citation.book_publisher 
_citation.pdbx_database_id_PubMed 
_citation.pdbx_database_id_DOI 
primary 
;Structure and Mechanism of Action of a Cofactor-Dependent Phosphoglycerate Mutase Homolog from Bacillus Stearothermophilus with Broad Specificity Phosphatase Activity.
;
J.Mol.Biol.    315 1129 ? 2002 JMOBAK UK 0022-2836 0070 ? 11827481 10.1006/JMBI.2001.5290 
1       
'A Cofactor-Dependent Phosphoglycerate Mutase Homolog from Bacillus Stearothermophilus is Actually a Broad Specificity Phosphatase' 
'Protein Sci.' 10  1835 ? 2001 PRCIEI US 0961-8368 0795 ? 11514674 10.1110/PS.15701       
# 
loop_
_citation_author.citation_id 
_citation_author.name 
_citation_author.ordinal 
_citation_author.identifier_ORCID 
primary 'Rigden, D.J.'    1 ? 
primary 'Mello, L.V.'     2 ? 
primary 'Setlow, P.'      3 ? 
primary 'Jedrzejas, M.J.' 4 ? 
1       'Rigden, D.J.'    5 ? 
1       'Bagyan, I.'      6 ? 
1       'Lamani, E.'      7 ? 
1       'Setlow, P.'      8 ? 
1       'Jedrzejas, M.J.' 9 ? 
# 
_cell.entry_id           1EBB 
_cell.length_a           55.200 
_cell.length_b           55.200 
_cell.length_c           164.430 
_cell.angle_alpha        90.00 
_cell.angle_beta         90.00 
_cell.angle_gamma        90.00 
_cell.Z_PDB              8 
_cell.pdbx_unique_axis   ? 
# 
_symmetry.entry_id                         1EBB 
_symmetry.space_group_name_H-M             'P 41 21 2' 
_symmetry.pdbx_full_space_group_name_H-M   ? 
_symmetry.cell_setting                     ? 
_symmetry.Int_Tables_number                92 
# 
loop_
_entity.id 
_entity.type 
_entity.src_method 
_entity.pdbx_description 
_entity.formula_weight 
_entity.pdbx_number_of_molecules 
_entity.pdbx_ec 
_entity.pdbx_mutation 
_entity.pdbx_fragment 
_entity.details 
1 polymer     man PHOSPHATASE   23062.006 1  ? ? ? ? 
2 non-polymer syn 'SULFATE ION' 96.063    5  ? ? ? ? 
3 non-polymer syn GLYCEROL      92.094    3  ? ? ? ? 
4 water       nat water         18.015    33 ? ? ? ? 
# 
_entity_name_com.entity_id   1 
_entity_name_com.name        YHFR 
# 
_entity_poly.entity_id                      1 
_entity_poly.type                           'polypeptide(L)' 
_entity_poly.nstd_linkage                   no 
_entity_poly.nstd_monomer                   no 
_entity_poly.pdbx_seq_one_letter_code       
;ATTLYLTRHGETKWNVERRMQGWQDSPLTEKGRQDAMRLGKRLEAVELAAIYTSTSGRALETAEIVRGGRLIPIYQDERL
REIHLGDWEGKTHDEIRQMDPIAFDHFWQAPHLYAPQRGERFCDVQQRALEAVQSIVDRHEGETVLIVTHGVVLKTLMAA
FKDTPLDHLWSPPYMYGTSVTIIEVDGGTFHVAVEGDVSHIE
;
_entity_poly.pdbx_seq_one_letter_code_can   
;ATTLYLTRHGETKWNVERRMQGWQDSPLTEKGRQDAMRLGKRLEAVELAAIYTSTSGRALETAEIVRGGRLIPIYQDERL
REIHLGDWEGKTHDEIRQMDPIAFDHFWQAPHLYAPQRGERFCDVQQRALEAVQSIVDRHEGETVLIVTHGVVLKTLMAA
FKDTPLDHLWSPPYMYGTSVTIIEVDGGTFHVAVEGDVSHIE
;
_entity_poly.pdbx_strand_id                 A 
_entity_poly.pdbx_target_identifier         ? 
# 
loop_
_entity_poly_seq.entity_id 
_entity_poly_seq.num 
_entity_poly_seq.mon_id 
_entity_poly_seq.hetero 
1 1   ALA n 
1 2   THR n 
1 3   THR n 
1 4   LEU n 
1 5   TYR n 
1 6   LEU n 
1 7   THR n 
1 8   ARG n 
1 9   HIS n 
1 10  GLY n 
1 11  GLU n 
1 12  THR n 
1 13  LYS n 
1 14  TRP n 
1 15  ASN n 
1 16  VAL n 
1 17  GLU n 
1 18  ARG n 
1 19  ARG n 
1 20  MET n 
1 21  GLN n 
1 22  GLY n 
1 23  TRP n 
1 24  GLN n 
1 25  ASP n 
1 26  SER n 
1 27  PRO n 
1 28  LEU n 
1 29  THR n 
1 30  GLU n 
1 31  LYS n 
1 32  GLY n 
1 33  ARG n 
1 34  GLN n 
1 35  ASP n 
1 36  ALA n 
1 37  MET n 
1 38  ARG n 
1 39  LEU n 
1 40  GLY n 
1 41  LYS n 
1 42  ARG n 
1 43  LEU n 
1 44  GLU n 
1 45  ALA n 
1 46  VAL n 
1 47  GLU n 
1 48  LEU n 
1 49  ALA n 
1 50  ALA n 
1 51  ILE n 
1 52  TYR n 
1 53  THR n 
1 54  SER n 
1 55  THR n 
1 56  SER n 
1 57  GLY n 
1 58  ARG n 
1 59  ALA n 
1 60  LEU n 
1 61  GLU n 
1 62  THR n 
1 63  ALA n 
1 64  GLU n 
1 65  ILE n 
1 66  VAL n 
1 67  ARG n 
1 68  GLY n 
1 69  GLY n 
1 70  ARG n 
1 71  LEU n 
1 72  ILE n 
1 73  PRO n 
1 74  ILE n 
1 75  TYR n 
1 76  GLN n 
1 77  ASP n 
1 78  GLU n 
1 79  ARG n 
1 80  LEU n 
1 81  ARG n 
1 82  GLU n 
1 83  ILE n 
1 84  HIS n 
1 85  LEU n 
1 86  GLY n 
1 87  ASP n 
1 88  TRP n 
1 89  GLU n 
1 90  GLY n 
1 91  LYS n 
1 92  THR n 
1 93  HIS n 
1 94  ASP n 
1 95  GLU n 
1 96  ILE n 
1 97  ARG n 
1 98  GLN n 
1 99  MET n 
1 100 ASP n 
1 101 PRO n 
1 102 ILE n 
1 103 ALA n 
1 104 PHE n 
1 105 ASP n 
1 106 HIS n 
1 107 PHE n 
1 108 TRP n 
1 109 GLN n 
1 110 ALA n 
1 111 PRO n 
1 112 HIS n 
1 113 LEU n 
1 114 TYR n 
1 115 ALA n 
1 116 PRO n 
1 117 GLN n 
1 118 ARG n 
1 119 GLY n 
1 120 GLU n 
1 121 ARG n 
1 122 PHE n 
1 123 CYS n 
1 124 ASP n 
1 125 VAL n 
1 126 GLN n 
1 127 GLN n 
1 128 ARG n 
1 129 ALA n 
1 130 LEU n 
1 131 GLU n 
1 132 ALA n 
1 133 VAL n 
1 134 GLN n 
1 135 SER n 
1 136 ILE n 
1 137 VAL n 
1 138 ASP n 
1 139 ARG n 
1 140 HIS n 
1 141 GLU n 
1 142 GLY n 
1 143 GLU n 
1 144 THR n 
1 145 VAL n 
1 146 LEU n 
1 147 ILE n 
1 148 VAL n 
1 149 THR n 
1 150 HIS n 
1 151 GLY n 
1 152 VAL n 
1 153 VAL n 
1 154 LEU n 
1 155 LYS n 
1 156 THR n 
1 157 LEU n 
1 158 MET n 
1 159 ALA n 
1 160 ALA n 
1 161 PHE n 
1 162 LYS n 
1 163 ASP n 
1 164 THR n 
1 165 PRO n 
1 166 LEU n 
1 167 ASP n 
1 168 HIS n 
1 169 LEU n 
1 170 TRP n 
1 171 SER n 
1 172 PRO n 
1 173 PRO n 
1 174 TYR n 
1 175 MET n 
1 176 TYR n 
1 177 GLY n 
1 178 THR n 
1 179 SER n 
1 180 VAL n 
1 181 THR n 
1 182 ILE n 
1 183 ILE n 
1 184 GLU n 
1 185 VAL n 
1 186 ASP n 
1 187 GLY n 
1 188 GLY n 
1 189 THR n 
1 190 PHE n 
1 191 HIS n 
1 192 VAL n 
1 193 ALA n 
1 194 VAL n 
1 195 GLU n 
1 196 GLY n 
1 197 ASP n 
1 198 VAL n 
1 199 SER n 
1 200 HIS n 
1 201 ILE n 
1 202 GLU n 
# 
_entity_src_gen.entity_id                          1 
_entity_src_gen.pdbx_src_id                        1 
_entity_src_gen.pdbx_alt_source_flag               sample 
_entity_src_gen.pdbx_seq_type                      ? 
_entity_src_gen.pdbx_beg_seq_num                   ? 
_entity_src_gen.pdbx_end_seq_num                   ? 
_entity_src_gen.gene_src_common_name               ? 
_entity_src_gen.gene_src_genus                     ? 
_entity_src_gen.pdbx_gene_src_gene                 ? 
_entity_src_gen.gene_src_species                   ? 
_entity_src_gen.gene_src_strain                    ? 
_entity_src_gen.gene_src_tissue                    ? 
_entity_src_gen.gene_src_tissue_fraction           ? 
_entity_src_gen.gene_src_details                   ? 
_entity_src_gen.pdbx_gene_src_fragment             ? 
_entity_src_gen.pdbx_gene_src_scientific_name      'BACILLUS STEAROTHERMOPHILUS' 
_entity_src_gen.pdbx_gene_src_ncbi_taxonomy_id     1422 
_entity_src_gen.pdbx_gene_src_variant              ? 
_entity_src_gen.pdbx_gene_src_cell_line            ? 
_entity_src_gen.pdbx_gene_src_atcc                 ? 
_entity_src_gen.pdbx_gene_src_organ                ? 
_entity_src_gen.pdbx_gene_src_organelle            ? 
_entity_src_gen.pdbx_gene_src_cell                 ? 
_entity_src_gen.pdbx_gene_src_cellular_location    ? 
_entity_src_gen.host_org_common_name               ? 
_entity_src_gen.pdbx_host_org_scientific_name      'ESCHERICHIA COLI' 
_entity_src_gen.pdbx_host_org_ncbi_taxonomy_id     469008 
_entity_src_gen.host_org_genus                     ? 
_entity_src_gen.pdbx_host_org_gene                 ? 
_entity_src_gen.pdbx_host_org_organ                ? 
_entity_src_gen.host_org_species                   ? 
_entity_src_gen.pdbx_host_org_tissue               ? 
_entity_src_gen.pdbx_host_org_tissue_fraction      ? 
_entity_src_gen.pdbx_host_org_strain               'BL21(DE3)' 
_entity_src_gen.pdbx_host_org_variant              ? 
_entity_src_gen.pdbx_host_org_cell_line            ? 
_entity_src_gen.pdbx_host_org_atcc                 ? 
_entity_src_gen.pdbx_host_org_culture_collection   ? 
_entity_src_gen.pdbx_host_org_cell                 ? 
_entity_src_gen.pdbx_host_org_organelle            ? 
_entity_src_gen.pdbx_host_org_cellular_location    ? 
_entity_src_gen.pdbx_host_org_vector_type          ? 
_entity_src_gen.pdbx_host_org_vector               ? 
_entity_src_gen.host_org_details                   ? 
_entity_src_gen.expression_system_id               ? 
_entity_src_gen.plasmid_name                       PS3297 
_entity_src_gen.plasmid_details                    ? 
_entity_src_gen.pdbx_description                   ? 
# 
loop_
_struct_ref.id 
_struct_ref.db_name 
_struct_ref.db_code 
_struct_ref.entity_id 
_struct_ref.pdbx_seq_one_letter_code 
_struct_ref.pdbx_align_begin 
_struct_ref.pdbx_db_accession 
_struct_ref.pdbx_db_isoform 
1 PDB 1EBB   1 ? ? 1EBB   ? 
2 UNP Q9ALU0 1 ? ? Q9ALU0 ? 
# 
loop_
_struct_ref_seq.align_id 
_struct_ref_seq.ref_id 
_struct_ref_seq.pdbx_PDB_id_code 
_struct_ref_seq.pdbx_strand_id 
_struct_ref_seq.seq_align_beg 
_struct_ref_seq.pdbx_seq_align_beg_ins_code 
_struct_ref_seq.seq_align_end 
_struct_ref_seq.pdbx_seq_align_end_ins_code 
_struct_ref_seq.pdbx_db_accession 
_struct_ref_seq.db_align_beg 
_struct_ref_seq.pdbx_db_align_beg_ins_code 
_struct_ref_seq.db_align_end 
_struct_ref_seq.pdbx_db_align_end_ins_code 
_struct_ref_seq.pdbx_auth_seq_align_beg 
_struct_ref_seq.pdbx_auth_seq_align_end 
1 1 1EBB A 1   ? 6   ? 1EBB   2   ? 7   ? 2   7   
2 2 1EBB A 7   ? 201 ? Q9ALU0 1   ? 195 ? 8   202 
3 1 1EBB A 202 ? 202 ? 1EBB   203 ? 203 ? 203 203 
# 
_struct_ref_seq_dif.align_id                     1 
_struct_ref_seq_dif.pdbx_pdb_id_code             1EBB 
_struct_ref_seq_dif.mon_id                       GLN 
_struct_ref_seq_dif.pdbx_pdb_strand_id           A 
_struct_ref_seq_dif.seq_num                      109 
_struct_ref_seq_dif.pdbx_pdb_ins_code            ? 
_struct_ref_seq_dif.pdbx_seq_db_name             UNP 
_struct_ref_seq_dif.pdbx_seq_db_accession_code   Q9ALU0 
_struct_ref_seq_dif.db_mon_id                    ASN 
_struct_ref_seq_dif.pdbx_seq_db_seq_num          103 
_struct_ref_seq_dif.details                      conflict 
_struct_ref_seq_dif.pdbx_auth_seq_num            110 
_struct_ref_seq_dif.pdbx_ordinal                 1 
# 
loop_
_chem_comp.id 
_chem_comp.type 
_chem_comp.mon_nstd_flag 
_chem_comp.name 
_chem_comp.pdbx_synonyms 
_chem_comp.formula 
_chem_comp.formula_weight 
ALA 'L-peptide linking' y ALANINE         ?                               'C3 H7 N O2'     89.093  
ARG 'L-peptide linking' y ARGININE        ?                               'C6 H15 N4 O2 1' 175.209 
ASN 'L-peptide linking' y ASPARAGINE      ?                               'C4 H8 N2 O3'    132.118 
ASP 'L-peptide linking' y 'ASPARTIC ACID' ?                               'C4 H7 N O4'     133.103 
CYS 'L-peptide linking' y CYSTEINE        ?                               'C3 H7 N O2 S'   121.158 
GLN 'L-peptide linking' y GLUTAMINE       ?                               'C5 H10 N2 O3'   146.144 
GLU 'L-peptide linking' y 'GLUTAMIC ACID' ?                               'C5 H9 N O4'     147.129 
GLY 'peptide linking'   y GLYCINE         ?                               'C2 H5 N O2'     75.067  
GOL non-polymer         . GLYCEROL        'GLYCERIN; PROPANE-1,2,3-TRIOL' 'C3 H8 O3'       92.094  
HIS 'L-peptide linking' y HISTIDINE       ?                               'C6 H10 N3 O2 1' 156.162 
HOH non-polymer         . WATER           ?                               'H2 O'           18.015  
ILE 'L-peptide linking' y ISOLEUCINE      ?                               'C6 H13 N O2'    131.173 
LEU 'L-peptide linking' y LEUCINE         ?                               'C6 H13 N O2'    131.173 
LYS 'L-peptide linking' y LYSINE          ?                               'C6 H15 N2 O2 1' 147.195 
MET 'L-peptide linking' y METHIONINE      ?                               'C5 H11 N O2 S'  149.211 
PHE 'L-peptide linking' y PHENYLALANINE   ?                               'C9 H11 N O2'    165.189 
PRO 'L-peptide linking' y PROLINE         ?                               'C5 H9 N O2'     115.130 
SER 'L-peptide linking' y SERINE          ?                               'C3 H7 N O3'     105.093 
SO4 non-polymer         . 'SULFATE ION'   ?                               'O4 S -2'        96.063  
THR 'L-peptide linking' y THREONINE       ?                               'C4 H9 N O3'     119.119 
TRP 'L-peptide linking' y TRYPTOPHAN      ?                               'C11 H12 N2 O2'  204.225 
TYR 'L-peptide linking' y TYROSINE        ?                               'C9 H11 N O3'    181.189 
VAL 'L-peptide linking' y VALINE          ?                               'C5 H11 N O2'    117.146 
# 
_exptl.entry_id          1EBB 
_exptl.method            'X-RAY DIFFRACTION' 
_exptl.crystals_number   1 
# 
_exptl_crystal.id                    1 
_exptl_crystal.density_meas          ? 
_exptl_crystal.density_Matthews      2.72 
_exptl_crystal.density_percent_sol   54 
_exptl_crystal.description           ? 
# 
_exptl_crystal_grow.crystal_id      1 
_exptl_crystal_grow.method          ? 
_exptl_crystal_grow.temp            ? 
_exptl_crystal_grow.temp_details    ? 
_exptl_crystal_grow.pH              8.00 
_exptl_crystal_grow.pdbx_pH_range   ? 
_exptl_crystal_grow.pdbx_details    '45 % POLYETHYLENE GLYCOL 4,000, 120 MM LITHIUM SULFATE, 20 MM TRIS.HCL BUFFER, PH 8.0' 
# 
_diffrn.id                     1 
_diffrn.ambient_temp           100.0 
_diffrn.ambient_temp_details   ? 
_diffrn.crystal_id             1 
# 
_diffrn_detector.diffrn_id              1 
_diffrn_detector.detector               CCD 
_diffrn_detector.type                   OXFORD 
_diffrn_detector.pdbx_collection_date   2001-01-15 
_diffrn_detector.details                ? 
# 
_diffrn_radiation.diffrn_id                        1 
_diffrn_radiation.wavelength_id                    1 
_diffrn_radiation.pdbx_monochromatic_or_laue_m_l   M 
_diffrn_radiation.monochromator                    ? 
_diffrn_radiation.pdbx_diffrn_protocol             'SINGLE WAVELENGTH' 
_diffrn_radiation.pdbx_scattering_type             x-ray 
# 
_diffrn_radiation_wavelength.id           1 
_diffrn_radiation_wavelength.wavelength   1.1 
_diffrn_radiation_wavelength.wt           1.0 
# 
_diffrn_source.diffrn_id                   1 
_diffrn_source.source                      SYNCHROTRON 
_diffrn_source.type                        'APS BEAMLINE 19-BM' 
_diffrn_source.pdbx_synchrotron_site       APS 
_diffrn_source.pdbx_synchrotron_beamline   19-BM 
_diffrn_source.pdbx_wavelength             1.1 
_diffrn_source.pdbx_wavelength_list        ? 
# 
_reflns.pdbx_diffrn_id               1 
_reflns.pdbx_ordinal                 1 
_reflns.entry_id                     1EBB 
_reflns.observed_criterion_sigma_I   ? 
_reflns.observed_criterion_sigma_F   ? 
_reflns.d_resolution_low             45.830 
_reflns.d_resolution_high            2.300 
_reflns.number_obs                   11896 
_reflns.number_all                   ? 
_reflns.percent_possible_obs         99.5 
_reflns.pdbx_Rmerge_I_obs            0.10900 
_reflns.pdbx_Rsym_value              ? 
_reflns.pdbx_netI_over_sigmaI        19.5000 
_reflns.B_iso_Wilson_estimate        33.2 
_reflns.pdbx_redundancy              12.200 
# 
_reflns_shell.pdbx_diffrn_id         1 
_reflns_shell.pdbx_ordinal           1 
_reflns_shell.d_res_high             2.30 
_reflns_shell.d_res_low              2.40 
_reflns_shell.percent_possible_all   98.8 
_reflns_shell.Rmerge_I_obs           0.70600 
_reflns_shell.pdbx_Rsym_value        ? 
_reflns_shell.meanI_over_sigI_obs    1.300 
_reflns_shell.pdbx_redundancy        11.30 
# 
_refine.pdbx_refine_id                           'X-RAY DIFFRACTION' 
_refine.entry_id                                 1EBB 
_refine.pdbx_diffrn_id                           1 
_refine.pdbx_TLS_residual_ADP_flag               ? 
_refine.ls_number_reflns_obs                     11896 
_refine.ls_number_reflns_all                     ? 
_refine.pdbx_ls_sigma_I                          ? 
_refine.pdbx_ls_sigma_F                          0.0 
_refine.pdbx_data_cutoff_high_absF               1587969.35 
_refine.pdbx_data_cutoff_low_absF                ? 
_refine.pdbx_data_cutoff_high_rms_absF           ? 
_refine.ls_d_res_low                             45.83 
_refine.ls_d_res_high                            2.3 
_refine.ls_percent_reflns_obs                    99.1 
_refine.ls_R_factor_obs                          0.230 
_refine.ls_R_factor_all                          ? 
_refine.ls_R_factor_R_work                       0.230 
_refine.ls_R_factor_R_free                       0.263 
_refine.ls_R_factor_R_free_error                 0.011 
_refine.ls_R_factor_R_free_error_details         ? 
_refine.ls_percent_reflns_R_free                 5.0 
_refine.ls_number_reflns_R_free                  599 
_refine.ls_number_parameters                     ? 
_refine.ls_number_restraints                     ? 
_refine.occupancy_min                            ? 
_refine.occupancy_max                            ? 
_refine.correlation_coeff_Fo_to_Fc               ? 
_refine.correlation_coeff_Fo_to_Fc_free          ? 
_refine.B_iso_mean                               54.0 
_refine.aniso_B[1][1]                            9.05 
_refine.aniso_B[2][2]                            12.53 
_refine.aniso_B[3][3]                            -21.58 
_refine.aniso_B[1][2]                            0 
_refine.aniso_B[1][3]                            0 
_refine.aniso_B[2][3]                            0 
_refine.solvent_model_details                    'FLAT MODEL' 
_refine.solvent_model_param_ksol                 0.365671 
_refine.solvent_model_param_bsol                 43.5009 
_refine.pdbx_solvent_vdw_probe_radii             ? 
_refine.pdbx_solvent_ion_probe_radii             ? 
_refine.pdbx_solvent_shrinkage_radii             ? 
_refine.pdbx_ls_cross_valid_method               THROUGHOUT 
_refine.details                                  ? 
_refine.pdbx_starting_model                      'PDB ENTRIES 1TIP, 5PGM +HOMOLOGY MODEL' 
_refine.pdbx_method_to_determine_struct          'MOLECULAR REPLACEMENT' 
_refine.pdbx_isotropic_thermal_model             RESTRAINED 
_refine.pdbx_stereochemistry_target_values       MLF 
_refine.pdbx_stereochem_target_val_spec_case     ? 
_refine.pdbx_R_Free_selection_details            RANDOM 
_refine.pdbx_overall_ESU_R                       ? 
_refine.pdbx_overall_ESU_R_Free                  ? 
_refine.overall_SU_ML                            ? 
_refine.pdbx_overall_phase_error                 ? 
_refine.overall_SU_B                             ? 
_refine.overall_SU_R_Cruickshank_DPI             ? 
_refine.pdbx_overall_SU_R_free_Cruickshank_DPI   ? 
_refine.pdbx_overall_SU_R_Blow_DPI               ? 
_refine.pdbx_overall_SU_R_free_Blow_DPI          ? 
# 
_refine_analyze.pdbx_refine_id                  'X-RAY DIFFRACTION' 
_refine_analyze.entry_id                        1EBB 
_refine_analyze.Luzzati_coordinate_error_obs    0.31 
_refine_analyze.Luzzati_sigma_a_obs             0.40 
_refine_analyze.Luzzati_d_res_low_obs           5.00 
_refine_analyze.Luzzati_coordinate_error_free   0.36 
_refine_analyze.Luzzati_sigma_a_free            0.36 
_refine_analyze.Luzzati_d_res_low_free          ? 
_refine_analyze.number_disordered_residues      ? 
_refine_analyze.occupancy_sum_hydrogen          ? 
_refine_analyze.occupancy_sum_non_hydrogen      ? 
# 
_refine_hist.pdbx_refine_id                   'X-RAY DIFFRACTION' 
_refine_hist.cycle_id                         LAST 
_refine_hist.pdbx_number_atoms_protein        1623 
_refine_hist.pdbx_number_atoms_nucleic_acid   0 
_refine_hist.pdbx_number_atoms_ligand         43 
_refine_hist.number_atoms_solvent             33 
_refine_hist.number_atoms_total               1699 
_refine_hist.d_res_high                       2.3 
_refine_hist.d_res_low                        45.83 
# 
loop_
_refine_ls_restr.type 
_refine_ls_restr.dev_ideal 
_refine_ls_restr.dev_ideal_target 
_refine_ls_restr.weight 
_refine_ls_restr.number 
_refine_ls_restr.pdbx_refine_id 
_refine_ls_restr.pdbx_restraint_function 
c_bond_d                0.006 ?    ? ? 'X-RAY DIFFRACTION' ? 
c_bond_d_na             ?     ?    ? ? 'X-RAY DIFFRACTION' ? 
c_bond_d_prot           ?     ?    ? ? 'X-RAY DIFFRACTION' ? 
c_angle_d               ?     ?    ? ? 'X-RAY DIFFRACTION' ? 
c_angle_d_na            ?     ?    ? ? 'X-RAY DIFFRACTION' ? 
c_angle_d_prot          ?     ?    ? ? 'X-RAY DIFFRACTION' ? 
c_angle_deg             1.3   ?    ? ? 'X-RAY DIFFRACTION' ? 
c_angle_deg_na          ?     ?    ? ? 'X-RAY DIFFRACTION' ? 
c_angle_deg_prot        ?     ?    ? ? 'X-RAY DIFFRACTION' ? 
c_dihedral_angle_d      22.4  ?    ? ? 'X-RAY DIFFRACTION' ? 
c_dihedral_angle_d_na   ?     ?    ? ? 'X-RAY DIFFRACTION' ? 
c_dihedral_angle_d_prot ?     ?    ? ? 'X-RAY DIFFRACTION' ? 
c_improper_angle_d      0.80  ?    ? ? 'X-RAY DIFFRACTION' ? 
c_improper_angle_d_na   ?     ?    ? ? 'X-RAY DIFFRACTION' ? 
c_improper_angle_d_prot ?     ?    ? ? 'X-RAY DIFFRACTION' ? 
c_mcbond_it             2.07  1.50 ? ? 'X-RAY DIFFRACTION' ? 
c_mcangle_it            3.21  2.00 ? ? 'X-RAY DIFFRACTION' ? 
c_scbond_it             3.58  2.00 ? ? 'X-RAY DIFFRACTION' ? 
c_scangle_it            5.20  2.50 ? ? 'X-RAY DIFFRACTION' ? 
# 
_refine_ls_shell.pdbx_refine_id                   'X-RAY DIFFRACTION' 
_refine_ls_shell.pdbx_total_number_of_bins_used   8 
_refine_ls_shell.d_res_high                       2.30 
_refine_ls_shell.d_res_low                        2.40 
_refine_ls_shell.number_reflns_R_work             1306 
_refine_ls_shell.R_factor_R_work                  0.337 
_refine_ls_shell.percent_reflns_obs               96.7 
_refine_ls_shell.R_factor_R_free                  0.369 
_refine_ls_shell.R_factor_R_free_error            0.041 
_refine_ls_shell.percent_reflns_R_free            5.8 
_refine_ls_shell.number_reflns_R_free             80 
_refine_ls_shell.number_reflns_all                ? 
_refine_ls_shell.R_factor_all                     ? 
# 
loop_
_pdbx_xplor_file.pdbx_refine_id 
_pdbx_xplor_file.serial_no 
_pdbx_xplor_file.param_file 
_pdbx_xplor_file.topol_file 
'X-RAY DIFFRACTION' 1 PROTEIN_REP.PARAM PROTEIN.TOP       
'X-RAY DIFFRACTION' 2 WATER_REP.PARAM   WATER.TOP         
'X-RAY DIFFRACTION' 3 ION.PARAM         ION.TOP           
'X-RAY DIFFRACTION' 4 GOL_XPLOR_PAR.TXT GOL_XPLOR_TOP.TXT 
# 
_struct.entry_id                  1EBB 
_struct.title                     'Bacillus stearothermophilus YhfR' 
_struct.pdbx_model_details        ? 
_struct.pdbx_CASP_flag            ? 
_struct.pdbx_model_type_details   ? 
# 
_struct_keywords.entry_id        1EBB 
_struct_keywords.pdbx_keywords   HYDROLASE 
_struct_keywords.text            'HYDROLASE, BROAD SPECIFICITY PHOSPHATASE; DPGM HOMOLOG' 
# 
loop_
_struct_asym.id 
_struct_asym.pdbx_blank_PDB_chainid_flag 
_struct_asym.pdbx_modified 
_struct_asym.entity_id 
_struct_asym.details 
A N N 1 ? 
B N N 2 ? 
C N N 2 ? 
D N N 2 ? 
E N N 2 ? 
F N N 2 ? 
G N N 3 ? 
H N N 3 ? 
I N N 3 ? 
J N N 4 ? 
# 
_struct_biol.id   1 
# 
loop_
_struct_conf.conf_type_id 
_struct_conf.id 
_struct_conf.pdbx_PDB_helix_id 
_struct_conf.beg_label_comp_id 
_struct_conf.beg_label_asym_id 
_struct_conf.beg_label_seq_id 
_struct_conf.pdbx_beg_PDB_ins_code 
_struct_conf.end_label_comp_id 
_struct_conf.end_label_asym_id 
_struct_conf.end_label_seq_id 
_struct_conf.pdbx_end_PDB_ins_code 
_struct_conf.beg_auth_comp_id 
_struct_conf.beg_auth_asym_id 
_struct_conf.beg_auth_seq_id 
_struct_conf.end_auth_comp_id 
_struct_conf.end_auth_asym_id 
_struct_conf.end_auth_seq_id 
_struct_conf.pdbx_PDB_helix_class 
_struct_conf.details 
_struct_conf.pdbx_PDB_helix_length 
HELX_P HELX_P1  1  THR A 12  ? GLU A 17  ? THR A 13  GLU A 18  1 ? 6  
HELX_P HELX_P2  2  THR A 29  ? LEU A 43  ? THR A 30  LEU A 44  1 ? 15 
HELX_P HELX_P3  3  SER A 56  ? GLY A 68  ? SER A 57  GLY A 69  1 ? 13 
HELX_P HELX_P4  4  GLU A 78  ? ARG A 81  ? GLU A 79  ARG A 82  5 ? 4  
HELX_P HELX_P5  5  LEU A 85  ? GLU A 89  ? LEU A 86  GLU A 90  5 ? 5  
HELX_P HELX_P6  6  THR A 92  ? GLN A 98  ? THR A 93  GLN A 99  1 ? 7  
HELX_P HELX_P7  7  ASP A 100 ? ALA A 110 ? ASP A 101 ALA A 111 1 ? 11 
HELX_P HELX_P8  8  PRO A 111 ? TYR A 114 ? PRO A 112 TYR A 115 5 ? 4  
HELX_P HELX_P9  9  ARG A 121 ? ARG A 139 ? ARG A 122 ARG A 140 1 ? 19 
HELX_P HELX_P10 10 HIS A 150 ? ASP A 163 ? HIS A 151 ASP A 164 1 ? 14 
HELX_P HELX_P11 11 PRO A 165 ? LEU A 169 ? PRO A 166 LEU A 170 5 ? 5  
# 
_struct_conf_type.id          HELX_P 
_struct_conf_type.criteria    ? 
_struct_conf_type.reference   ? 
# 
_struct_mon_prot_cis.pdbx_id                1 
_struct_mon_prot_cis.label_comp_id          PRO 
_struct_mon_prot_cis.label_seq_id           172 
_struct_mon_prot_cis.label_asym_id          A 
_struct_mon_prot_cis.label_alt_id           . 
_struct_mon_prot_cis.pdbx_PDB_ins_code      ? 
_struct_mon_prot_cis.auth_comp_id           PRO 
_struct_mon_prot_cis.auth_seq_id            173 
_struct_mon_prot_cis.auth_asym_id           A 
_struct_mon_prot_cis.pdbx_label_comp_id_2   PRO 
_struct_mon_prot_cis.pdbx_label_seq_id_2    173 
_struct_mon_prot_cis.pdbx_label_asym_id_2   A 
_struct_mon_prot_cis.pdbx_PDB_ins_code_2    ? 
_struct_mon_prot_cis.pdbx_auth_comp_id_2    PRO 
_struct_mon_prot_cis.pdbx_auth_seq_id_2     174 
_struct_mon_prot_cis.pdbx_auth_asym_id_2    A 
_struct_mon_prot_cis.pdbx_PDB_model_num     1 
_struct_mon_prot_cis.pdbx_omega_angle       0.90 
# 
_struct_sheet.id               AA 
_struct_sheet.type             ? 
_struct_sheet.number_strands   6 
_struct_sheet.details          ? 
# 
loop_
_struct_sheet_order.sheet_id 
_struct_sheet_order.range_id_1 
_struct_sheet_order.range_id_2 
_struct_sheet_order.offset 
_struct_sheet_order.sense 
AA 1 2 ? parallel      
AA 2 3 ? parallel      
AA 3 4 ? parallel      
AA 4 5 ? anti-parallel 
AA 5 6 ? anti-parallel 
# 
loop_
_struct_sheet_range.sheet_id 
_struct_sheet_range.id 
_struct_sheet_range.beg_label_comp_id 
_struct_sheet_range.beg_label_asym_id 
_struct_sheet_range.beg_label_seq_id 
_struct_sheet_range.pdbx_beg_PDB_ins_code 
_struct_sheet_range.end_label_comp_id 
_struct_sheet_range.end_label_asym_id 
_struct_sheet_range.end_label_seq_id 
_struct_sheet_range.pdbx_end_PDB_ins_code 
_struct_sheet_range.beg_auth_comp_id 
_struct_sheet_range.beg_auth_asym_id 
_struct_sheet_range.beg_auth_seq_id 
_struct_sheet_range.end_auth_comp_id 
_struct_sheet_range.end_auth_asym_id 
_struct_sheet_range.end_auth_seq_id 
AA 1 ILE A 74  ? GLN A 76  ? ILE A 75  GLN A 77  
AA 2 ALA A 50  ? THR A 53  ? ALA A 51  THR A 54  
AA 3 THR A 144 ? THR A 149 ? THR A 145 THR A 150 
AA 4 THR A 2   ? ARG A 8   ? THR A 3   ARG A 9   
AA 5 VAL A 180 ? ASP A 186 ? VAL A 181 ASP A 187 
AA 6 THR A 189 ? ASP A 197 ? THR A 190 ASP A 198 
# 
loop_
_pdbx_struct_sheet_hbond.sheet_id 
_pdbx_struct_sheet_hbond.range_id_1 
_pdbx_struct_sheet_hbond.range_id_2 
_pdbx_struct_sheet_hbond.range_1_label_atom_id 
_pdbx_struct_sheet_hbond.range_1_label_comp_id 
_pdbx_struct_sheet_hbond.range_1_label_asym_id 
_pdbx_struct_sheet_hbond.range_1_label_seq_id 
_pdbx_struct_sheet_hbond.range_1_PDB_ins_code 
_pdbx_struct_sheet_hbond.range_1_auth_atom_id 
_pdbx_struct_sheet_hbond.range_1_auth_comp_id 
_pdbx_struct_sheet_hbond.range_1_auth_asym_id 
_pdbx_struct_sheet_hbond.range_1_auth_seq_id 
_pdbx_struct_sheet_hbond.range_2_label_atom_id 
_pdbx_struct_sheet_hbond.range_2_label_comp_id 
_pdbx_struct_sheet_hbond.range_2_label_asym_id 
_pdbx_struct_sheet_hbond.range_2_label_seq_id 
_pdbx_struct_sheet_hbond.range_2_PDB_ins_code 
_pdbx_struct_sheet_hbond.range_2_auth_atom_id 
_pdbx_struct_sheet_hbond.range_2_auth_comp_id 
_pdbx_struct_sheet_hbond.range_2_auth_asym_id 
_pdbx_struct_sheet_hbond.range_2_auth_seq_id 
AA 1 2 N TYR A 75  ? N TYR A 76  O ILE A 51  ? O ILE A 52  
AA 2 3 N TYR A 52  ? N TYR A 53  O LEU A 146 ? O LEU A 147 
AA 3 4 N VAL A 145 ? N VAL A 146 O THR A 3   ? O THR A 4   
AA 4 5 N LEU A 6   ? N LEU A 7   O THR A 181 ? O THR A 182 
AA 5 6 N ASP A 186 ? N ASP A 187 O THR A 189 ? O THR A 190 
# 
loop_
_struct_site.id 
_struct_site.pdbx_evidence_code 
_struct_site.pdbx_auth_asym_id 
_struct_site.pdbx_auth_comp_id 
_struct_site.pdbx_auth_seq_id 
_struct_site.pdbx_auth_ins_code 
_struct_site.pdbx_num_residues 
_struct_site.details 
AC1 Software A SO4 300 ? 7 'BINDING SITE FOR RESIDUE SO4 A 300' 
AC2 Software A SO4 301 ? 5 'BINDING SITE FOR RESIDUE SO4 A 301' 
AC3 Software A SO4 302 ? 5 'BINDING SITE FOR RESIDUE SO4 A 302' 
AC4 Software A SO4 303 ? 3 'BINDING SITE FOR RESIDUE SO4 A 303' 
AC5 Software A SO4 304 ? 6 'BINDING SITE FOR RESIDUE SO4 A 304' 
AC6 Software A GOL 400 ? 7 'BINDING SITE FOR RESIDUE GOL A 400' 
AC7 Software A GOL 401 ? 7 'BINDING SITE FOR RESIDUE GOL A 401' 
AC8 Software A GOL 402 ? 6 'BINDING SITE FOR RESIDUE GOL A 402' 
# 
loop_
_struct_site_gen.id 
_struct_site_gen.site_id 
_struct_site_gen.pdbx_num_res 
_struct_site_gen.label_comp_id 
_struct_site_gen.label_asym_id 
_struct_site_gen.label_seq_id 
_struct_site_gen.pdbx_auth_ins_code 
_struct_site_gen.auth_comp_id 
_struct_site_gen.auth_asym_id 
_struct_site_gen.auth_seq_id 
_struct_site_gen.label_atom_id 
_struct_site_gen.label_alt_id 
_struct_site_gen.symmetry 
_struct_site_gen.details 
1  AC1 7 ARG A 33  ? ARG A 34   . ? 3_535 ? 
2  AC1 7 MET A 99  ? MET A 100  . ? 1_555 ? 
3  AC1 7 ASP A 100 ? ASP A 101  . ? 1_555 ? 
4  AC1 7 PRO A 101 ? PRO A 102  . ? 1_555 ? 
5  AC1 7 ILE A 102 ? ILE A 103  . ? 1_555 ? 
6  AC1 7 ALA A 103 ? ALA A 104  . ? 1_555 ? 
7  AC1 7 HOH J .   ? HOH A 2033 . ? 1_555 ? 
8  AC2 5 ALA A 1   ? ALA A 2    . ? 1_555 ? 
9  AC2 5 TRP A 23  ? TRP A 24   . ? 6_534 ? 
10 AC2 5 ARG A 81  ? ARG A 82   . ? 6_534 ? 
11 AC2 5 GLY A 142 ? GLY A 143  . ? 1_555 ? 
12 AC2 5 SO4 D .   ? SO4 A 302  . ? 1_555 ? 
13 AC3 5 THR A 2   ? THR A 3    . ? 1_555 ? 
14 AC3 5 THR A 3   ? THR A 4    . ? 1_555 ? 
15 AC3 5 GLY A 142 ? GLY A 143  . ? 1_555 ? 
16 AC3 5 GLU A 143 ? GLU A 144  . ? 1_555 ? 
17 AC3 5 SO4 C .   ? SO4 A 301  . ? 1_555 ? 
18 AC4 3 TYR A 5   ? TYR A 6    . ? 1_555 ? 
19 AC4 3 ARG A 42  ? ARG A 43   . ? 1_555 ? 
20 AC4 3 VAL A 46  ? VAL A 47   . ? 1_555 ? 
21 AC5 6 ASP A 87  ? ASP A 88   . ? 1_555 ? 
22 AC5 6 PRO A 116 ? PRO A 117  . ? 1_555 ? 
23 AC5 6 GLN A 117 ? GLN A 118  . ? 1_555 ? 
24 AC5 6 ARG A 118 ? ARG A 119  . ? 1_555 ? 
25 AC5 6 GLY A 119 ? GLY A 120  . ? 1_555 ? 
26 AC5 6 HOH J .   ? HOH A 2018 . ? 1_555 ? 
27 AC6 7 ARG A 8   ? ARG A 9    . ? 1_555 ? 
28 AC6 7 HIS A 9   ? HIS A 10   . ? 1_555 ? 
29 AC6 7 ASN A 15  ? ASN A 16   . ? 1_555 ? 
30 AC6 7 GLN A 21  ? GLN A 22   . ? 1_555 ? 
31 AC6 7 ARG A 58  ? ARG A 59   . ? 1_555 ? 
32 AC6 7 GLU A 82  ? GLU A 83   . ? 1_555 ? 
33 AC6 7 GOL I .   ? GOL A 402  . ? 1_555 ? 
34 AC7 7 GLN A 126 ? GLN A 127  . ? 7_735 ? 
35 AC7 7 ALA A 159 ? ALA A 160  . ? 7_735 ? 
36 AC7 7 THR A 164 ? THR A 165  . ? 7_735 ? 
37 AC7 7 PRO A 165 ? PRO A 166  . ? 1_555 ? 
38 AC7 7 LEU A 166 ? LEU A 167  . ? 7_735 ? 
39 AC7 7 LEU A 166 ? LEU A 167  . ? 1_555 ? 
40 AC7 7 ASP A 167 ? ASP A 168  . ? 1_555 ? 
41 AC8 6 ARG A 19  ? ARG A 20   . ? 1_555 ? 
42 AC8 6 MET A 20  ? MET A 21   . ? 1_555 ? 
43 AC8 6 GLN A 21  ? GLN A 22   . ? 1_555 ? 
44 AC8 6 GLY A 22  ? GLY A 23   . ? 1_555 ? 
45 AC8 6 GLU A 82  ? GLU A 83   . ? 1_555 ? 
46 AC8 6 GOL G .   ? GOL A 400  . ? 1_555 ? 
# 
_atom_sites.entry_id                    1EBB 
_atom_sites.fract_transf_matrix[1][1]   -0.01660051 
_atom_sites.fract_transf_matrix[1][2]   0.00442547 
_atom_sites.fract_transf_matrix[1][3]   0.00574697 
_atom_sites.fract_transf_matrix[2][1]   0.00196980 
_atom_sites.fract_transf_matrix[2][2]   -0.01106354 
_atom_sites.fract_transf_matrix[2][3]   0.01420941 
_atom_sites.fract_transf_matrix[3][1]   0.00234365 
_atom_sites.fract_transf_matrix[3][2]   0.00458118 
_atom_sites.fract_transf_matrix[3][3]   0.00324204 
_atom_sites.fract_transf_vector[1]      1.147763 
_atom_sites.fract_transf_vector[2]      -0.562213 
_atom_sites.fract_transf_vector[3]      -0.085602 
# 
loop_
_atom_type.symbol 
C 
N 
O 
S 
# 
loop_
_atom_site.group_PDB 
_atom_site.id 
_atom_site.type_symbol 
_atom_site.label_atom_id 
_atom_site.label_alt_id 
_atom_site.label_comp_id 
_atom_site.label_asym_id 
_atom_site.label_entity_id 
_atom_site.label_seq_id 
_atom_site.pdbx_PDB_ins_code 
_atom_site.Cartn_x 
_atom_site.Cartn_y 
_atom_site.Cartn_z 
_atom_site.occupancy 
_atom_site.B_iso_or_equiv 
_atom_site.pdbx_formal_charge 
_atom_site.auth_seq_id 
_atom_site.auth_comp_id 
_atom_site.auth_asym_id 
_atom_site.auth_atom_id 
_atom_site.pdbx_PDB_model_num 
ATOM   1    N N   . ALA A 1 1   ? -22.204 0.982   -4.257  1.00 66.05  ? 2    ALA A N   1 
ATOM   2    C CA  . ALA A 1 1   ? -21.962 -0.268  -3.483  1.00 58.60  ? 2    ALA A CA  1 
ATOM   3    C C   . ALA A 1 1   ? -20.805 -1.057  -4.075  1.00 55.15  ? 2    ALA A C   1 
ATOM   4    O O   . ALA A 1 1   ? -20.956 -1.744  -5.083  1.00 52.61  ? 2    ALA A O   1 
ATOM   5    C CB  . ALA A 1 1   ? -23.208 -1.106  -3.474  1.00 60.21  ? 2    ALA A CB  1 
ATOM   6    N N   . THR A 1 2   ? -19.645 -0.948  -3.437  1.00 50.56  ? 3    THR A N   1 
ATOM   7    C CA  . THR A 1 2   ? -18.448 -1.646  -3.885  1.00 48.56  ? 3    THR A CA  1 
ATOM   8    C C   . THR A 1 2   ? -17.686 -2.129  -2.657  1.00 45.95  ? 3    THR A C   1 
ATOM   9    O O   . THR A 1 2   ? -17.714 -1.476  -1.621  1.00 44.84  ? 3    THR A O   1 
ATOM   10   C CB  . THR A 1 2   ? -17.522 -0.700  -4.702  1.00 48.12  ? 3    THR A CB  1 
ATOM   11   O OG1 . THR A 1 2   ? -18.235 -0.181  -5.829  1.00 51.53  ? 3    THR A OG1 1 
ATOM   12   C CG2 . THR A 1 2   ? -16.299 -1.445  -5.204  1.00 50.85  ? 3    THR A CG2 1 
ATOM   13   N N   . THR A 1 3   ? -17.018 -3.273  -2.771  1.00 45.79  ? 4    THR A N   1 
ATOM   14   C CA  . THR A 1 3   ? -16.230 -3.810  -1.661  1.00 46.60  ? 4    THR A CA  1 
ATOM   15   C C   . THR A 1 3   ? -14.772 -3.799  -2.076  1.00 44.92  ? 4    THR A C   1 
ATOM   16   O O   . THR A 1 3   ? -14.412 -4.396  -3.086  1.00 47.18  ? 4    THR A O   1 
ATOM   17   C CB  . THR A 1 3   ? -16.640 -5.252  -1.307  1.00 47.59  ? 4    THR A CB  1 
ATOM   18   O OG1 . THR A 1 3   ? -17.987 -5.252  -0.831  1.00 49.54  ? 4    THR A OG1 1 
ATOM   19   C CG2 . THR A 1 3   ? -15.739 -5.821  -0.219  1.00 47.34  ? 4    THR A CG2 1 
ATOM   20   N N   . LEU A 1 4   ? -13.937 -3.109  -1.305  1.00 42.60  ? 5    LEU A N   1 
ATOM   21   C CA  . LEU A 1 4   ? -12.518 -3.012  -1.626  1.00 42.84  ? 5    LEU A CA  1 
ATOM   22   C C   . LEU A 1 4   ? -11.609 -3.796  -0.696  1.00 41.59  ? 5    LEU A C   1 
ATOM   23   O O   . LEU A 1 4   ? -11.579 -3.535  0.504   1.00 38.67  ? 5    LEU A O   1 
ATOM   24   C CB  . LEU A 1 4   ? -12.055 -1.550  -1.587  1.00 38.17  ? 5    LEU A CB  1 
ATOM   25   C CG  . LEU A 1 4   ? -12.752 -0.516  -2.477  1.00 43.20  ? 5    LEU A CG  1 
ATOM   26   C CD1 . LEU A 1 4   ? -12.255 0.871   -2.095  1.00 42.51  ? 5    LEU A CD1 1 
ATOM   27   C CD2 . LEU A 1 4   ? -12.481 -0.795  -3.947  1.00 40.71  ? 5    LEU A CD2 1 
ATOM   28   N N   . TYR A 1 5   ? -10.874 -4.757  -1.247  1.00 40.00  ? 6    TYR A N   1 
ATOM   29   C CA  . TYR A 1 5   ? -9.909  -5.502  -0.452  1.00 40.98  ? 6    TYR A CA  1 
ATOM   30   C C   . TYR A 1 5   ? -8.579  -4.755  -0.631  1.00 41.57  ? 6    TYR A C   1 
ATOM   31   O O   . TYR A 1 5   ? -8.136  -4.527  -1.757  1.00 41.77  ? 6    TYR A O   1 
ATOM   32   C CB  . TYR A 1 5   ? -9.791  -6.950  -0.942  1.00 42.67  ? 6    TYR A CB  1 
ATOM   33   C CG  . TYR A 1 5   ? -10.810 -7.882  -0.319  1.00 47.57  ? 6    TYR A CG  1 
ATOM   34   C CD1 . TYR A 1 5   ? -12.147 -7.841  -0.702  1.00 46.18  ? 6    TYR A CD1 1 
ATOM   35   C CD2 . TYR A 1 5   ? -10.449 -8.753  0.711   1.00 49.51  ? 6    TYR A CD2 1 
ATOM   36   C CE1 . TYR A 1 5   ? -13.100 -8.630  -0.074  1.00 45.91  ? 6    TYR A CE1 1 
ATOM   37   C CE2 . TYR A 1 5   ? -11.401 -9.547  1.348   1.00 46.82  ? 6    TYR A CE2 1 
ATOM   38   C CZ  . TYR A 1 5   ? -12.724 -9.475  0.951   1.00 48.26  ? 6    TYR A CZ  1 
ATOM   39   O OH  . TYR A 1 5   ? -13.684 -10.218 1.600   1.00 53.54  ? 6    TYR A OH  1 
ATOM   40   N N   . LEU A 1 6   ? -7.959  -4.351  0.475   1.00 42.06  ? 7    LEU A N   1 
ATOM   41   C CA  . LEU A 1 6   ? -6.699  -3.606  0.420   1.00 45.19  ? 7    LEU A CA  1 
ATOM   42   C C   . LEU A 1 6   ? -5.549  -4.320  1.116   1.00 47.32  ? 7    LEU A C   1 
ATOM   43   O O   . LEU A 1 6   ? -5.717  -4.934  2.175   1.00 47.17  ? 7    LEU A O   1 
ATOM   44   C CB  . LEU A 1 6   ? -6.843  -2.219  1.066   1.00 49.90  ? 7    LEU A CB  1 
ATOM   45   C CG  . LEU A 1 6   ? -7.667  -1.104  0.415   1.00 55.55  ? 7    LEU A CG  1 
ATOM   46   C CD1 . LEU A 1 6   ? -7.500  0.176   1.226   1.00 56.32  ? 7    LEU A CD1 1 
ATOM   47   C CD2 . LEU A 1 6   ? -7.197  -0.864  -0.999  1.00 57.08  ? 7    LEU A CD2 1 
ATOM   48   N N   . THR A 1 7   ? -4.371  -4.210  0.527   1.00 43.82  ? 8    THR A N   1 
ATOM   49   C CA  . THR A 1 7   ? -3.201  -4.840  1.096   1.00 45.41  ? 8    THR A CA  1 
ATOM   50   C C   . THR A 1 7   ? -1.943  -4.246  0.476   1.00 44.52  ? 8    THR A C   1 
ATOM   51   O O   . THR A 1 7   ? -2.013  -3.449  -0.462  1.00 40.76  ? 8    THR A O   1 
ATOM   52   C CB  . THR A 1 7   ? -3.227  -6.375  0.847   1.00 45.35  ? 8    THR A CB  1 
ATOM   53   O OG1 . THR A 1 7   ? -2.183  -6.991  1.605   1.00 50.97  ? 8    THR A OG1 1 
ATOM   54   C CG2 . THR A 1 7   ? -3.018  -6.699  -0.634  1.00 40.80  ? 8    THR A CG2 1 
ATOM   55   N N   . ARG A 1 8   ? -0.794  -4.618  1.021   1.00 43.87  ? 9    ARG A N   1 
ATOM   56   C CA  . ARG A 1 8   ? 0.464   -4.144  0.480   1.00 46.46  ? 9    ARG A CA  1 
ATOM   57   C C   . ARG A 1 8   ? 1.320   -5.364  0.239   1.00 47.32  ? 9    ARG A C   1 
ATOM   58   O O   . ARG A 1 8   ? 1.126   -6.402  0.876   1.00 47.41  ? 9    ARG A O   1 
ATOM   59   C CB  . ARG A 1 8   ? 1.169   -3.195  1.443   1.00 49.72  ? 9    ARG A CB  1 
ATOM   60   C CG  . ARG A 1 8   ? 1.628   -3.821  2.735   1.00 55.78  ? 9    ARG A CG  1 
ATOM   61   C CD  . ARG A 1 8   ? 2.871   -3.111  3.237   1.00 60.94  ? 9    ARG A CD  1 
ATOM   62   N NE  . ARG A 1 8   ? 3.042   -3.259  4.675   1.00 68.53  ? 9    ARG A NE  1 
ATOM   63   C CZ  . ARG A 1 8   ? 4.211   -3.167  5.296   1.00 71.12  ? 9    ARG A CZ  1 
ATOM   64   N NH1 . ARG A 1 8   ? 5.314   -2.934  4.596   1.00 70.40  ? 9    ARG A NH1 1 
ATOM   65   N NH2 . ARG A 1 8   ? 4.276   -3.306  6.615   1.00 73.25  ? 9    ARG A NH2 1 
ATOM   66   N N   . HIS A 1 9   ? 2.250   -5.251  -0.698  1.00 46.12  ? 10   HIS A N   1 
ATOM   67   C CA  . HIS A 1 9   ? 3.126   -6.367  -1.015  1.00 48.46  ? 10   HIS A CA  1 
ATOM   68   C C   . HIS A 1 9   ? 3.928   -6.817  0.209   1.00 50.00  ? 10   HIS A C   1 
ATOM   69   O O   . HIS A 1 9   ? 4.040   -6.094  1.204   1.00 49.15  ? 10   HIS A O   1 
ATOM   70   C CB  . HIS A 1 9   ? 4.076   -5.959  -2.127  1.00 50.03  ? 10   HIS A CB  1 
ATOM   71   C CG  . HIS A 1 9   ? 4.980   -4.836  -1.746  1.00 48.28  ? 10   HIS A CG  1 
ATOM   72   N ND1 . HIS A 1 9   ? 6.056   -5.005  -0.904  1.00 47.37  ? 10   HIS A ND1 1 
ATOM   73   C CD2 . HIS A 1 9   ? 4.943   -3.520  -2.058  1.00 47.52  ? 10   HIS A CD2 1 
ATOM   74   C CE1 . HIS A 1 9   ? 6.646   -3.839  -0.712  1.00 45.67  ? 10   HIS A CE1 1 
ATOM   75   N NE2 . HIS A 1 9   ? 5.990   -2.922  -1.401  1.00 45.72  ? 10   HIS A NE2 1 
ATOM   76   N N   . GLY A 1 10  ? 4.490   -8.015  0.125   1.00 51.52  ? 11   GLY A N   1 
ATOM   77   C CA  . GLY A 1 10  ? 5.266   -8.536  1.231   1.00 52.85  ? 11   GLY A CA  1 
ATOM   78   C C   . GLY A 1 10  ? 6.721   -8.121  1.187   1.00 54.34  ? 11   GLY A C   1 
ATOM   79   O O   . GLY A 1 10  ? 7.113   -7.237  0.418   1.00 52.07  ? 11   GLY A O   1 
ATOM   80   N N   . GLU A 1 11  ? 7.523   -8.787  2.013   1.00 56.49  ? 12   GLU A N   1 
ATOM   81   C CA  . GLU A 1 11  ? 8.952   -8.528  2.132   1.00 56.46  ? 12   GLU A CA  1 
ATOM   82   C C   . GLU A 1 11  ? 9.712   -8.535  0.812   1.00 55.60  ? 12   GLU A C   1 
ATOM   83   O O   . GLU A 1 11  ? 9.463   -9.372  -0.054  1.00 53.38  ? 12   GLU A O   1 
ATOM   84   C CB  . GLU A 1 11  ? 9.577   -9.568  3.054   1.00 60.23  ? 12   GLU A CB  1 
ATOM   85   C CG  . GLU A 1 11  ? 10.473  -9.004  4.134   1.00 69.62  ? 12   GLU A CG  1 
ATOM   86   C CD  . GLU A 1 11  ? 11.192  -10.099 4.902   1.00 75.57  ? 12   GLU A CD  1 
ATOM   87   O OE1 . GLU A 1 11  ? 12.016  -10.805 4.277   1.00 74.76  ? 12   GLU A OE1 1 
ATOM   88   O OE2 . GLU A 1 11  ? 10.928  -10.256 6.119   1.00 77.25  ? 12   GLU A OE2 1 
ATOM   89   N N   . THR A 1 12  ? 10.652  -7.599  0.687   1.00 54.40  ? 13   THR A N   1 
ATOM   90   C CA  . THR A 1 12  ? 11.507  -7.464  -0.486  1.00 54.82  ? 13   THR A CA  1 
ATOM   91   C C   . THR A 1 12  ? 12.955  -7.393  -0.005  1.00 57.17  ? 13   THR A C   1 
ATOM   92   O O   . THR A 1 12  ? 13.201  -7.208  1.187   1.00 56.47  ? 13   THR A O   1 
ATOM   93   C CB  . THR A 1 12  ? 11.197  -6.175  -1.258  1.00 54.48  ? 13   THR A CB  1 
ATOM   94   O OG1 . THR A 1 12  ? 11.337  -5.052  -0.382  1.00 51.86  ? 13   THR A OG1 1 
ATOM   95   C CG2 . THR A 1 12  ? 9.778   -6.213  -1.809  1.00 55.68  ? 13   THR A CG2 1 
ATOM   96   N N   . LYS A 1 13  ? 13.910  -7.534  -0.921  1.00 59.49  ? 14   LYS A N   1 
ATOM   97   C CA  . LYS A 1 13  ? 15.322  -7.476  -0.549  1.00 61.26  ? 14   LYS A CA  1 
ATOM   98   C C   . LYS A 1 13  ? 15.643  -6.199  0.210   1.00 61.26  ? 14   LYS A C   1 
ATOM   99   O O   . LYS A 1 13  ? 16.192  -6.250  1.309   1.00 63.28  ? 14   LYS A O   1 
ATOM   100  C CB  . LYS A 1 13  ? 16.218  -7.564  -1.781  1.00 65.40  ? 14   LYS A CB  1 
ATOM   101  C CG  . LYS A 1 13  ? 16.284  -8.943  -2.402  1.00 71.73  ? 14   LYS A CG  1 
ATOM   102  C CD  . LYS A 1 13  ? 17.343  -9.007  -3.505  1.00 76.38  ? 14   LYS A CD  1 
ATOM   103  C CE  . LYS A 1 13  ? 17.415  -10.406 -4.119  1.00 78.01  ? 14   LYS A CE  1 
ATOM   104  N NZ  . LYS A 1 13  ? 18.376  -10.484 -5.259  1.00 79.20  ? 14   LYS A NZ  1 
ATOM   105  N N   . TRP A 1 14  ? 15.306  -5.052  -0.372  1.00 59.28  ? 15   TRP A N   1 
ATOM   106  C CA  . TRP A 1 14  ? 15.573  -3.778  0.286   1.00 58.48  ? 15   TRP A CA  1 
ATOM   107  C C   . TRP A 1 14  ? 14.844  -3.639  1.620   1.00 60.52  ? 15   TRP A C   1 
ATOM   108  O O   . TRP A 1 14  ? 15.308  -2.924  2.505   1.00 60.71  ? 15   TRP A O   1 
ATOM   109  C CB  . TRP A 1 14  ? 15.221  -2.612  -0.638  1.00 54.01  ? 15   TRP A CB  1 
ATOM   110  C CG  . TRP A 1 14  ? 16.197  -2.457  -1.752  1.00 49.41  ? 15   TRP A CG  1 
ATOM   111  C CD1 . TRP A 1 14  ? 17.116  -3.379  -2.162  1.00 49.05  ? 15   TRP A CD1 1 
ATOM   112  C CD2 . TRP A 1 14  ? 16.328  -1.342  -2.638  1.00 47.87  ? 15   TRP A CD2 1 
ATOM   113  N NE1 . TRP A 1 14  ? 17.807  -2.910  -3.249  1.00 49.39  ? 15   TRP A NE1 1 
ATOM   114  C CE2 . TRP A 1 14  ? 17.341  -1.659  -3.567  1.00 46.05  ? 15   TRP A CE2 1 
ATOM   115  C CE3 . TRP A 1 14  ? 15.682  -0.100  -2.744  1.00 48.74  ? 15   TRP A CE3 1 
ATOM   116  C CZ2 . TRP A 1 14  ? 17.731  -0.788  -4.590  1.00 46.13  ? 15   TRP A CZ2 1 
ATOM   117  C CZ3 . TRP A 1 14  ? 16.070  0.774   -3.768  1.00 48.82  ? 15   TRP A CZ3 1 
ATOM   118  C CH2 . TRP A 1 14  ? 17.084  0.420   -4.675  1.00 46.36  ? 15   TRP A CH2 1 
ATOM   119  N N   . ASN A 1 15  ? 13.710  -4.315  1.773   1.00 62.84  ? 16   ASN A N   1 
ATOM   120  C CA  . ASN A 1 15  ? 12.987  -4.246  3.040   1.00 68.11  ? 16   ASN A CA  1 
ATOM   121  C C   . ASN A 1 15  ? 13.895  -4.783  4.145   1.00 71.67  ? 16   ASN A C   1 
ATOM   122  O O   . ASN A 1 15  ? 14.171  -4.094  5.129   1.00 72.87  ? 16   ASN A O   1 
ATOM   123  C CB  . ASN A 1 15  ? 11.702  -5.075  2.983   1.00 69.10  ? 16   ASN A CB  1 
ATOM   124  C CG  . ASN A 1 15  ? 10.475  -4.230  2.699   1.00 70.98  ? 16   ASN A CG  1 
ATOM   125  O OD1 . ASN A 1 15  ? 9.383   -4.753  2.467   1.00 72.87  ? 16   ASN A OD1 1 
ATOM   126  N ND2 . ASN A 1 15  ? 10.648  -2.918  2.723   1.00 69.23  ? 16   ASN A ND2 1 
ATOM   127  N N   . VAL A 1 16  ? 14.362  -6.016  3.971   1.00 74.17  ? 17   VAL A N   1 
ATOM   128  C CA  . VAL A 1 16  ? 15.244  -6.639  4.946   1.00 75.37  ? 17   VAL A CA  1 
ATOM   129  C C   . VAL A 1 16  ? 16.578  -5.897  5.017   1.00 74.85  ? 17   VAL A C   1 
ATOM   130  O O   . VAL A 1 16  ? 17.228  -5.881  6.066   1.00 75.60  ? 17   VAL A O   1 
ATOM   131  C CB  . VAL A 1 16  ? 15.491  -8.130  4.604   1.00 77.15  ? 17   VAL A CB  1 
ATOM   132  C CG1 . VAL A 1 16  ? 15.971  -8.269  3.178   1.00 74.52  ? 17   VAL A CG1 1 
ATOM   133  C CG2 . VAL A 1 16  ? 16.516  -8.721  5.568   1.00 79.67  ? 17   VAL A CG2 1 
ATOM   134  N N   . GLU A 1 17  ? 16.983  -5.285  3.905   1.00 71.95  ? 18   GLU A N   1 
ATOM   135  C CA  . GLU A 1 17  ? 18.232  -4.524  3.866   1.00 70.66  ? 18   GLU A CA  1 
ATOM   136  C C   . GLU A 1 17  ? 18.021  -3.142  4.476   1.00 69.43  ? 18   GLU A C   1 
ATOM   137  O O   . GLU A 1 17  ? 18.956  -2.355  4.613   1.00 68.77  ? 18   GLU A O   1 
ATOM   138  C CB  . GLU A 1 17  ? 18.725  -4.370  2.427   1.00 70.62  ? 18   GLU A CB  1 
ATOM   139  C CG  . GLU A 1 17  ? 19.312  -5.638  1.838   1.00 75.71  ? 18   GLU A CG  1 
ATOM   140  C CD  . GLU A 1 17  ? 19.908  -5.416  0.463   1.00 78.29  ? 18   GLU A CD  1 
ATOM   141  O OE1 . GLU A 1 17  ? 19.142  -5.352  -0.521  1.00 83.50  ? 18   GLU A OE1 1 
ATOM   142  O OE2 . GLU A 1 17  ? 21.145  -5.294  0.365   1.00 79.65  ? 18   GLU A OE2 1 
ATOM   143  N N   . ARG A 1 18  ? 16.774  -2.862  4.831   1.00 70.20  ? 19   ARG A N   1 
ATOM   144  C CA  . ARG A 1 18  ? 16.388  -1.595  5.427   1.00 70.97  ? 19   ARG A CA  1 
ATOM   145  C C   . ARG A 1 18  ? 16.722  -0.401  4.543   1.00 68.45  ? 19   ARG A C   1 
ATOM   146  O O   . ARG A 1 18  ? 17.006  0.693   5.034   1.00 69.50  ? 19   ARG A O   1 
ATOM   147  C CB  . ARG A 1 18  ? 17.030  -1.456  6.807   1.00 76.37  ? 19   ARG A CB  1 
ATOM   148  C CG  . ARG A 1 18  ? 16.602  -2.572  7.756   1.00 82.79  ? 19   ARG A CG  1 
ATOM   149  C CD  . ARG A 1 18  ? 17.329  -2.497  9.085   1.00 91.95  ? 19   ARG A CD  1 
ATOM   150  N NE  . ARG A 1 18  ? 17.119  -3.699  9.890   1.00 96.75  ? 19   ARG A NE  1 
ATOM   151  C CZ  . ARG A 1 18  ? 17.719  -3.933  11.054  1.00 98.35  ? 19   ARG A CZ  1 
ATOM   152  N NH1 . ARG A 1 18  ? 18.569  -3.044  11.553  1.00 98.03  ? 19   ARG A NH1 1 
ATOM   153  N NH2 . ARG A 1 18  ? 17.472  -5.056  11.717  1.00 99.12  ? 19   ARG A NH2 1 
ATOM   154  N N   . ARG A 1 19  ? 16.700  -0.630  3.234   1.00 64.59  ? 20   ARG A N   1 
ATOM   155  C CA  . ARG A 1 19  ? 16.941  0.424   2.263   1.00 63.24  ? 20   ARG A CA  1 
ATOM   156  C C   . ARG A 1 19  ? 15.553  0.931   1.885   1.00 61.06  ? 20   ARG A C   1 
ATOM   157  O O   . ARG A 1 19  ? 14.630  0.140   1.697   1.00 60.06  ? 20   ARG A O   1 
ATOM   158  C CB  . ARG A 1 19  ? 17.622  -0.123  1.008   1.00 64.39  ? 20   ARG A CB  1 
ATOM   159  C CG  . ARG A 1 19  ? 19.090  -0.452  1.145   1.00 72.24  ? 20   ARG A CG  1 
ATOM   160  C CD  . ARG A 1 19  ? 19.661  -0.947  -0.185  1.00 73.77  ? 20   ARG A CD  1 
ATOM   161  N NE  . ARG A 1 19  ? 21.069  -1.319  -0.074  1.00 78.49  ? 20   ARG A NE  1 
ATOM   162  C CZ  . ARG A 1 19  ? 22.059  -0.459  0.155   1.00 81.78  ? 20   ARG A CZ  1 
ATOM   163  N NH1 . ARG A 1 19  ? 21.804  0.835   0.295   1.00 83.36  ? 20   ARG A NH1 1 
ATOM   164  N NH2 . ARG A 1 19  ? 23.308  -0.893  0.255   1.00 84.37  ? 20   ARG A NH2 1 
ATOM   165  N N   . MET A 1 20  ? 15.395  2.241   1.781   1.00 58.15  ? 21   MET A N   1 
ATOM   166  C CA  . MET A 1 20  ? 14.099  2.790   1.418   1.00 59.18  ? 21   MET A CA  1 
ATOM   167  C C   . MET A 1 20  ? 13.872  2.631   -0.080  1.00 57.22  ? 21   MET A C   1 
ATOM   168  O O   . MET A 1 20  ? 14.787  2.847   -0.874  1.00 56.15  ? 21   MET A O   1 
ATOM   169  C CB  . MET A 1 20  ? 14.023  4.257   1.827   1.00 60.90  ? 21   MET A CB  1 
ATOM   170  C CG  . MET A 1 20  ? 14.237  4.456   3.306   1.00 63.04  ? 21   MET A CG  1 
ATOM   171  S SD  . MET A 1 20  ? 13.346  5.859   3.964   1.00 70.68  ? 21   MET A SD  1 
ATOM   172  C CE  . MET A 1 20  ? 12.033  5.033   4.812   1.00 70.80  ? 21   MET A CE  1 
ATOM   173  N N   . GLN A 1 21  ? 12.658  2.247   -0.467  1.00 55.29  ? 22   GLN A N   1 
ATOM   174  C CA  . GLN A 1 21  ? 12.349  2.038   -1.877  1.00 55.12  ? 22   GLN A CA  1 
ATOM   175  C C   . GLN A 1 21  ? 11.663  3.192   -2.609  1.00 53.52  ? 22   GLN A C   1 
ATOM   176  O O   . GLN A 1 21  ? 12.301  3.905   -3.404  1.00 54.61  ? 22   GLN A O   1 
ATOM   177  C CB  . GLN A 1 21  ? 11.526  0.750   -2.040  1.00 57.16  ? 22   GLN A CB  1 
ATOM   178  C CG  . GLN A 1 21  ? 12.383  -0.503  -1.946  1.00 61.57  ? 22   GLN A CG  1 
ATOM   179  C CD  . GLN A 1 21  ? 11.591  -1.791  -1.974  1.00 61.21  ? 22   GLN A CD  1 
ATOM   180  O OE1 . GLN A 1 21  ? 10.774  -2.051  -1.092  1.00 61.92  ? 22   GLN A OE1 1 
ATOM   181  N NE2 . GLN A 1 21  ? 11.840  -2.614  -2.984  1.00 60.77  ? 22   GLN A NE2 1 
ATOM   182  N N   . GLY A 1 22  ? 10.378  3.399   -2.340  1.00 47.24  ? 23   GLY A N   1 
ATOM   183  C CA  . GLY A 1 22  ? 9.668   4.455   -3.042  1.00 45.10  ? 23   GLY A CA  1 
ATOM   184  C C   . GLY A 1 22  ? 9.455   4.021   -4.488  1.00 42.25  ? 23   GLY A C   1 
ATOM   185  O O   . GLY A 1 22  ? 8.878   2.963   -4.736  1.00 41.86  ? 23   GLY A O   1 
ATOM   186  N N   . TRP A 1 23  ? 9.929   4.813   -5.448  1.00 41.07  ? 24   TRP A N   1 
ATOM   187  C CA  . TRP A 1 23  ? 9.762   4.462   -6.859  1.00 39.26  ? 24   TRP A CA  1 
ATOM   188  C C   . TRP A 1 23  ? 10.839  3.504   -7.376  1.00 39.05  ? 24   TRP A C   1 
ATOM   189  O O   . TRP A 1 23  ? 10.678  2.907   -8.426  1.00 37.38  ? 24   TRP A O   1 
ATOM   190  C CB  . TRP A 1 23  ? 9.719   5.718   -7.730  1.00 39.07  ? 24   TRP A CB  1 
ATOM   191  C CG  . TRP A 1 23  ? 8.457   6.511   -7.586  1.00 39.25  ? 24   TRP A CG  1 
ATOM   192  C CD1 . TRP A 1 23  ? 7.520   6.399   -6.595  1.00 38.61  ? 24   TRP A CD1 1 
ATOM   193  C CD2 . TRP A 1 23  ? 8.024   7.583   -8.427  1.00 38.94  ? 24   TRP A CD2 1 
ATOM   194  N NE1 . TRP A 1 23  ? 6.536   7.339   -6.767  1.00 39.01  ? 24   TRP A NE1 1 
ATOM   195  C CE2 . TRP A 1 23  ? 6.820   8.082   -7.885  1.00 39.67  ? 24   TRP A CE2 1 
ATOM   196  C CE3 . TRP A 1 23  ? 8.538   8.178   -9.589  1.00 40.75  ? 24   TRP A CE3 1 
ATOM   197  C CZ2 . TRP A 1 23  ? 6.121   9.150   -8.460  1.00 42.82  ? 24   TRP A CZ2 1 
ATOM   198  C CZ3 . TRP A 1 23  ? 7.846   9.240   -10.162 1.00 43.30  ? 24   TRP A CZ3 1 
ATOM   199  C CH2 . TRP A 1 23  ? 6.650   9.716   -9.597  1.00 40.56  ? 24   TRP A CH2 1 
ATOM   200  N N   . GLN A 1 24  ? 11.957  3.370   -6.677  1.00 39.75  ? 25   GLN A N   1 
ATOM   201  C CA  . GLN A 1 24  ? 12.927  2.397   -7.143  1.00 44.71  ? 25   GLN A CA  1 
ATOM   202  C C   . GLN A 1 24  ? 12.306  1.087   -6.691  1.00 46.15  ? 25   GLN A C   1 
ATOM   203  O O   . GLN A 1 24  ? 11.398  1.103   -5.869  1.00 42.90  ? 25   GLN A O   1 
ATOM   204  C CB  . GLN A 1 24  ? 14.310  2.641   -6.545  1.00 45.88  ? 25   GLN A CB  1 
ATOM   205  C CG  . GLN A 1 24  ? 15.013  3.798   -7.254  1.00 50.76  ? 25   GLN A CG  1 
ATOM   206  C CD  . GLN A 1 24  ? 16.489  3.924   -6.918  1.00 56.46  ? 25   GLN A CD  1 
ATOM   207  O OE1 . GLN A 1 24  ? 17.172  4.816   -7.428  1.00 58.74  ? 25   GLN A OE1 1 
ATOM   208  N NE2 . GLN A 1 24  ? 16.990  3.035   -6.065  1.00 57.81  ? 25   GLN A NE2 1 
ATOM   209  N N   . ASP A 1 25  ? 12.755  -0.038  -7.241  1.00 50.70  ? 26   ASP A N   1 
ATOM   210  C CA  . ASP A 1 25  ? 12.151  -1.321  -6.906  1.00 50.07  ? 26   ASP A CA  1 
ATOM   211  C C   . ASP A 1 25  ? 13.186  -2.388  -6.565  1.00 51.49  ? 26   ASP A C   1 
ATOM   212  O O   . ASP A 1 25  ? 14.383  -2.203  -6.782  1.00 53.96  ? 26   ASP A O   1 
ATOM   213  C CB  . ASP A 1 25  ? 11.288  -1.765  -8.101  1.00 49.83  ? 26   ASP A CB  1 
ATOM   214  C CG  . ASP A 1 25  ? 10.452  -3.012  -7.818  1.00 52.57  ? 26   ASP A CG  1 
ATOM   215  O OD1 . ASP A 1 25  ? 9.656   -3.006  -6.856  1.00 51.10  ? 26   ASP A OD1 1 
ATOM   216  O OD2 . ASP A 1 25  ? 10.580  -4.004  -8.574  1.00 56.16  ? 26   ASP A OD2 1 
ATOM   217  N N   . SER A 1 26  ? 12.713  -3.492  -5.999  1.00 51.55  ? 27   SER A N   1 
ATOM   218  C CA  . SER A 1 26  ? 13.561  -4.621  -5.645  1.00 52.92  ? 27   SER A CA  1 
ATOM   219  C C   . SER A 1 26  ? 12.653  -5.849  -5.491  1.00 55.45  ? 27   SER A C   1 
ATOM   220  O O   . SER A 1 26  ? 11.528  -5.757  -4.990  1.00 53.54  ? 27   SER A O   1 
ATOM   221  C CB  . SER A 1 26  ? 14.358  -4.349  -4.357  1.00 51.21  ? 27   SER A CB  1 
ATOM   222  O OG  . SER A 1 26  ? 13.596  -4.560  -3.181  1.00 53.91  ? 27   SER A OG  1 
ATOM   223  N N   . PRO A 1 27  ? 13.138  -7.020  -5.925  1.00 57.20  ? 28   PRO A N   1 
ATOM   224  C CA  . PRO A 1 27  ? 12.386  -8.276  -5.858  1.00 56.12  ? 28   PRO A CA  1 
ATOM   225  C C   . PRO A 1 27  ? 11.931  -8.707  -4.475  1.00 55.21  ? 28   PRO A C   1 
ATOM   226  O O   . PRO A 1 27  ? 12.520  -8.330  -3.468  1.00 53.70  ? 28   PRO A O   1 
ATOM   227  C CB  . PRO A 1 27  ? 13.347  -9.282  -6.477  1.00 58.20  ? 28   PRO A CB  1 
ATOM   228  C CG  . PRO A 1 27  ? 14.690  -8.747  -6.057  1.00 58.18  ? 28   PRO A CG  1 
ATOM   229  C CD  . PRO A 1 27  ? 14.534  -7.267  -6.334  1.00 57.27  ? 28   PRO A CD  1 
ATOM   230  N N   . LEU A 1 28  ? 10.868  -9.503  -4.455  1.00 54.60  ? 29   LEU A N   1 
ATOM   231  C CA  . LEU A 1 28  ? 10.309  -10.034 -3.228  1.00 54.58  ? 29   LEU A CA  1 
ATOM   232  C C   . LEU A 1 28  ? 11.292  -11.051 -2.681  1.00 56.03  ? 29   LEU A C   1 
ATOM   233  O O   . LEU A 1 28  ? 12.096  -11.610 -3.428  1.00 55.23  ? 29   LEU A O   1 
ATOM   234  C CB  . LEU A 1 28  ? 8.991   -10.749 -3.519  1.00 54.76  ? 29   LEU A CB  1 
ATOM   235  C CG  . LEU A 1 28  ? 7.774   -9.930  -3.940  1.00 55.47  ? 29   LEU A CG  1 
ATOM   236  C CD1 . LEU A 1 28  ? 6.702   -10.858 -4.480  1.00 52.40  ? 29   LEU A CD1 1 
ATOM   237  C CD2 . LEU A 1 28  ? 7.257   -9.140  -2.745  1.00 52.21  ? 29   LEU A CD2 1 
ATOM   238  N N   . THR A 1 29  ? 11.232  -11.285 -1.376  1.00 56.40  ? 30   THR A N   1 
ATOM   239  C CA  . THR A 1 29  ? 12.100  -12.269 -0.759  1.00 56.19  ? 30   THR A CA  1 
ATOM   240  C C   . THR A 1 29  ? 11.287  -13.548 -0.739  1.00 60.49  ? 30   THR A C   1 
ATOM   241  O O   . THR A 1 29  ? 10.080  -13.533 -0.996  1.00 61.01  ? 30   THR A O   1 
ATOM   242  C CB  . THR A 1 29  ? 12.470  -11.906 0.703   1.00 56.61  ? 30   THR A CB  1 
ATOM   243  O OG1 . THR A 1 29  ? 11.290  -11.893 1.514   1.00 54.90  ? 30   THR A OG1 1 
ATOM   244  C CG2 . THR A 1 29  ? 13.155  -10.553 0.769   1.00 52.43  ? 30   THR A CG2 1 
ATOM   245  N N   . GLU A 1 30  ? 11.947  -14.659 -0.445  1.00 62.87  ? 31   GLU A N   1 
ATOM   246  C CA  . GLU A 1 30  ? 11.260  -15.936 -0.379  1.00 62.09  ? 31   GLU A CA  1 
ATOM   247  C C   . GLU A 1 30  ? 10.084  -15.792 0.579   1.00 59.13  ? 31   GLU A C   1 
ATOM   248  O O   . GLU A 1 30  ? 9.000   -16.296 0.319   1.00 58.45  ? 31   GLU A O   1 
ATOM   249  C CB  . GLU A 1 30  ? 12.233  -17.020 0.103   1.00 67.69  ? 31   GLU A CB  1 
ATOM   250  C CG  . GLU A 1 30  ? 11.590  -18.318 0.573   1.00 73.80  ? 31   GLU A CG  1 
ATOM   251  C CD  . GLU A 1 30  ? 10.651  -18.924 -0.455  1.00 82.03  ? 31   GLU A CD  1 
ATOM   252  O OE1 . GLU A 1 30  ? 11.046  -19.039 -1.638  1.00 87.16  ? 31   GLU A OE1 1 
ATOM   253  O OE2 . GLU A 1 30  ? 9.517   -19.295 -0.075  1.00 84.51  ? 31   GLU A OE2 1 
ATOM   254  N N   . LYS A 1 31  ? 10.288  -15.083 1.683   1.00 58.60  ? 32   LYS A N   1 
ATOM   255  C CA  . LYS A 1 31  ? 9.211   -14.908 2.646   1.00 59.01  ? 32   LYS A CA  1 
ATOM   256  C C   . LYS A 1 31  ? 8.078   -14.092 2.037   1.00 57.98  ? 32   LYS A C   1 
ATOM   257  O O   . LYS A 1 31  ? 6.896   -14.370 2.268   1.00 55.08  ? 32   LYS A O   1 
ATOM   258  C CB  . LYS A 1 31  ? 9.710   -14.211 3.910   1.00 61.47  ? 32   LYS A CB  1 
ATOM   259  C CG  . LYS A 1 31  ? 8.822   -14.514 5.101   1.00 65.81  ? 32   LYS A CG  1 
ATOM   260  C CD  . LYS A 1 31  ? 8.230   -13.269 5.729   1.00 72.25  ? 32   LYS A CD  1 
ATOM   261  C CE  . LYS A 1 31  ? 7.062   -13.652 6.627   1.00 76.75  ? 32   LYS A CE  1 
ATOM   262  N NZ  . LYS A 1 31  ? 7.333   -14.920 7.373   1.00 78.86  ? 32   LYS A NZ  1 
ATOM   263  N N   . GLY A 1 32  ? 8.449   -13.082 1.259   1.00 56.47  ? 33   GLY A N   1 
ATOM   264  C CA  . GLY A 1 32  ? 7.453   -12.248 0.613   1.00 57.48  ? 33   GLY A CA  1 
ATOM   265  C C   . GLY A 1 32  ? 6.547   -13.040 -0.318  1.00 56.48  ? 33   GLY A C   1 
ATOM   266  O O   . GLY A 1 32  ? 5.370   -12.714 -0.463  1.00 54.93  ? 33   GLY A O   1 
ATOM   267  N N   A ARG A 1 33  ? 7.089   -14.080 -0.945  0.50 56.28  ? 34   ARG A N   1 
ATOM   268  N N   B ARG A 1 33  ? 7.092   -14.078 -0.945  0.50 56.73  ? 34   ARG A N   1 
ATOM   269  C CA  A ARG A 1 33  ? 6.311   -14.908 -1.861  0.50 56.67  ? 34   ARG A CA  1 
ATOM   270  C CA  B ARG A 1 33  ? 6.310   -14.905 -1.857  0.50 57.47  ? 34   ARG A CA  1 
ATOM   271  C C   A ARG A 1 33  ? 5.374   -15.845 -1.104  0.50 57.28  ? 34   ARG A C   1 
ATOM   272  C C   B ARG A 1 33  ? 5.376   -15.847 -1.104  0.50 57.79  ? 34   ARG A C   1 
ATOM   273  O O   A ARG A 1 33  ? 4.250   -16.103 -1.542  0.50 57.03  ? 34   ARG A O   1 
ATOM   274  O O   B ARG A 1 33  ? 4.253   -16.105 -1.544  0.50 57.48  ? 34   ARG A O   1 
ATOM   275  C CB  A ARG A 1 33  ? 7.249   -15.706 -2.779  0.50 55.35  ? 34   ARG A CB  1 
ATOM   276  C CB  B ARG A 1 33  ? 7.241   -15.693 -2.791  0.50 57.15  ? 34   ARG A CB  1 
ATOM   277  C CG  A ARG A 1 33  ? 8.028   -14.823 -3.753  0.50 55.73  ? 34   ARG A CG  1 
ATOM   278  C CG  B ARG A 1 33  ? 7.788   -14.846 -3.940  0.50 58.81  ? 34   ARG A CG  1 
ATOM   279  C CD  A ARG A 1 33  ? 9.207   -15.534 -4.428  0.50 58.51  ? 34   ARG A CD  1 
ATOM   280  C CD  B ARG A 1 33  ? 8.739   -15.603 -4.870  0.50 62.99  ? 34   ARG A CD  1 
ATOM   281  N NE  A ARG A 1 33  ? 8.824   -16.405 -5.539  0.50 58.49  ? 34   ARG A NE  1 
ATOM   282  N NE  B ARG A 1 33  ? 10.111  -15.648 -4.365  0.50 65.11  ? 34   ARG A NE  1 
ATOM   283  C CZ  A ARG A 1 33  ? 8.395   -17.655 -5.405  0.50 58.70  ? 34   ARG A CZ  1 
ATOM   284  C CZ  B ARG A 1 33  ? 11.187  -15.782 -5.135  0.50 65.45  ? 34   ARG A CZ  1 
ATOM   285  N NH1 A ARG A 1 33  ? 8.287   -18.201 -4.202  0.50 60.34  ? 34   ARG A NH1 1 
ATOM   286  N NH1 B ARG A 1 33  ? 11.058  -15.884 -6.451  0.50 67.76  ? 34   ARG A NH1 1 
ATOM   287  N NH2 A ARG A 1 33  ? 8.084   -18.365 -6.479  0.50 58.25  ? 34   ARG A NH2 1 
ATOM   288  N NH2 B ARG A 1 33  ? 12.396  -15.805 -4.592  0.50 65.65  ? 34   ARG A NH2 1 
ATOM   289  N N   . GLN A 1 34  ? 5.833   -16.344 0.039   1.00 59.00  ? 35   GLN A N   1 
ATOM   290  C CA  . GLN A 1 34  ? 5.028   -17.247 0.850   1.00 60.98  ? 35   GLN A CA  1 
ATOM   291  C C   . GLN A 1 34  ? 3.848   -16.476 1.409   1.00 60.72  ? 35   GLN A C   1 
ATOM   292  O O   . GLN A 1 34  ? 2.732   -16.991 1.469   1.00 60.77  ? 35   GLN A O   1 
ATOM   293  C CB  . GLN A 1 34  ? 5.843   -17.817 2.010   1.00 65.05  ? 35   GLN A CB  1 
ATOM   294  C CG  . GLN A 1 34  ? 7.091   -18.570 1.589   1.00 74.25  ? 35   GLN A CG  1 
ATOM   295  C CD  . GLN A 1 34  ? 7.897   -19.075 2.778   1.00 79.39  ? 35   GLN A CD  1 
ATOM   296  O OE1 . GLN A 1 34  ? 8.243   -18.311 3.691   1.00 81.21  ? 35   GLN A OE1 1 
ATOM   297  N NE2 . GLN A 1 34  ? 8.208   -20.368 2.769   1.00 78.63  ? 35   GLN A NE2 1 
ATOM   298  N N   . ASP A 1 35  ? 4.101   -15.240 1.828   1.00 58.89  ? 36   ASP A N   1 
ATOM   299  C CA  . ASP A 1 35  ? 3.037   -14.414 2.382   1.00 60.32  ? 36   ASP A CA  1 
ATOM   300  C C   . ASP A 1 35  ? 1.962   -14.169 1.332   1.00 57.15  ? 36   ASP A C   1 
ATOM   301  O O   . ASP A 1 35  ? 0.767   -14.242 1.624   1.00 54.38  ? 36   ASP A O   1 
ATOM   302  C CB  . ASP A 1 35  ? 3.603   -13.088 2.883   1.00 66.21  ? 36   ASP A CB  1 
ATOM   303  C CG  . ASP A 1 35  ? 4.375   -13.243 4.179   1.00 73.80  ? 36   ASP A CG  1 
ATOM   304  O OD1 . ASP A 1 35  ? 5.183   -14.188 4.282   1.00 79.12  ? 36   ASP A OD1 1 
ATOM   305  O OD2 . ASP A 1 35  ? 4.180   -12.416 5.093   1.00 80.64  ? 36   ASP A OD2 1 
ATOM   306  N N   . ALA A 1 36  ? 2.396   -13.898 0.106   1.00 53.63  ? 37   ALA A N   1 
ATOM   307  C CA  . ALA A 1 36  ? 1.475   -13.651 -0.988  1.00 51.28  ? 37   ALA A CA  1 
ATOM   308  C C   . ALA A 1 36  ? 0.700   -14.920 -1.312  1.00 52.52  ? 37   ALA A C   1 
ATOM   309  O O   . ALA A 1 36  ? -0.508  -14.872 -1.556  1.00 53.64  ? 37   ALA A O   1 
ATOM   310  C CB  . ALA A 1 36  ? 2.233   -13.165 -2.203  1.00 49.87  ? 37   ALA A CB  1 
ATOM   311  N N   . MET A 1 37  ? 1.391   -16.059 -1.320  1.00 52.56  ? 38   MET A N   1 
ATOM   312  C CA  . MET A 1 37  ? 0.727   -17.326 -1.593  1.00 52.55  ? 38   MET A CA  1 
ATOM   313  C C   . MET A 1 37  ? -0.389  -17.493 -0.569  1.00 51.75  ? 38   MET A C   1 
ATOM   314  O O   . MET A 1 37  ? -1.537  -17.757 -0.929  1.00 49.43  ? 38   MET A O   1 
ATOM   315  C CB  . MET A 1 37  ? 1.703   -18.505 -1.465  1.00 56.65  ? 38   MET A CB  1 
ATOM   316  C CG  . MET A 1 37  ? 2.755   -18.597 -2.559  1.00 61.24  ? 38   MET A CG  1 
ATOM   317  S SD  . MET A 1 37  ? 3.973   -19.940 -2.296  1.00 67.39  ? 38   MET A SD  1 
ATOM   318  C CE  . MET A 1 37  ? 5.507   -19.089 -2.710  1.00 59.38  ? 38   MET A CE  1 
ATOM   319  N N   . ARG A 1 38  ? -0.043  -17.328 0.707   1.00 50.53  ? 39   ARG A N   1 
ATOM   320  C CA  . ARG A 1 38  ? -1.009  -17.472 1.792   1.00 52.19  ? 39   ARG A CA  1 
ATOM   321  C C   . ARG A 1 38  ? -2.186  -16.514 1.660   1.00 51.53  ? 39   ARG A C   1 
ATOM   322  O O   . ARG A 1 38  ? -3.319  -16.864 1.987   1.00 49.19  ? 39   ARG A O   1 
ATOM   323  C CB  . ARG A 1 38  ? -0.327  -17.253 3.137   1.00 56.68  ? 39   ARG A CB  1 
ATOM   324  C CG  . ARG A 1 38  ? 0.740   -18.277 3.473   1.00 65.20  ? 39   ARG A CG  1 
ATOM   325  C CD  . ARG A 1 38  ? 1.515   -17.847 4.712   1.00 72.71  ? 39   ARG A CD  1 
ATOM   326  N NE  . ARG A 1 38  ? 2.691   -18.679 4.954   1.00 80.73  ? 39   ARG A NE  1 
ATOM   327  C CZ  . ARG A 1 38  ? 3.631   -18.399 5.852   1.00 82.87  ? 39   ARG A CZ  1 
ATOM   328  N NH1 . ARG A 1 38  ? 3.538   -17.302 6.596   1.00 82.92  ? 39   ARG A NH1 1 
ATOM   329  N NH2 . ARG A 1 38  ? 4.667   -19.213 6.007   1.00 85.32  ? 39   ARG A NH2 1 
ATOM   330  N N   . LEU A 1 39  ? -1.916  -15.298 1.194   1.00 50.90  ? 40   LEU A N   1 
ATOM   331  C CA  . LEU A 1 39  ? -2.977  -14.318 1.013   1.00 49.61  ? 40   LEU A CA  1 
ATOM   332  C C   . LEU A 1 39  ? -3.782  -14.781 -0.193  1.00 51.72  ? 40   LEU A C   1 
ATOM   333  O O   . LEU A 1 39  ? -5.009  -14.643 -0.234  1.00 50.85  ? 40   LEU A O   1 
ATOM   334  C CB  . LEU A 1 39  ? -2.377  -12.933 0.775   1.00 49.06  ? 40   LEU A CB  1 
ATOM   335  C CG  . LEU A 1 39  ? -3.288  -11.705 0.639   1.00 52.61  ? 40   LEU A CG  1 
ATOM   336  C CD1 . LEU A 1 39  ? -3.639  -11.497 -0.811  1.00 53.61  ? 40   LEU A CD1 1 
ATOM   337  C CD2 . LEU A 1 39  ? -4.533  -11.864 1.495   1.00 49.13  ? 40   LEU A CD2 1 
ATOM   338  N N   . GLY A 1 40  ? -3.084  -15.358 -1.167  1.00 51.28  ? 41   GLY A N   1 
ATOM   339  C CA  . GLY A 1 40  ? -3.757  -15.856 -2.352  1.00 53.83  ? 41   GLY A CA  1 
ATOM   340  C C   . GLY A 1 40  ? -4.738  -16.960 -1.986  1.00 54.83  ? 41   GLY A C   1 
ATOM   341  O O   . GLY A 1 40  ? -5.781  -17.118 -2.620  1.00 53.89  ? 41   GLY A O   1 
ATOM   342  N N   . LYS A 1 41  ? -4.409  -17.726 -0.951  1.00 53.51  ? 42   LYS A N   1 
ATOM   343  C CA  . LYS A 1 41  ? -5.270  -18.813 -0.518  1.00 56.42  ? 42   LYS A CA  1 
ATOM   344  C C   . LYS A 1 41  ? -6.486  -18.274 0.217   1.00 55.95  ? 42   LYS A C   1 
ATOM   345  O O   . LYS A 1 41  ? -7.611  -18.719 -0.011  1.00 55.46  ? 42   LYS A O   1 
ATOM   346  C CB  . LYS A 1 41  ? -4.501  -19.774 0.397   1.00 61.60  ? 42   LYS A CB  1 
ATOM   347  C CG  . LYS A 1 41  ? -5.376  -20.817 1.079   1.00 65.22  ? 42   LYS A CG  1 
ATOM   348  C CD  . LYS A 1 41  ? -5.923  -21.830 0.091   1.00 70.31  ? 42   LYS A CD  1 
ATOM   349  C CE  . LYS A 1 41  ? -7.180  -22.508 0.632   1.00 77.82  ? 42   LYS A CE  1 
ATOM   350  N NZ  . LYS A 1 41  ? -7.026  -23.069 2.010   1.00 80.84  ? 42   LYS A NZ  1 
ATOM   351  N N   . ARG A 1 42  ? -6.258  -17.310 1.098   1.00 57.77  ? 43   ARG A N   1 
ATOM   352  C CA  . ARG A 1 42  ? -7.354  -16.730 1.859   1.00 57.19  ? 43   ARG A CA  1 
ATOM   353  C C   . ARG A 1 42  ? -8.426  -16.137 0.954   1.00 56.09  ? 43   ARG A C   1 
ATOM   354  O O   . ARG A 1 42  ? -9.615  -16.211 1.261   1.00 56.85  ? 43   ARG A O   1 
ATOM   355  C CB  . ARG A 1 42  ? -6.835  -15.652 2.807   1.00 56.63  ? 43   ARG A CB  1 
ATOM   356  C CG  . ARG A 1 42  ? -7.945  -14.976 3.581   1.00 60.26  ? 43   ARG A CG  1 
ATOM   357  C CD  . ARG A 1 42  ? -7.420  -14.024 4.637   1.00 63.65  ? 43   ARG A CD  1 
ATOM   358  N NE  . ARG A 1 42  ? -8.514  -13.448 5.420   1.00 65.47  ? 43   ARG A NE  1 
ATOM   359  C CZ  . ARG A 1 42  ? -8.355  -12.798 6.569   1.00 66.29  ? 43   ARG A CZ  1 
ATOM   360  N NH1 . ARG A 1 42  ? -7.139  -12.634 7.084   1.00 58.72  ? 43   ARG A NH1 1 
ATOM   361  N NH2 . ARG A 1 42  ? -9.418  -12.317 7.208   1.00 67.79  ? 43   ARG A NH2 1 
ATOM   362  N N   . LEU A 1 43  ? -8.004  -15.570 -0.173  1.00 55.12  ? 44   LEU A N   1 
ATOM   363  C CA  . LEU A 1 43  ? -8.931  -14.944 -1.112  1.00 55.05  ? 44   LEU A CA  1 
ATOM   364  C C   . LEU A 1 43  ? -9.489  -15.858 -2.200  1.00 55.22  ? 44   LEU A C   1 
ATOM   365  O O   . LEU A 1 43  ? -10.228 -15.402 -3.070  1.00 55.05  ? 44   LEU A O   1 
ATOM   366  C CB  . LEU A 1 43  ? -8.255  -13.733 -1.762  1.00 53.63  ? 44   LEU A CB  1 
ATOM   367  C CG  . LEU A 1 43  ? -7.813  -12.648 -0.778  1.00 51.26  ? 44   LEU A CG  1 
ATOM   368  C CD1 . LEU A 1 43  ? -6.989  -11.586 -1.484  1.00 50.04  ? 44   LEU A CD1 1 
ATOM   369  C CD2 . LEU A 1 43  ? -9.046  -12.041 -0.133  1.00 51.98  ? 44   LEU A CD2 1 
ATOM   370  N N   A GLU A 1 44  ? -9.137  -17.138 -2.151  0.50 57.14  ? 45   GLU A N   1 
ATOM   371  N N   B GLU A 1 44  ? -9.146  -17.141 -2.143  0.50 56.97  ? 45   GLU A N   1 
ATOM   372  C CA  A GLU A 1 44  ? -9.614  -18.099 -3.142  0.50 59.56  ? 45   GLU A CA  1 
ATOM   373  C CA  B GLU A 1 44  ? -9.613  -18.108 -3.134  0.50 59.25  ? 45   GLU A CA  1 
ATOM   374  C C   A GLU A 1 44  ? -11.135 -18.121 -3.260  0.50 59.87  ? 45   GLU A C   1 
ATOM   375  C C   B GLU A 1 44  ? -11.134 -18.087 -3.270  0.50 59.63  ? 45   GLU A C   1 
ATOM   376  O O   A GLU A 1 44  ? -11.677 -18.446 -4.315  0.50 60.02  ? 45   GLU A O   1 
ATOM   377  O O   B GLU A 1 44  ? -11.673 -18.348 -4.345  0.50 59.72  ? 45   GLU A O   1 
ATOM   378  C CB  A GLU A 1 44  ? -9.107  -19.502 -2.805  0.50 60.54  ? 45   GLU A CB  1 
ATOM   379  C CB  B GLU A 1 44  ? -9.184  -19.529 -2.749  0.50 59.90  ? 45   GLU A CB  1 
ATOM   380  C CG  A GLU A 1 44  ? -7.991  -19.990 -3.713  0.50 64.55  ? 45   GLU A CG  1 
ATOM   381  C CG  B GLU A 1 44  ? -10.150 -20.214 -1.781  0.50 63.43  ? 45   GLU A CG  1 
ATOM   382  C CD  A GLU A 1 44  ? -7.474  -21.357 -3.315  0.50 66.72  ? 45   GLU A CD  1 
ATOM   383  C CD  B GLU A 1 44  ? -9.812  -21.670 -1.511  0.50 65.07  ? 45   GLU A CD  1 
ATOM   384  O OE1 A GLU A 1 44  ? -8.299  -22.278 -3.145  0.50 69.62  ? 45   GLU A OE1 1 
ATOM   385  O OE1 B GLU A 1 44  ? -9.622  -22.438 -2.479  0.50 66.69  ? 45   GLU A OE1 1 
ATOM   386  O OE2 A GLU A 1 44  ? -6.240  -21.512 -3.177  0.50 68.05  ? 45   GLU A OE2 1 
ATOM   387  O OE2 B GLU A 1 44  ? -9.751  -22.050 -0.323  0.50 66.01  ? 45   GLU A OE2 1 
ATOM   388  N N   . ALA A 1 45  ? -11.819 -17.778 -2.175  1.00 60.33  ? 46   ALA A N   1 
ATOM   389  C CA  . ALA A 1 45  ? -13.282 -17.760 -2.161  1.00 62.16  ? 46   ALA A CA  1 
ATOM   390  C C   . ALA A 1 45  ? -13.906 -16.434 -2.600  1.00 59.88  ? 46   ALA A C   1 
ATOM   391  O O   . ALA A 1 45  ? -14.974 -16.419 -3.214  1.00 61.24  ? 46   ALA A O   1 
ATOM   392  C CB  . ALA A 1 45  ? -13.783 -18.125 -0.765  1.00 64.87  ? 46   ALA A CB  1 
ATOM   393  N N   . VAL A 1 46  ? -13.251 -15.328 -2.271  1.00 53.74  ? 47   VAL A N   1 
ATOM   394  C CA  . VAL A 1 46  ? -13.754 -14.017 -2.634  1.00 48.90  ? 47   VAL A CA  1 
ATOM   395  C C   . VAL A 1 46  ? -13.884 -13.924 -4.151  1.00 51.20  ? 47   VAL A C   1 
ATOM   396  O O   . VAL A 1 46  ? -12.961 -14.295 -4.876  1.00 51.91  ? 47   VAL A O   1 
ATOM   397  C CB  . VAL A 1 46  ? -12.798 -12.924 -2.153  1.00 47.04  ? 47   VAL A CB  1 
ATOM   398  C CG1 . VAL A 1 46  ? -13.438 -11.560 -2.316  1.00 44.75  ? 47   VAL A CG1 1 
ATOM   399  C CG2 . VAL A 1 46  ? -12.418 -13.178 -0.719  1.00 43.49  ? 47   VAL A CG2 1 
ATOM   400  N N   . GLU A 1 47  ? -15.027 -13.431 -4.625  1.00 51.32  ? 48   GLU A N   1 
ATOM   401  C CA  . GLU A 1 47  ? -15.257 -13.286 -6.059  1.00 54.61  ? 48   GLU A CA  1 
ATOM   402  C C   . GLU A 1 47  ? -14.732 -11.937 -6.536  1.00 53.65  ? 48   GLU A C   1 
ATOM   403  O O   . GLU A 1 47  ? -15.487 -10.987 -6.722  1.00 55.06  ? 48   GLU A O   1 
ATOM   404  C CB  . GLU A 1 47  ? -16.749 -13.407 -6.380  1.00 60.48  ? 48   GLU A CB  1 
ATOM   405  C CG  . GLU A 1 47  ? -17.372 -14.715 -5.893  1.00 72.36  ? 48   GLU A CG  1 
ATOM   406  C CD  . GLU A 1 47  ? -18.770 -14.958 -6.449  1.00 77.17  ? 48   GLU A CD  1 
ATOM   407  O OE1 . GLU A 1 47  ? -19.654 -14.094 -6.248  1.00 77.55  ? 48   GLU A OE1 1 
ATOM   408  O OE2 . GLU A 1 47  ? -18.981 -16.019 -7.084  1.00 80.32  ? 48   GLU A OE2 1 
ATOM   409  N N   . LEU A 1 48  ? -13.425 -11.869 -6.736  1.00 49.44  ? 49   LEU A N   1 
ATOM   410  C CA  . LEU A 1 48  ? -12.779 -10.646 -7.174  1.00 44.64  ? 49   LEU A CA  1 
ATOM   411  C C   . LEU A 1 48  ? -13.094 -10.357 -8.620  1.00 43.54  ? 49   LEU A C   1 
ATOM   412  O O   . LEU A 1 48  ? -12.938 -11.227 -9.467  1.00 43.37  ? 49   LEU A O   1 
ATOM   413  C CB  . LEU A 1 48  ? -11.273 -10.781 -7.007  1.00 41.70  ? 49   LEU A CB  1 
ATOM   414  C CG  . LEU A 1 48  ? -10.817 -10.996 -5.567  1.00 46.23  ? 49   LEU A CG  1 
ATOM   415  C CD1 . LEU A 1 48  ? -9.314  -11.247 -5.520  1.00 42.50  ? 49   LEU A CD1 1 
ATOM   416  C CD2 . LEU A 1 48  ? -11.191 -9.775  -4.737  1.00 44.61  ? 49   LEU A CD2 1 
ATOM   417  N N   . ALA A 1 49  ? -13.533 -9.138  -8.913  1.00 40.27  ? 50   ALA A N   1 
ATOM   418  C CA  . ALA A 1 49  ? -13.832 -8.786  -10.297 1.00 38.77  ? 50   ALA A CA  1 
ATOM   419  C C   . ALA A 1 49  ? -12.548 -8.322  -10.973 1.00 40.72  ? 50   ALA A C   1 
ATOM   420  O O   . ALA A 1 49  ? -12.414 -8.407  -12.195 1.00 43.18  ? 50   ALA A O   1 
ATOM   421  C CB  . ALA A 1 49  ? -14.882 -7.674  -10.357 1.00 36.08  ? 50   ALA A CB  1 
ATOM   422  N N   . ALA A 1 50  ? -11.603 -7.826  -10.178 1.00 40.40  ? 51   ALA A N   1 
ATOM   423  C CA  . ALA A 1 50  ? -10.342 -7.333  -10.731 1.00 42.33  ? 51   ALA A CA  1 
ATOM   424  C C   . ALA A 1 50  ? -9.304  -7.055  -9.663  1.00 40.73  ? 51   ALA A C   1 
ATOM   425  O O   . ALA A 1 50  ? -9.574  -7.153  -8.467  1.00 41.24  ? 51   ALA A O   1 
ATOM   426  C CB  . ALA A 1 50  ? -10.583 -6.065  -11.533 1.00 40.92  ? 51   ALA A CB  1 
ATOM   427  N N   . ILE A 1 51  ? -8.112  -6.695  -10.120 1.00 38.47  ? 52   ILE A N   1 
ATOM   428  C CA  . ILE A 1 51  ? -7.007  -6.384  -9.231  1.00 38.16  ? 52   ILE A CA  1 
ATOM   429  C C   . ILE A 1 51  ? -6.246  -5.163  -9.723  1.00 35.79  ? 52   ILE A C   1 
ATOM   430  O O   . ILE A 1 51  ? -5.845  -5.091  -10.890 1.00 36.89  ? 52   ILE A O   1 
ATOM   431  C CB  . ILE A 1 51  ? -6.001  -7.550  -9.139  1.00 38.23  ? 52   ILE A CB  1 
ATOM   432  C CG1 . ILE A 1 51  ? -6.671  -8.780  -8.523  1.00 42.12  ? 52   ILE A CG1 1 
ATOM   433  C CG2 . ILE A 1 51  ? -4.803  -7.127  -8.300  1.00 37.06  ? 52   ILE A CG2 1 
ATOM   434  C CD1 . ILE A 1 51  ? -5.788  -10.026 -8.537  1.00 40.43  ? 52   ILE A CD1 1 
ATOM   435  N N   . TYR A 1 52  ? -6.037  -4.212  -8.822  1.00 33.69  ? 53   TYR A N   1 
ATOM   436  C CA  . TYR A 1 52  ? -5.300  -3.004  -9.150  1.00 34.13  ? 53   TYR A CA  1 
ATOM   437  C C   . TYR A 1 52  ? -4.047  -2.974  -8.282  1.00 36.74  ? 53   TYR A C   1 
ATOM   438  O O   . TYR A 1 52  ? -4.091  -3.340  -7.096  1.00 35.37  ? 53   TYR A O   1 
ATOM   439  C CB  . TYR A 1 52  ? -6.162  -1.770  -8.870  1.00 32.03  ? 53   TYR A CB  1 
ATOM   440  C CG  . TYR A 1 52  ? -7.350  -1.629  -9.802  1.00 37.37  ? 53   TYR A CG  1 
ATOM   441  C CD1 . TYR A 1 52  ? -7.279  -0.813  -10.928 1.00 38.72  ? 53   TYR A CD1 1 
ATOM   442  C CD2 . TYR A 1 52  ? -8.542  -2.321  -9.565  1.00 38.27  ? 53   TYR A CD2 1 
ATOM   443  C CE1 . TYR A 1 52  ? -8.355  -0.687  -11.795 1.00 40.39  ? 53   TYR A CE1 1 
ATOM   444  C CE2 . TYR A 1 52  ? -9.632  -2.200  -10.429 1.00 40.20  ? 53   TYR A CE2 1 
ATOM   445  C CZ  . TYR A 1 52  ? -9.527  -1.379  -11.545 1.00 42.16  ? 53   TYR A CZ  1 
ATOM   446  O OH  . TYR A 1 52  ? -10.576 -1.256  -12.428 1.00 43.26  ? 53   TYR A OH  1 
ATOM   447  N N   . THR A 1 53  ? -2.938  -2.547  -8.876  1.00 34.13  ? 54   THR A N   1 
ATOM   448  C CA  . THR A 1 53  ? -1.670  -2.453  -8.166  1.00 41.95  ? 54   THR A CA  1 
ATOM   449  C C   . THR A 1 53  ? -0.916  -1.273  -8.732  1.00 41.96  ? 54   THR A C   1 
ATOM   450  O O   . THR A 1 53  ? -1.387  -0.606  -9.650  1.00 44.38  ? 54   THR A O   1 
ATOM   451  C CB  . THR A 1 53  ? -0.786  -3.709  -8.389  1.00 49.83  ? 54   THR A CB  1 
ATOM   452  O OG1 . THR A 1 53  ? -0.504  -3.856  -9.790  1.00 51.06  ? 54   THR A OG1 1 
ATOM   453  C CG2 . THR A 1 53  ? -1.496  -4.962  -7.896  1.00 52.94  ? 54   THR A CG2 1 
ATOM   454  N N   . SER A 1 54  ? 0.255   -1.004  -8.180  1.00 38.99  ? 55   SER A N   1 
ATOM   455  C CA  . SER A 1 54  ? 1.052   0.079   -8.708  1.00 42.78  ? 55   SER A CA  1 
ATOM   456  C C   . SER A 1 54  ? 1.841   -0.503  -9.888  1.00 45.13  ? 55   SER A C   1 
ATOM   457  O O   . SER A 1 54  ? 1.764   -1.707  -10.173 1.00 43.43  ? 55   SER A O   1 
ATOM   458  C CB  . SER A 1 54  ? 2.020   0.590   -7.650  1.00 42.51  ? 55   SER A CB  1 
ATOM   459  O OG  . SER A 1 54  ? 2.986   -0.396  -7.353  1.00 39.89  ? 55   SER A OG  1 
ATOM   460  N N   . THR A 1 55  ? 2.603   0.351   -10.562 1.00 45.54  ? 56   THR A N   1 
ATOM   461  C CA  . THR A 1 55  ? 3.417   -0.085  -11.688 1.00 47.18  ? 56   THR A CA  1 
ATOM   462  C C   . THR A 1 55  ? 4.752   -0.644  -11.168 1.00 48.97  ? 56   THR A C   1 
ATOM   463  O O   . THR A 1 55  ? 5.658   -0.964  -11.942 1.00 49.04  ? 56   THR A O   1 
ATOM   464  C CB  . THR A 1 55  ? 3.680   1.083   -12.640 1.00 44.62  ? 56   THR A CB  1 
ATOM   465  O OG1 . THR A 1 55  ? 4.096   2.221   -11.883 1.00 46.54  ? 56   THR A OG1 1 
ATOM   466  C CG2 . THR A 1 55  ? 2.418   1.441   -13.412 1.00 46.77  ? 56   THR A CG2 1 
ATOM   467  N N   . SER A 1 56  ? 4.865   -0.769  -9.850  1.00 46.78  ? 57   SER A N   1 
ATOM   468  C CA  . SER A 1 56  ? 6.087   -1.298  -9.260  1.00 46.90  ? 57   SER A CA  1 
ATOM   469  C C   . SER A 1 56  ? 6.145   -2.818  -9.371  1.00 46.87  ? 57   SER A C   1 
ATOM   470  O O   . SER A 1 56  ? 5.160   -3.511  -9.114  1.00 46.51  ? 57   SER A O   1 
ATOM   471  C CB  . SER A 1 56  ? 6.193   -0.885  -7.792  1.00 45.40  ? 57   SER A CB  1 
ATOM   472  O OG  . SER A 1 56  ? 6.500   0.495   -7.675  1.00 47.33  ? 57   SER A OG  1 
ATOM   473  N N   . GLY A 1 57  ? 7.316   -3.325  -9.742  1.00 45.40  ? 58   GLY A N   1 
ATOM   474  C CA  . GLY A 1 57  ? 7.494   -4.755  -9.891  1.00 42.77  ? 58   GLY A CA  1 
ATOM   475  C C   . GLY A 1 57  ? 7.133   -5.568  -8.666  1.00 44.60  ? 58   GLY A C   1 
ATOM   476  O O   . GLY A 1 57  ? 6.499   -6.610  -8.785  1.00 47.03  ? 58   GLY A O   1 
ATOM   477  N N   . ARG A 1 58  ? 7.510   -5.097  -7.484  1.00 45.57  ? 59   ARG A N   1 
ATOM   478  C CA  . ARG A 1 58  ? 7.227   -5.832  -6.255  1.00 44.16  ? 59   ARG A CA  1 
ATOM   479  C C   . ARG A 1 58  ? 5.727   -5.974  -6.013  1.00 44.68  ? 59   ARG A C   1 
ATOM   480  O O   . ARG A 1 58  ? 5.275   -6.954  -5.412  1.00 45.00  ? 59   ARG A O   1 
ATOM   481  C CB  . ARG A 1 58  ? 7.905   -5.138  -5.056  1.00 46.98  ? 59   ARG A CB  1 
ATOM   482  C CG  . ARG A 1 58  ? 7.133   -3.963  -4.458  1.00 50.64  ? 59   ARG A CG  1 
ATOM   483  C CD  . ARG A 1 58  ? 7.999   -3.047  -3.563  1.00 51.78  ? 59   ARG A CD  1 
ATOM   484  N NE  . ARG A 1 58  ? 8.678   -2.051  -4.378  1.00 52.62  ? 59   ARG A NE  1 
ATOM   485  C CZ  . ARG A 1 58  ? 8.664   -0.748  -4.149  1.00 49.25  ? 59   ARG A CZ  1 
ATOM   486  N NH1 . ARG A 1 58  ? 8.012   -0.245  -3.112  1.00 55.69  ? 59   ARG A NH1 1 
ATOM   487  N NH2 . ARG A 1 58  ? 9.281   0.056   -4.991  1.00 58.54  ? 59   ARG A NH2 1 
ATOM   488  N N   . ALA A 1 59  ? 4.953   -4.997  -6.480  1.00 44.07  ? 60   ALA A N   1 
ATOM   489  C CA  . ALA A 1 59  ? 3.507   -5.029  -6.295  1.00 43.38  ? 60   ALA A CA  1 
ATOM   490  C C   . ALA A 1 59  ? 2.885   -5.948  -7.338  1.00 43.33  ? 60   ALA A C   1 
ATOM   491  O O   . ALA A 1 59  ? 1.975   -6.724  -7.035  1.00 41.27  ? 60   ALA A O   1 
ATOM   492  C CB  . ALA A 1 59  ? 2.928   -3.621  -6.418  1.00 42.30  ? 60   ALA A CB  1 
ATOM   493  N N   . LEU A 1 60  ? 3.391   -5.872  -8.564  1.00 44.09  ? 61   LEU A N   1 
ATOM   494  C CA  . LEU A 1 60  ? 2.878   -6.704  -9.649  1.00 46.50  ? 61   LEU A CA  1 
ATOM   495  C C   . LEU A 1 60  ? 3.103   -8.192  -9.356  1.00 44.83  ? 61   LEU A C   1 
ATOM   496  O O   . LEU A 1 60  ? 2.237   -9.018  -9.623  1.00 46.33  ? 61   LEU A O   1 
ATOM   497  C CB  . LEU A 1 60  ? 3.548   -6.315  -10.975 1.00 44.80  ? 61   LEU A CB  1 
ATOM   498  C CG  . LEU A 1 60  ? 2.980   -7.000  -12.224 1.00 53.59  ? 61   LEU A CG  1 
ATOM   499  C CD1 . LEU A 1 60  ? 1.484   -6.734  -12.306 1.00 55.36  ? 61   LEU A CD1 1 
ATOM   500  C CD2 . LEU A 1 60  ? 3.684   -6.494  -13.484 1.00 52.18  ? 61   LEU A CD2 1 
ATOM   501  N N   . GLU A 1 61  ? 4.264   -8.519  -8.795  1.00 46.40  ? 62   GLU A N   1 
ATOM   502  C CA  . GLU A 1 61  ? 4.614   -9.899  -8.461  1.00 46.55  ? 62   GLU A CA  1 
ATOM   503  C C   . GLU A 1 61  ? 3.633   -10.446 -7.438  1.00 45.78  ? 62   GLU A C   1 
ATOM   504  O O   . GLU A 1 61  ? 3.128   -11.562 -7.568  1.00 46.43  ? 62   GLU A O   1 
ATOM   505  C CB  . GLU A 1 61  ? 6.010   -9.954  -7.853  1.00 53.53  ? 62   GLU A CB  1 
ATOM   506  C CG  . GLU A 1 61  ? 7.019   -10.811 -8.592  1.00 62.58  ? 62   GLU A CG  1 
ATOM   507  C CD  . GLU A 1 61  ? 8.319   -10.947 -7.812  1.00 67.77  ? 62   GLU A CD  1 
ATOM   508  O OE1 . GLU A 1 61  ? 8.405   -11.847 -6.948  1.00 69.42  ? 62   GLU A OE1 1 
ATOM   509  O OE2 . GLU A 1 61  ? 9.247   -10.139 -8.048  1.00 71.61  ? 62   GLU A OE2 1 
ATOM   510  N N   . THR A 1 62  ? 3.385   -9.648  -6.407  1.00 43.37  ? 63   THR A N   1 
ATOM   511  C CA  . THR A 1 62  ? 2.469   -10.034 -5.346  1.00 42.17  ? 63   THR A CA  1 
ATOM   512  C C   . THR A 1 62  ? 1.076   -10.275 -5.922  1.00 39.88  ? 63   THR A C   1 
ATOM   513  O O   . THR A 1 62  ? 0.399   -11.236 -5.564  1.00 39.43  ? 63   THR A O   1 
ATOM   514  C CB  . THR A 1 62  ? 2.377   -8.932  -4.284  1.00 44.70  ? 63   THR A CB  1 
ATOM   515  O OG1 . THR A 1 62  ? 3.695   -8.596  -3.829  1.00 42.73  ? 63   THR A OG1 1 
ATOM   516  C CG2 . THR A 1 62  ? 1.530   -9.400  -3.109  1.00 42.94  ? 63   THR A CG2 1 
ATOM   517  N N   . ALA A 1 63  ? 0.655   -9.398  -6.821  1.00 36.88  ? 64   ALA A N   1 
ATOM   518  C CA  . ALA A 1 63  ? -0.656  -9.536  -7.438  1.00 39.72  ? 64   ALA A CA  1 
ATOM   519  C C   . ALA A 1 63  ? -0.745  -10.809 -8.293  1.00 40.14  ? 64   ALA A C   1 
ATOM   520  O O   . ALA A 1 63  ? -1.759  -11.516 -8.257  1.00 38.09  ? 64   ALA A O   1 
ATOM   521  C CB  . ALA A 1 63  ? -0.966  -8.303  -8.285  1.00 35.33  ? 64   ALA A CB  1 
ATOM   522  N N   . GLU A 1 64  ? 0.306   -11.109 -9.055  1.00 37.03  ? 65   GLU A N   1 
ATOM   523  C CA  . GLU A 1 64  ? 0.279   -12.310 -9.883  1.00 39.13  ? 65   GLU A CA  1 
ATOM   524  C C   . GLU A 1 64  ? 0.264   -13.563 -9.021  1.00 38.77  ? 65   GLU A C   1 
ATOM   525  O O   . GLU A 1 64  ? -0.424  -14.527 -9.338  1.00 40.55  ? 65   GLU A O   1 
ATOM   526  C CB  . GLU A 1 64  ? 1.474   -12.344 -10.835 1.00 38.50  ? 65   GLU A CB  1 
ATOM   527  C CG  . GLU A 1 64  ? 1.488   -11.175 -11.802 1.00 45.04  ? 65   GLU A CG  1 
ATOM   528  C CD  . GLU A 1 64  ? 2.753   -11.103 -12.640 1.00 51.32  ? 65   GLU A CD  1 
ATOM   529  O OE1 . GLU A 1 64  ? 3.861   -11.231 -12.064 1.00 54.42  ? 65   GLU A OE1 1 
ATOM   530  O OE2 . GLU A 1 64  ? 2.635   -10.907 -13.872 1.00 52.83  ? 65   GLU A OE2 1 
ATOM   531  N N   . ILE A 1 65  ? 1.011   -13.549 -7.924  1.00 39.27  ? 66   ILE A N   1 
ATOM   532  C CA  . ILE A 1 65  ? 1.044   -14.707 -7.046  1.00 40.97  ? 66   ILE A CA  1 
ATOM   533  C C   . ILE A 1 65  ? -0.315  -14.904 -6.391  1.00 42.26  ? 66   ILE A C   1 
ATOM   534  O O   . ILE A 1 65  ? -0.774  -16.025 -6.220  1.00 43.30  ? 66   ILE A O   1 
ATOM   535  C CB  . ILE A 1 65  ? 2.109   -14.543 -5.950  1.00 42.89  ? 66   ILE A CB  1 
ATOM   536  C CG1 . ILE A 1 65  ? 3.504   -14.546 -6.589  1.00 45.27  ? 66   ILE A CG1 1 
ATOM   537  C CG2 . ILE A 1 65  ? 1.966   -15.653 -4.916  1.00 39.39  ? 66   ILE A CG2 1 
ATOM   538  C CD1 . ILE A 1 65  ? 4.650   -14.254 -5.622  1.00 38.94  ? 66   ILE A CD1 1 
ATOM   539  N N   . VAL A 1 66  ? -0.957  -13.802 -6.020  1.00 44.47  ? 67   VAL A N   1 
ATOM   540  C CA  . VAL A 1 66  ? -2.271  -13.865 -5.391  1.00 42.10  ? 67   VAL A CA  1 
ATOM   541  C C   . VAL A 1 66  ? -3.331  -14.317 -6.394  1.00 43.14  ? 67   VAL A C   1 
ATOM   542  O O   . VAL A 1 66  ? -4.173  -15.162 -6.083  1.00 42.22  ? 67   VAL A O   1 
ATOM   543  C CB  . VAL A 1 66  ? -2.654  -12.490 -4.799  1.00 43.80  ? 67   VAL A CB  1 
ATOM   544  C CG1 . VAL A 1 66  ? -4.120  -12.467 -4.409  1.00 41.52  ? 67   VAL A CG1 1 
ATOM   545  C CG2 . VAL A 1 66  ? -1.793  -12.216 -3.581  1.00 40.87  ? 67   VAL A CG2 1 
ATOM   546  N N   . ARG A 1 67  ? -3.302  -13.759 -7.601  1.00 42.20  ? 68   ARG A N   1 
ATOM   547  C CA  . ARG A 1 67  ? -4.273  -14.165 -8.613  1.00 41.68  ? 68   ARG A CA  1 
ATOM   548  C C   . ARG A 1 67  ? -4.083  -15.656 -8.914  1.00 43.51  ? 68   ARG A C   1 
ATOM   549  O O   . ARG A 1 67  ? -5.048  -16.375 -9.173  1.00 46.90  ? 68   ARG A O   1 
ATOM   550  C CB  . ARG A 1 67  ? -4.091  -13.343 -9.888  1.00 37.07  ? 68   ARG A CB  1 
ATOM   551  C CG  . ARG A 1 67  ? -5.010  -13.754 -11.006 1.00 36.15  ? 68   ARG A CG  1 
ATOM   552  C CD  . ARG A 1 67  ? -4.911  -12.809 -12.193 1.00 38.89  ? 68   ARG A CD  1 
ATOM   553  N NE  . ARG A 1 67  ? -3.567  -12.769 -12.758 1.00 38.38  ? 68   ARG A NE  1 
ATOM   554  C CZ  . ARG A 1 67  ? -3.246  -12.081 -13.844 1.00 38.06  ? 68   ARG A CZ  1 
ATOM   555  N NH1 . ARG A 1 67  ? -4.175  -11.381 -14.477 1.00 36.69  ? 68   ARG A NH1 1 
ATOM   556  N NH2 . ARG A 1 67  ? -2.004  -12.096 -14.301 1.00 40.44  ? 68   ARG A NH2 1 
ATOM   557  N N   . GLY A 1 68  ? -2.829  -16.104 -8.888  1.00 43.57  ? 69   GLY A N   1 
ATOM   558  C CA  . GLY A 1 68  ? -2.512  -17.506 -9.132  1.00 41.86  ? 69   GLY A CA  1 
ATOM   559  C C   . GLY A 1 68  ? -3.160  -18.208 -10.312 1.00 43.29  ? 69   GLY A C   1 
ATOM   560  O O   . GLY A 1 68  ? -3.595  -19.354 -10.194 1.00 40.22  ? 69   GLY A O   1 
ATOM   561  N N   . GLY A 1 69  ? -3.214  -17.540 -11.458 1.00 45.04  ? 70   GLY A N   1 
ATOM   562  C CA  . GLY A 1 69  ? -3.817  -18.157 -12.626 1.00 45.13  ? 70   GLY A CA  1 
ATOM   563  C C   . GLY A 1 69  ? -5.322  -17.956 -12.759 1.00 47.95  ? 70   GLY A C   1 
ATOM   564  O O   . GLY A 1 69  ? -5.887  -18.294 -13.800 1.00 45.95  ? 70   GLY A O   1 
ATOM   565  N N   . ARG A 1 70  ? -5.981  -17.428 -11.724 1.00 47.96  ? 71   ARG A N   1 
ATOM   566  C CA  . ARG A 1 70  ? -7.428  -17.196 -11.789 1.00 47.49  ? 71   ARG A CA  1 
ATOM   567  C C   . ARG A 1 70  ? -7.730  -16.231 -12.926 1.00 47.68  ? 71   ARG A C   1 
ATOM   568  O O   . ARG A 1 70  ? -6.916  -15.376 -13.248 1.00 44.21  ? 71   ARG A O   1 
ATOM   569  C CB  . ARG A 1 70  ? -7.946  -16.604 -10.480 1.00 47.12  ? 71   ARG A CB  1 
ATOM   570  C CG  . ARG A 1 70  ? -7.933  -17.570 -9.316  1.00 49.15  ? 71   ARG A CG  1 
ATOM   571  C CD  . ARG A 1 70  ? -8.234  -16.859 -7.997  1.00 48.77  ? 71   ARG A CD  1 
ATOM   572  N NE  . ARG A 1 70  ? -9.602  -16.354 -7.919  1.00 50.43  ? 71   ARG A NE  1 
ATOM   573  C CZ  . ARG A 1 70  ? -10.107 -15.721 -6.861  1.00 52.03  ? 71   ARG A CZ  1 
ATOM   574  N NH1 . ARG A 1 70  ? -9.359  -15.505 -5.780  1.00 44.79  ? 71   ARG A NH1 1 
ATOM   575  N NH2 . ARG A 1 70  ? -11.369 -15.306 -6.878  1.00 45.27  ? 71   ARG A NH2 1 
ATOM   576  N N   . LEU A 1 71  ? -8.890  -16.377 -13.550 1.00 51.49  ? 72   LEU A N   1 
ATOM   577  C CA  . LEU A 1 71  ? -9.260  -15.488 -14.637 1.00 52.73  ? 72   LEU A CA  1 
ATOM   578  C C   . LEU A 1 71  ? -9.644  -14.157 -13.995 1.00 54.76  ? 72   LEU A C   1 
ATOM   579  O O   . LEU A 1 71  ? -10.791 -13.958 -13.609 1.00 57.56  ? 72   LEU A O   1 
ATOM   580  C CB  . LEU A 1 71  ? -10.444 -16.058 -15.420 1.00 52.33  ? 72   LEU A CB  1 
ATOM   581  C CG  . LEU A 1 71  ? -10.812 -15.317 -16.716 1.00 60.82  ? 72   LEU A CG  1 
ATOM   582  C CD1 . LEU A 1 71  ? -9.626  -15.330 -17.686 1.00 58.09  ? 72   LEU A CD1 1 
ATOM   583  C CD2 . LEU A 1 71  ? -12.030 -15.975 -17.360 1.00 59.02  ? 72   LEU A CD2 1 
ATOM   584  N N   . ILE A 1 72  ? -8.666  -13.265 -13.859 1.00 53.51  ? 73   ILE A N   1 
ATOM   585  C CA  . ILE A 1 72  ? -8.879  -11.950 -13.252 1.00 49.31  ? 73   ILE A CA  1 
ATOM   586  C C   . ILE A 1 72  ? -7.940  -10.932 -13.896 1.00 47.54  ? 73   ILE A C   1 
ATOM   587  O O   . ILE A 1 72  ? -6.736  -11.162 -14.007 1.00 51.06  ? 73   ILE A O   1 
ATOM   588  C CB  . ILE A 1 72  ? -8.580  -11.961 -11.730 1.00 46.26  ? 73   ILE A CB  1 
ATOM   589  C CG1 . ILE A 1 72  ? -9.400  -13.047 -11.034 1.00 45.28  ? 73   ILE A CG1 1 
ATOM   590  C CG2 . ILE A 1 72  ? -8.912  -10.596 -11.130 1.00 46.97  ? 73   ILE A CG2 1 
ATOM   591  C CD1 . ILE A 1 72  ? -9.163  -13.117 -9.532  1.00 44.55  ? 73   ILE A CD1 1 
ATOM   592  N N   . PRO A 1 73  ? -8.476  -9.789  -14.331 1.00 44.28  ? 74   PRO A N   1 
ATOM   593  C CA  . PRO A 1 73  ? -7.581  -8.813  -14.947 1.00 41.94  ? 74   PRO A CA  1 
ATOM   594  C C   . PRO A 1 73  ? -6.814  -8.054  -13.888 1.00 41.32  ? 74   PRO A C   1 
ATOM   595  O O   . PRO A 1 73  ? -7.329  -7.794  -12.802 1.00 44.51  ? 74   PRO A O   1 
ATOM   596  C CB  . PRO A 1 73  ? -8.542  -7.900  -15.707 1.00 44.48  ? 74   PRO A CB  1 
ATOM   597  C CG  . PRO A 1 73  ? -9.763  -7.883  -14.802 1.00 41.69  ? 74   PRO A CG  1 
ATOM   598  C CD  . PRO A 1 73  ? -9.886  -9.343  -14.385 1.00 44.23  ? 74   PRO A CD  1 
ATOM   599  N N   . ILE A 1 74  ? -5.573  -7.719  -14.191 1.00 38.83  ? 75   ILE A N   1 
ATOM   600  C CA  . ILE A 1 74  ? -4.770  -6.930  -13.271 1.00 39.02  ? 75   ILE A CA  1 
ATOM   601  C C   . ILE A 1 74  ? -4.516  -5.611  -13.971 1.00 40.38  ? 75   ILE A C   1 
ATOM   602  O O   . ILE A 1 74  ? -4.088  -5.594  -15.123 1.00 42.05  ? 75   ILE A O   1 
ATOM   603  C CB  . ILE A 1 74  ? -3.416  -7.589  -12.952 1.00 36.94  ? 75   ILE A CB  1 
ATOM   604  C CG1 . ILE A 1 74  ? -3.630  -8.742  -11.972 1.00 36.68  ? 75   ILE A CG1 1 
ATOM   605  C CG2 . ILE A 1 74  ? -2.455  -6.555  -12.368 1.00 36.67  ? 75   ILE A CG2 1 
ATOM   606  C CD1 . ILE A 1 74  ? -2.366  -9.504  -11.626 1.00 34.89  ? 75   ILE A CD1 1 
ATOM   607  N N   . TYR A 1 75  ? -4.812  -4.512  -13.288 1.00 38.17  ? 76   TYR A N   1 
ATOM   608  C CA  . TYR A 1 75  ? -4.599  -3.193  -13.852 1.00 40.08  ? 76   TYR A CA  1 
ATOM   609  C C   . TYR A 1 75  ? -3.567  -2.513  -12.986 1.00 41.36  ? 76   TYR A C   1 
ATOM   610  O O   . TYR A 1 75  ? -3.548  -2.693  -11.770 1.00 44.36  ? 76   TYR A O   1 
ATOM   611  C CB  . TYR A 1 75  ? -5.882  -2.364  -13.836 1.00 40.10  ? 76   TYR A CB  1 
ATOM   612  C CG  . TYR A 1 75  ? -7.028  -2.945  -14.620 1.00 43.11  ? 76   TYR A CG  1 
ATOM   613  C CD1 . TYR A 1 75  ? -7.001  -2.989  -16.019 1.00 46.60  ? 76   TYR A CD1 1 
ATOM   614  C CD2 . TYR A 1 75  ? -8.154  -3.431  -13.968 1.00 43.13  ? 76   TYR A CD2 1 
ATOM   615  C CE1 . TYR A 1 75  ? -8.088  -3.508  -16.749 1.00 43.13  ? 76   TYR A CE1 1 
ATOM   616  C CE2 . TYR A 1 75  ? -9.232  -3.949  -14.676 1.00 43.95  ? 76   TYR A CE2 1 
ATOM   617  C CZ  . TYR A 1 75  ? -9.196  -3.987  -16.063 1.00 44.75  ? 76   TYR A CZ  1 
ATOM   618  O OH  . TYR A 1 75  ? -10.263 -4.541  -16.740 1.00 45.15  ? 76   TYR A OH  1 
ATOM   619  N N   . GLN A 1 76  ? -2.710  -1.728  -13.620 1.00 43.11  ? 77   GLN A N   1 
ATOM   620  C CA  . GLN A 1 76  ? -1.664  -1.008  -12.921 1.00 43.19  ? 77   GLN A CA  1 
ATOM   621  C C   . GLN A 1 76  ? -1.985  0.467   -13.026 1.00 45.86  ? 77   GLN A C   1 
ATOM   622  O O   . GLN A 1 76  ? -2.301  0.957   -14.111 1.00 45.63  ? 77   GLN A O   1 
ATOM   623  C CB  . GLN A 1 76  ? -0.316  -1.283  -13.575 1.00 42.49  ? 77   GLN A CB  1 
ATOM   624  C CG  . GLN A 1 76  ? 0.106   -2.736  -13.536 1.00 43.44  ? 77   GLN A CG  1 
ATOM   625  C CD  . GLN A 1 76  ? 1.481   -2.934  -14.136 1.00 51.14  ? 77   GLN A CD  1 
ATOM   626  O OE1 . GLN A 1 76  ? 2.453   -2.315  -13.697 1.00 56.33  ? 77   GLN A OE1 1 
ATOM   627  N NE2 . GLN A 1 76  ? 1.576   -3.797  -15.144 1.00 51.28  ? 77   GLN A NE2 1 
ATOM   628  N N   . ASP A 1 77  ? -1.900  1.173   -11.900 1.00 45.91  ? 78   ASP A N   1 
ATOM   629  C CA  . ASP A 1 77  ? -2.191  2.600   -11.868 1.00 42.87  ? 78   ASP A CA  1 
ATOM   630  C C   . ASP A 1 77  ? -1.017  3.324   -11.220 1.00 44.68  ? 78   ASP A C   1 
ATOM   631  O O   . ASP A 1 77  ? -0.608  2.981   -10.107 1.00 46.41  ? 78   ASP A O   1 
ATOM   632  C CB  . ASP A 1 77  ? -3.471  2.851   -11.059 1.00 43.59  ? 78   ASP A CB  1 
ATOM   633  C CG  . ASP A 1 77  ? -4.080  4.231   -11.318 1.00 47.39  ? 78   ASP A CG  1 
ATOM   634  O OD1 . ASP A 1 77  ? -3.376  5.261   -11.230 1.00 45.60  ? 78   ASP A OD1 1 
ATOM   635  O OD2 . ASP A 1 77  ? -5.289  4.287   -11.609 1.00 56.68  ? 78   ASP A OD2 1 
ATOM   636  N N   . GLU A 1 78  ? -0.469  4.319   -11.906 1.00 41.90  ? 79   GLU A N   1 
ATOM   637  C CA  . GLU A 1 78  ? 0.649   5.071   -11.352 1.00 43.21  ? 79   GLU A CA  1 
ATOM   638  C C   . GLU A 1 78  ? 0.298   5.705   -10.004 1.00 45.05  ? 79   GLU A C   1 
ATOM   639  O O   . GLU A 1 78  ? 1.167   5.837   -9.122  1.00 42.08  ? 79   GLU A O   1 
ATOM   640  C CB  . GLU A 1 78  ? 1.093   6.185   -12.311 1.00 45.17  ? 79   GLU A CB  1 
ATOM   641  C CG  . GLU A 1 78  ? 2.135   5.768   -13.332 1.00 54.25  ? 79   GLU A CG  1 
ATOM   642  C CD  . GLU A 1 78  ? 1.532   5.145   -14.568 1.00 56.41  ? 79   GLU A CD  1 
ATOM   643  O OE1 . GLU A 1 78  ? 0.376   4.672   -14.497 1.00 59.05  ? 79   GLU A OE1 1 
ATOM   644  O OE2 . GLU A 1 78  ? 2.224   5.120   -15.606 1.00 59.07  ? 79   GLU A OE2 1 
ATOM   645  N N   . ARG A 1 79  ? -0.968  6.093   -9.849  1.00 39.70  ? 80   ARG A N   1 
ATOM   646  C CA  . ARG A 1 79  ? -1.423  6.742   -8.625  1.00 41.84  ? 80   ARG A CA  1 
ATOM   647  C C   . ARG A 1 79  ? -1.338  5.872   -7.380  1.00 41.72  ? 80   ARG A C   1 
ATOM   648  O O   . ARG A 1 79  ? -1.633  6.338   -6.277  1.00 45.94  ? 80   ARG A O   1 
ATOM   649  C CB  . ARG A 1 79  ? -2.853  7.262   -8.808  1.00 41.64  ? 80   ARG A CB  1 
ATOM   650  C CG  . ARG A 1 79  ? -2.941  8.411   -9.820  1.00 41.19  ? 80   ARG A CG  1 
ATOM   651  C CD  . ARG A 1 79  ? -4.367  8.679   -10.271 1.00 38.64  ? 80   ARG A CD  1 
ATOM   652  N NE  . ARG A 1 79  ? -4.991  7.503   -10.872 1.00 40.84  ? 80   ARG A NE  1 
ATOM   653  C CZ  . ARG A 1 79  ? -6.201  7.504   -11.434 1.00 46.29  ? 80   ARG A CZ  1 
ATOM   654  N NH1 . ARG A 1 79  ? -6.920  8.623   -11.472 1.00 43.34  ? 80   ARG A NH1 1 
ATOM   655  N NH2 . ARG A 1 79  ? -6.704  6.386   -11.952 1.00 41.55  ? 80   ARG A NH2 1 
ATOM   656  N N   . LEU A 1 80  ? -0.923  4.622   -7.553  1.00 36.27  ? 81   LEU A N   1 
ATOM   657  C CA  . LEU A 1 80  ? -0.798  3.702   -6.437  1.00 34.88  ? 81   LEU A CA  1 
ATOM   658  C C   . LEU A 1 80  ? 0.660   3.401   -6.118  1.00 37.82  ? 81   LEU A C   1 
ATOM   659  O O   . LEU A 1 80  ? 0.962   2.508   -5.322  1.00 37.59  ? 81   LEU A O   1 
ATOM   660  C CB  . LEU A 1 80  ? -1.540  2.395   -6.729  1.00 35.98  ? 81   LEU A CB  1 
ATOM   661  C CG  . LEU A 1 80  ? -3.068  2.465   -6.704  1.00 35.84  ? 81   LEU A CG  1 
ATOM   662  C CD1 . LEU A 1 80  ? -3.651  1.144   -7.191  1.00 35.17  ? 81   LEU A CD1 1 
ATOM   663  C CD2 . LEU A 1 80  ? -3.541  2.772   -5.295  1.00 34.66  ? 81   LEU A CD2 1 
ATOM   664  N N   . ARG A 1 81  ? 1.571   4.132   -6.753  1.00 39.63  ? 82   ARG A N   1 
ATOM   665  C CA  . ARG A 1 81  ? 2.992   3.948   -6.469  1.00 40.42  ? 82   ARG A CA  1 
ATOM   666  C C   . ARG A 1 81  ? 3.280   4.388   -5.028  1.00 41.02  ? 82   ARG A C   1 
ATOM   667  O O   . ARG A 1 81  ? 2.490   5.110   -4.419  1.00 39.54  ? 82   ARG A O   1 
ATOM   668  C CB  . ARG A 1 81  ? 3.845   4.771   -7.436  1.00 35.00  ? 82   ARG A CB  1 
ATOM   669  C CG  . ARG A 1 81  ? 3.976   4.138   -8.823  1.00 34.07  ? 82   ARG A CG  1 
ATOM   670  C CD  . ARG A 1 81  ? 4.735   5.051   -9.803  1.00 37.72  ? 82   ARG A CD  1 
ATOM   671  N NE  . ARG A 1 81  ? 4.091   6.356   -9.984  1.00 34.74  ? 82   ARG A NE  1 
ATOM   672  C CZ  . ARG A 1 81  ? 4.451   7.254   -10.900 1.00 40.88  ? 82   ARG A CZ  1 
ATOM   673  N NH1 . ARG A 1 81  ? 5.451   6.998   -11.736 1.00 40.18  ? 82   ARG A NH1 1 
ATOM   674  N NH2 . ARG A 1 81  ? 3.820   8.422   -10.980 1.00 37.25  ? 82   ARG A NH2 1 
ATOM   675  N N   . GLU A 1 82  ? 4.395   3.930   -4.474  1.00 41.33  ? 83   GLU A N   1 
ATOM   676  C CA  . GLU A 1 82  ? 4.768   4.308   -3.124  1.00 40.25  ? 83   GLU A CA  1 
ATOM   677  C C   . GLU A 1 82  ? 5.202   5.771   -3.192  1.00 43.18  ? 83   GLU A C   1 
ATOM   678  O O   . GLU A 1 82  ? 5.449   6.316   -4.275  1.00 43.44  ? 83   GLU A O   1 
ATOM   679  C CB  . GLU A 1 82  ? 5.927   3.429   -2.634  1.00 41.22  ? 83   GLU A CB  1 
ATOM   680  C CG  . GLU A 1 82  ? 6.504   3.796   -1.275  1.00 43.93  ? 83   GLU A CG  1 
ATOM   681  C CD  . GLU A 1 82  ? 5.511   3.607   -0.129  1.00 50.69  ? 83   GLU A CD  1 
ATOM   682  O OE1 . GLU A 1 82  ? 4.453   4.275   -0.134  1.00 55.11  ? 83   GLU A OE1 1 
ATOM   683  O OE2 . GLU A 1 82  ? 5.789   2.791   0.776   1.00 50.96  ? 83   GLU A OE2 1 
ATOM   684  N N   . ILE A 1 83  ? 5.282   6.414   -2.037  1.00 40.37  ? 84   ILE A N   1 
ATOM   685  C CA  . ILE A 1 83  ? 5.696   7.799   -1.990  1.00 38.54  ? 84   ILE A CA  1 
ATOM   686  C C   . ILE A 1 83  ? 7.058   7.930   -2.682  1.00 40.13  ? 84   ILE A C   1 
ATOM   687  O O   . ILE A 1 83  ? 7.952   7.105   -2.484  1.00 38.58  ? 84   ILE A O   1 
ATOM   688  C CB  . ILE A 1 83  ? 5.770   8.277   -0.512  1.00 37.73  ? 84   ILE A CB  1 
ATOM   689  C CG1 . ILE A 1 83  ? 6.316   9.699   -0.441  1.00 37.13  ? 84   ILE A CG1 1 
ATOM   690  C CG2 . ILE A 1 83  ? 6.626   7.306   0.305   1.00 33.41  ? 84   ILE A CG2 1 
ATOM   691  C CD1 . ILE A 1 83  ? 6.113   10.359  0.923   1.00 38.41  ? 84   ILE A CD1 1 
ATOM   692  N N   . HIS A 1 84  ? 7.204   8.946   -3.523  1.00 40.40  ? 85   HIS A N   1 
ATOM   693  C CA  . HIS A 1 84  ? 8.464   9.167   -4.210  1.00 39.27  ? 85   HIS A CA  1 
ATOM   694  C C   . HIS A 1 84  ? 9.402   9.775   -3.188  1.00 41.57  ? 85   HIS A C   1 
ATOM   695  O O   . HIS A 1 84  ? 9.211   10.908  -2.763  1.00 40.60  ? 85   HIS A O   1 
ATOM   696  C CB  . HIS A 1 84  ? 8.272   10.122  -5.386  1.00 41.30  ? 85   HIS A CB  1 
ATOM   697  C CG  . HIS A 1 84  ? 9.526   10.394  -6.152  1.00 44.85  ? 85   HIS A CG  1 
ATOM   698  N ND1 . HIS A 1 84  ? 10.429  11.364  -5.780  1.00 52.29  ? 85   HIS A ND1 1 
ATOM   699  C CD2 . HIS A 1 84  ? 10.057  9.785   -7.238  1.00 51.31  ? 85   HIS A CD2 1 
ATOM   700  C CE1 . HIS A 1 84  ? 11.462  11.341  -6.604  1.00 53.93  ? 85   HIS A CE1 1 
ATOM   701  N NE2 . HIS A 1 84  ? 11.261  10.389  -7.496  1.00 48.95  ? 85   HIS A NE2 1 
ATOM   702  N N   . LEU A 1 85  ? 10.414  9.014   -2.795  1.00 45.43  ? 86   LEU A N   1 
ATOM   703  C CA  . LEU A 1 85  ? 11.375  9.458   -1.796  1.00 46.31  ? 86   LEU A CA  1 
ATOM   704  C C   . LEU A 1 85  ? 12.583  10.257  -2.291  1.00 48.69  ? 86   LEU A C   1 
ATOM   705  O O   . LEU A 1 85  ? 13.514  10.503  -1.518  1.00 46.31  ? 86   LEU A O   1 
ATOM   706  C CB  . LEU A 1 85  ? 11.849  8.242   -1.011  1.00 47.67  ? 86   LEU A CB  1 
ATOM   707  C CG  . LEU A 1 85  ? 10.721  7.587   -0.207  1.00 52.41  ? 86   LEU A CG  1 
ATOM   708  C CD1 . LEU A 1 85  ? 11.165  6.231   0.317   1.00 51.68  ? 86   LEU A CD1 1 
ATOM   709  C CD2 . LEU A 1 85  ? 10.329  8.518   0.943   1.00 50.41  ? 86   LEU A CD2 1 
ATOM   710  N N   . GLY A 1 86  ? 12.572  10.663  -3.561  1.00 49.45  ? 87   GLY A N   1 
ATOM   711  C CA  . GLY A 1 86  ? 13.693  11.419  -4.097  1.00 48.61  ? 87   GLY A CA  1 
ATOM   712  C C   . GLY A 1 86  ? 15.074  10.847  -3.798  1.00 48.36  ? 87   GLY A C   1 
ATOM   713  O O   . GLY A 1 86  ? 15.352  9.674   -4.035  1.00 47.90  ? 87   GLY A O   1 
ATOM   714  N N   . ASP A 1 87  ? 15.938  11.687  -3.248  1.00 50.64  ? 88   ASP A N   1 
ATOM   715  C CA  . ASP A 1 87  ? 17.315  11.323  -2.927  1.00 54.70  ? 88   ASP A CA  1 
ATOM   716  C C   . ASP A 1 87  ? 17.518  10.204  -1.913  1.00 53.30  ? 88   ASP A C   1 
ATOM   717  O O   . ASP A 1 87  ? 18.621  9.661   -1.776  1.00 54.27  ? 88   ASP A O   1 
ATOM   718  C CB  . ASP A 1 87  ? 18.041  12.566  -2.430  1.00 63.40  ? 88   ASP A CB  1 
ATOM   719  C CG  . ASP A 1 87  ? 19.546  12.394  -2.420  1.00 74.76  ? 88   ASP A CG  1 
ATOM   720  O OD1 . ASP A 1 87  ? 20.023  11.263  -2.684  1.00 79.91  ? 88   ASP A OD1 1 
ATOM   721  O OD2 . ASP A 1 87  ? 20.265  13.383  -2.158  1.00 81.44  ? 88   ASP A OD2 1 
ATOM   722  N N   . TRP A 1 88  ? 16.466  9.875   -1.198  1.00 50.31  ? 89   TRP A N   1 
ATOM   723  C CA  . TRP A 1 88  ? 16.566  8.835   -0.185  1.00 48.80  ? 89   TRP A CA  1 
ATOM   724  C C   . TRP A 1 88  ? 16.517  7.407   -0.712  1.00 47.06  ? 89   TRP A C   1 
ATOM   725  O O   . TRP A 1 88  ? 16.917  6.442   -0.029  1.00 44.87  ? 89   TRP A O   1 
ATOM   726  C CB  . TRP A 1 88  ? 15.422  9.006   0.817   1.00 48.91  ? 89   TRP A CB  1 
ATOM   727  C CG  . TRP A 1 88  ? 15.551  10.192  1.699   1.00 49.34  ? 89   TRP A CG  1 
ATOM   728  C CD1 . TRP A 1 88  ? 16.494  11.192  1.606   1.00 49.97  ? 89   TRP A CD1 1 
ATOM   729  C CD2 . TRP A 1 88  ? 14.723  10.534  2.814   1.00 49.51  ? 89   TRP A CD2 1 
ATOM   730  N NE1 . TRP A 1 88  ? 16.301  12.127  2.588   1.00 51.18  ? 89   TRP A NE1 1 
ATOM   731  C CE2 . TRP A 1 88  ? 15.223  11.753  3.346   1.00 50.24  ? 89   TRP A CE2 1 
ATOM   732  C CE3 . TRP A 1 88  ? 13.611  9.942   3.422   1.00 49.24  ? 89   TRP A CE3 1 
ATOM   733  C CZ2 . TRP A 1 88  ? 14.643  12.379  4.461   1.00 50.08  ? 89   TRP A CZ2 1 
ATOM   734  C CZ3 . TRP A 1 88  ? 13.047  10.574  4.524   1.00 50.41  ? 89   TRP A CZ3 1 
ATOM   735  C CH2 . TRP A 1 88  ? 13.559  11.768  5.027   1.00 50.12  ? 89   TRP A CH2 1 
ATOM   736  N N   . GLU A 1 89  ? 16.074  7.255   -1.947  1.00 45.60  ? 90   GLU A N   1 
ATOM   737  C CA  . GLU A 1 89  ? 15.903  5.891   -2.408  1.00 47.07  ? 90   GLU A CA  1 
ATOM   738  C C   . GLU A 1 89  ? 17.173  5.114   -2.654  1.00 48.00  ? 90   GLU A C   1 
ATOM   739  O O   . GLU A 1 89  ? 18.193  5.642   -3.074  1.00 51.25  ? 90   GLU A O   1 
ATOM   740  C CB  . GLU A 1 89  ? 14.979  5.861   -3.616  1.00 46.40  ? 90   GLU A CB  1 
ATOM   741  C CG  . GLU A 1 89  ? 13.697  6.709   -3.398  1.00 47.04  ? 90   GLU A CG  1 
ATOM   742  C CD  . GLU A 1 89  ? 12.711  6.591   -4.542  1.00 43.77  ? 90   GLU A CD  1 
ATOM   743  O OE1 . GLU A 1 89  ? 13.189  6.293   -5.654  1.00 38.31  ? 90   GLU A OE1 1 
ATOM   744  O OE2 . GLU A 1 89  ? 11.485  6.795   -4.343  1.00 48.34  ? 90   GLU A OE2 1 
ATOM   745  N N   . GLY A 1 90  ? 17.101  3.856   -2.280  1.00 49.54  ? 91   GLY A N   1 
ATOM   746  C CA  . GLY A 1 90  ? 18.226  2.979   -2.425  1.00 53.65  ? 91   GLY A CA  1 
ATOM   747  C C   . GLY A 1 90  ? 19.251  3.167   -1.330  1.00 55.26  ? 91   GLY A C   1 
ATOM   748  O O   . GLY A 1 90  ? 20.308  2.532   -1.371  1.00 56.08  ? 91   GLY A O   1 
ATOM   749  N N   . LYS A 1 91  ? 18.949  4.036   -0.365  1.00 55.86  ? 92   LYS A N   1 
ATOM   750  C CA  . LYS A 1 91  ? 19.838  4.330   0.741   1.00 55.70  ? 92   LYS A CA  1 
ATOM   751  C C   . LYS A 1 91  ? 19.256  3.814   2.046   1.00 55.92  ? 92   LYS A C   1 
ATOM   752  O O   . LYS A 1 91  ? 18.037  3.801   2.240   1.00 56.08  ? 92   LYS A O   1 
ATOM   753  C CB  . LYS A 1 91  ? 20.080  5.834   0.805   1.00 56.62  ? 92   LYS A CB  1 
ATOM   754  C CG  . LYS A 1 91  ? 20.702  6.351   -0.465  1.00 58.37  ? 92   LYS A CG  1 
ATOM   755  C CD  . LYS A 1 91  ? 21.032  7.807   -0.367  1.00 62.80  ? 92   LYS A CD  1 
ATOM   756  C CE  . LYS A 1 91  ? 21.741  8.269   -1.622  1.00 64.51  ? 92   LYS A CE  1 
ATOM   757  N NZ  . LYS A 1 91  ? 22.139  9.703   -1.513  1.00 70.16  ? 92   LYS A NZ  1 
ATOM   758  N N   . THR A 1 92  ? 20.142  3.370   2.931   1.00 57.60  ? 93   THR A N   1 
ATOM   759  C CA  . THR A 1 92  ? 19.744  2.840   4.235   1.00 59.16  ? 93   THR A CA  1 
ATOM   760  C C   . THR A 1 92  ? 19.367  3.964   5.211   1.00 57.46  ? 93   THR A C   1 
ATOM   761  O O   . THR A 1 92  ? 19.685  5.128   4.982   1.00 53.81  ? 93   THR A O   1 
ATOM   762  C CB  . THR A 1 92  ? 20.894  2.000   4.832   1.00 62.47  ? 93   THR A CB  1 
ATOM   763  O OG1 . THR A 1 92  ? 20.586  1.641   6.185   1.00 67.57  ? 93   THR A OG1 1 
ATOM   764  C CG2 . THR A 1 92  ? 22.198  2.793   4.792   1.00 59.90  ? 93   THR A CG2 1 
ATOM   765  N N   . HIS A 1 93  ? 18.680  3.617   6.294   1.00 60.03  ? 94   HIS A N   1 
ATOM   766  C CA  . HIS A 1 93  ? 18.279  4.611   7.282   1.00 63.51  ? 94   HIS A CA  1 
ATOM   767  C C   . HIS A 1 93  ? 19.491  5.328   7.871   1.00 64.46  ? 94   HIS A C   1 
ATOM   768  O O   . HIS A 1 93  ? 19.530  6.561   7.921   1.00 61.31  ? 94   HIS A O   1 
ATOM   769  C CB  . HIS A 1 93  ? 17.465  3.950   8.392   1.00 64.45  ? 94   HIS A CB  1 
ATOM   770  C CG  . HIS A 1 93  ? 16.124  3.462   7.943   1.00 67.56  ? 94   HIS A CG  1 
ATOM   771  N ND1 . HIS A 1 93  ? 15.221  2.872   8.799   1.00 69.19  ? 94   HIS A ND1 1 
ATOM   772  C CD2 . HIS A 1 93  ? 15.530  3.485   6.725   1.00 69.26  ? 94   HIS A CD2 1 
ATOM   773  C CE1 . HIS A 1 93  ? 14.126  2.552   8.129   1.00 69.13  ? 94   HIS A CE1 1 
ATOM   774  N NE2 . HIS A 1 93  ? 14.289  2.914   6.869   1.00 68.94  ? 94   HIS A NE2 1 
ATOM   775  N N   . ASP A 1 94  ? 20.483  4.558   8.312   1.00 66.48  ? 95   ASP A N   1 
ATOM   776  C CA  . ASP A 1 94  ? 21.693  5.149   8.874   1.00 70.38  ? 95   ASP A CA  1 
ATOM   777  C C   . ASP A 1 94  ? 22.244  6.164   7.881   1.00 68.91  ? 95   ASP A C   1 
ATOM   778  O O   . ASP A 1 94  ? 22.591  7.287   8.242   1.00 68.63  ? 95   ASP A O   1 
ATOM   779  C CB  . ASP A 1 94  ? 22.744  4.068   9.130   1.00 75.30  ? 95   ASP A CB  1 
ATOM   780  C CG  . ASP A 1 94  ? 22.304  3.068   10.181  1.00 82.22  ? 95   ASP A CG  1 
ATOM   781  O OD1 . ASP A 1 94  ? 22.358  3.404   11.385  1.00 84.48  ? 95   ASP A OD1 1 
ATOM   782  O OD2 . ASP A 1 94  ? 21.897  1.948   9.799   1.00 87.44  ? 95   ASP A OD2 1 
ATOM   783  N N   . GLU A 1 95  ? 22.306  5.755   6.621   1.00 66.87  ? 96   GLU A N   1 
ATOM   784  C CA  . GLU A 1 95  ? 22.811  6.603   5.553   1.00 68.62  ? 96   GLU A CA  1 
ATOM   785  C C   . GLU A 1 95  ? 22.021  7.901   5.461   1.00 67.92  ? 96   GLU A C   1 
ATOM   786  O O   . GLU A 1 95  ? 22.588  8.970   5.251   1.00 67.61  ? 96   GLU A O   1 
ATOM   787  C CB  . GLU A 1 95  ? 22.700  5.867   4.217   1.00 73.01  ? 96   GLU A CB  1 
ATOM   788  C CG  . GLU A 1 95  ? 23.970  5.815   3.384   1.00 78.72  ? 96   GLU A CG  1 
ATOM   789  C CD  . GLU A 1 95  ? 23.800  4.964   2.127   1.00 81.87  ? 96   GLU A CD  1 
ATOM   790  O OE1 . GLU A 1 95  ? 23.302  3.820   2.240   1.00 80.97  ? 96   GLU A OE1 1 
ATOM   791  O OE2 . GLU A 1 95  ? 24.170  5.437   1.029   1.00 83.61  ? 96   GLU A OE2 1 
ATOM   792  N N   . ILE A 1 96  ? 20.705  7.798   5.615   1.00 66.51  ? 97   ILE A N   1 
ATOM   793  C CA  . ILE A 1 96  ? 19.845  8.967   5.507   1.00 63.24  ? 97   ILE A CA  1 
ATOM   794  C C   . ILE A 1 96  ? 20.000  9.918   6.687   1.00 63.98  ? 97   ILE A C   1 
ATOM   795  O O   . ILE A 1 96  ? 20.033  11.139  6.505   1.00 59.94  ? 97   ILE A O   1 
ATOM   796  C CB  . ILE A 1 96  ? 18.360  8.556   5.351   1.00 61.03  ? 97   ILE A CB  1 
ATOM   797  C CG1 . ILE A 1 96  ? 18.212  7.607   4.157   1.00 61.02  ? 97   ILE A CG1 1 
ATOM   798  C CG2 . ILE A 1 96  ? 17.502  9.794   5.123   1.00 59.95  ? 97   ILE A CG2 1 
ATOM   799  C CD1 . ILE A 1 96  ? 16.780  7.187   3.847   1.00 61.14  ? 97   ILE A CD1 1 
ATOM   800  N N   A ARG A 1 97  ? 20.090  9.361   7.892   0.50 64.79  ? 98   ARG A N   1 
ATOM   801  N N   B ARG A 1 97  ? 20.093  9.364   7.893   0.50 64.72  ? 98   ARG A N   1 
ATOM   802  C CA  A ARG A 1 97  ? 20.255  10.182  9.084   0.50 66.45  ? 98   ARG A CA  1 
ATOM   803  C CA  B ARG A 1 97  ? 20.253  10.189  9.084   0.50 66.33  ? 98   ARG A CA  1 
ATOM   804  C C   A ARG A 1 97  ? 21.520  11.025  8.965   0.50 68.30  ? 98   ARG A C   1 
ATOM   805  C C   B ARG A 1 97  ? 21.517  11.032  8.959   0.50 68.24  ? 98   ARG A C   1 
ATOM   806  O O   A ARG A 1 97  ? 21.650  12.059  9.620   0.50 70.10  ? 98   ARG A O   1 
ATOM   807  O O   B ARG A 1 97  ? 21.644  12.074  9.601   0.50 70.04  ? 98   ARG A O   1 
ATOM   808  C CB  A ARG A 1 97  ? 20.329  9.309   10.335  0.50 65.71  ? 98   ARG A CB  1 
ATOM   809  C CB  B ARG A 1 97  ? 20.333  9.317   10.338  0.50 65.42  ? 98   ARG A CB  1 
ATOM   810  C CG  A ARG A 1 97  ? 19.002  8.689   10.735  0.50 66.52  ? 98   ARG A CG  1 
ATOM   811  C CG  B ARG A 1 97  ? 19.084  8.498   10.588  0.50 65.99  ? 98   ARG A CG  1 
ATOM   812  C CD  A ARG A 1 97  ? 19.069  8.127   12.142  0.50 66.85  ? 98   ARG A CD  1 
ATOM   813  C CD  B ARG A 1 97  ? 19.129  7.785   11.928  0.50 66.12  ? 98   ARG A CD  1 
ATOM   814  N NE  A ARG A 1 97  ? 19.914  6.942   12.226  0.50 68.57  ? 98   ARG A NE  1 
ATOM   815  N NE  B ARG A 1 97  ? 17.967  6.921   12.107  0.50 67.76  ? 98   ARG A NE  1 
ATOM   816  C CZ  A ARG A 1 97  ? 19.549  5.734   11.811  0.50 70.40  ? 98   ARG A CZ  1 
ATOM   817  C CZ  B ARG A 1 97  ? 17.726  6.195   13.194  0.50 69.66  ? 98   ARG A CZ  1 
ATOM   818  N NH1 A ARG A 1 97  ? 18.348  5.546   11.282  0.50 73.02  ? 98   ARG A NH1 1 
ATOM   819  N NH1 B ARG A 1 97  ? 18.570  6.225   14.219  0.50 70.29  ? 98   ARG A NH1 1 
ATOM   820  N NH2 A ARG A 1 97  ? 20.380  4.708   11.930  0.50 70.49  ? 98   ARG A NH2 1 
ATOM   821  N NH2 B ARG A 1 97  ? 16.642  5.430   13.253  0.50 70.37  ? 98   ARG A NH2 1 
ATOM   822  N N   . GLN A 1 98  ? 22.443  10.577  8.119   1.00 68.22  ? 99   GLN A N   1 
ATOM   823  C CA  . GLN A 1 98  ? 23.697  11.284  7.894   1.00 69.89  ? 99   GLN A CA  1 
ATOM   824  C C   . GLN A 1 98  ? 23.491  12.479  6.976   1.00 69.28  ? 99   GLN A C   1 
ATOM   825  O O   . GLN A 1 98  ? 24.277  13.425  6.997   1.00 71.21  ? 99   GLN A O   1 
ATOM   826  C CB  . GLN A 1 98  ? 24.727  10.346  7.255   1.00 76.37  ? 99   GLN A CB  1 
ATOM   827  C CG  . GLN A 1 98  ? 25.854  9.905   8.176   1.00 81.16  ? 99   GLN A CG  1 
ATOM   828  C CD  . GLN A 1 98  ? 25.346  9.295   9.465   1.00 85.13  ? 99   GLN A CD  1 
ATOM   829  O OE1 . GLN A 1 98  ? 24.575  8.335   9.450   1.00 84.47  ? 99   GLN A OE1 1 
ATOM   830  N NE2 . GLN A 1 98  ? 25.777  9.853   10.593  1.00 89.27  ? 99   GLN A NE2 1 
ATOM   831  N N   . MET A 1 99  ? 22.432  12.439  6.175   1.00 68.56  ? 100  MET A N   1 
ATOM   832  C CA  . MET A 1 99  ? 22.145  13.519  5.231   1.00 68.57  ? 100  MET A CA  1 
ATOM   833  C C   . MET A 1 99  ? 21.128  14.539  5.731   1.00 64.69  ? 100  MET A C   1 
ATOM   834  O O   . MET A 1 99  ? 21.440  15.720  5.846   1.00 63.33  ? 100  MET A O   1 
ATOM   835  C CB  . MET A 1 99  ? 21.622  12.956  3.906   1.00 72.41  ? 100  MET A CB  1 
ATOM   836  C CG  . MET A 1 99  ? 22.437  11.838  3.284   1.00 78.75  ? 100  MET A CG  1 
ATOM   837  S SD  . MET A 1 99  ? 21.780  11.439  1.635   1.00 86.53  ? 100  MET A SD  1 
ATOM   838  C CE  . MET A 1 99  ? 20.221  10.680  2.056   1.00 87.41  ? 100  MET A CE  1 
ATOM   839  N N   . ASP A 1 100 ? 19.904  14.077  5.988   1.00 62.44  ? 101  ASP A N   1 
ATOM   840  C CA  . ASP A 1 100 ? 18.812  14.936  6.454   1.00 59.97  ? 101  ASP A CA  1 
ATOM   841  C C   . ASP A 1 100 ? 18.219  14.387  7.754   1.00 56.87  ? 101  ASP A C   1 
ATOM   842  O O   . ASP A 1 100 ? 17.126  13.817  7.762   1.00 57.33  ? 101  ASP A O   1 
ATOM   843  C CB  . ASP A 1 100 ? 17.719  15.008  5.389   1.00 62.99  ? 101  ASP A CB  1 
ATOM   844  C CG  . ASP A 1 100 ? 18.256  15.390  4.021   1.00 68.90  ? 101  ASP A CG  1 
ATOM   845  O OD1 . ASP A 1 100 ? 18.770  16.519  3.875   1.00 77.06  ? 101  ASP A OD1 1 
ATOM   846  O OD2 . ASP A 1 100 ? 18.163  14.564  3.087   1.00 70.48  ? 101  ASP A OD2 1 
ATOM   847  N N   . PRO A 1 101 ? 18.931  14.569  8.873   1.00 52.24  ? 102  PRO A N   1 
ATOM   848  C CA  . PRO A 1 101 ? 18.529  14.108  10.204  1.00 49.52  ? 102  PRO A CA  1 
ATOM   849  C C   . PRO A 1 101 ? 17.141  14.579  10.621  1.00 45.58  ? 102  PRO A C   1 
ATOM   850  O O   . PRO A 1 101 ? 16.339  13.815  11.150  1.00 46.82  ? 102  PRO A O   1 
ATOM   851  C CB  . PRO A 1 101 ? 19.602  14.699  11.113  1.00 51.87  ? 102  PRO A CB  1 
ATOM   852  C CG  . PRO A 1 101 ? 20.767  14.912  10.194  1.00 53.85  ? 102  PRO A CG  1 
ATOM   853  C CD  . PRO A 1 101 ? 20.116  15.432  8.966   1.00 51.84  ? 102  PRO A CD  1 
ATOM   854  N N   . ILE A 1 102 ? 16.866  15.848  10.382  1.00 43.62  ? 103  ILE A N   1 
ATOM   855  C CA  . ILE A 1 102 ? 15.592  16.413  10.766  1.00 44.72  ? 103  ILE A CA  1 
ATOM   856  C C   . ILE A 1 102 ? 14.449  15.931  9.887   1.00 44.39  ? 103  ILE A C   1 
ATOM   857  O O   . ILE A 1 102 ? 13.408  15.496  10.396  1.00 45.10  ? 103  ILE A O   1 
ATOM   858  C CB  . ILE A 1 102 ? 15.683  17.962  10.772  1.00 43.04  ? 103  ILE A CB  1 
ATOM   859  C CG1 . ILE A 1 102 ? 16.787  18.390  11.749  1.00 45.29  ? 103  ILE A CG1 1 
ATOM   860  C CG2 . ILE A 1 102 ? 14.354  18.577  11.201  1.00 45.01  ? 103  ILE A CG2 1 
ATOM   861  C CD1 . ILE A 1 102 ? 16.999  19.887  11.860  1.00 45.26  ? 103  ILE A CD1 1 
ATOM   862  N N   . ALA A 1 103 ? 14.633  15.996  8.571   1.00 44.30  ? 104  ALA A N   1 
ATOM   863  C CA  . ALA A 1 103 ? 13.586  15.552  7.656   1.00 40.54  ? 104  ALA A CA  1 
ATOM   864  C C   . ALA A 1 103 ? 13.263  14.103  7.956   1.00 39.86  ? 104  ALA A C   1 
ATOM   865  O O   . ALA A 1 103 ? 12.098  13.715  7.999   1.00 40.68  ? 104  ALA A O   1 
ATOM   866  C CB  . ALA A 1 103 ? 14.037  15.687  6.212   1.00 36.73  ? 104  ALA A CB  1 
ATOM   867  N N   . PHE A 1 104 ? 14.305  13.308  8.174   1.00 39.03  ? 105  PHE A N   1 
ATOM   868  C CA  . PHE A 1 104 ? 14.117  11.898  8.456   1.00 41.62  ? 105  PHE A CA  1 
ATOM   869  C C   . PHE A 1 104 ? 13.334  11.720  9.745   1.00 41.70  ? 105  PHE A C   1 
ATOM   870  O O   . PHE A 1 104 ? 12.497  10.826  9.839   1.00 41.34  ? 105  PHE A O   1 
ATOM   871  C CB  . PHE A 1 104 ? 15.466  11.187  8.556   1.00 43.58  ? 105  PHE A CB  1 
ATOM   872  C CG  . PHE A 1 104 ? 15.349  9.703   8.734   1.00 45.75  ? 105  PHE A CG  1 
ATOM   873  C CD1 . PHE A 1 104 ? 15.644  9.109   9.956   1.00 45.36  ? 105  PHE A CD1 1 
ATOM   874  C CD2 . PHE A 1 104 ? 14.935  8.893   7.676   1.00 48.36  ? 105  PHE A CD2 1 
ATOM   875  C CE1 . PHE A 1 104 ? 15.532  7.725   10.123  1.00 45.61  ? 105  PHE A CE1 1 
ATOM   876  C CE2 . PHE A 1 104 ? 14.818  7.509   7.837   1.00 47.27  ? 105  PHE A CE2 1 
ATOM   877  C CZ  . PHE A 1 104 ? 15.118  6.927   9.063   1.00 45.60  ? 105  PHE A CZ  1 
ATOM   878  N N   . ASP A 1 105 ? 13.597  12.570  10.736  1.00 40.92  ? 106  ASP A N   1 
ATOM   879  C CA  . ASP A 1 105 ? 12.878  12.464  12.000  1.00 41.42  ? 106  ASP A CA  1 
ATOM   880  C C   . ASP A 1 105 ? 11.431  12.879  11.792  1.00 41.80  ? 106  ASP A C   1 
ATOM   881  O O   . ASP A 1 105 ? 10.525  12.240  12.327  1.00 41.54  ? 106  ASP A O   1 
ATOM   882  C CB  . ASP A 1 105 ? 13.508  13.332  13.085  1.00 36.11  ? 106  ASP A CB  1 
ATOM   883  C CG  . ASP A 1 105 ? 12.826  13.159  14.425  1.00 40.95  ? 106  ASP A CG  1 
ATOM   884  O OD1 . ASP A 1 105 ? 12.869  12.035  14.973  1.00 43.58  ? 106  ASP A OD1 1 
ATOM   885  O OD2 . ASP A 1 105 ? 12.237  14.137  14.931  1.00 42.85  ? 106  ASP A OD2 1 
ATOM   886  N N   . HIS A 1 106 ? 11.217  13.941  11.013  1.00 40.91  ? 107  HIS A N   1 
ATOM   887  C CA  . HIS A 1 106 ? 9.862   14.412  10.721  1.00 42.69  ? 107  HIS A CA  1 
ATOM   888  C C   . HIS A 1 106 ? 9.059   13.335  10.000  1.00 45.25  ? 107  HIS A C   1 
ATOM   889  O O   . HIS A 1 106 ? 7.879   13.117  10.299  1.00 46.04  ? 107  HIS A O   1 
ATOM   890  C CB  . HIS A 1 106 ? 9.888   15.648  9.824   1.00 46.59  ? 107  HIS A CB  1 
ATOM   891  C CG  . HIS A 1 106 ? 10.392  16.886  10.497  1.00 51.07  ? 107  HIS A CG  1 
ATOM   892  N ND1 . HIS A 1 106 ? 10.263  17.103  11.851  1.00 49.67  ? 107  HIS A ND1 1 
ATOM   893  C CD2 . HIS A 1 106 ? 10.970  18.000  9.989   1.00 49.74  ? 107  HIS A CD2 1 
ATOM   894  C CE1 . HIS A 1 106 ? 10.741  18.297  12.150  1.00 49.91  ? 107  HIS A CE1 1 
ATOM   895  N NE2 . HIS A 1 106 ? 11.175  18.862  11.038  1.00 50.35  ? 107  HIS A NE2 1 
ATOM   896  N N   . PHE A 1 107 ? 9.709   12.675  9.042   1.00 41.57  ? 108  PHE A N   1 
ATOM   897  C CA  . PHE A 1 107 ? 9.081   11.629  8.250   1.00 42.57  ? 108  PHE A CA  1 
ATOM   898  C C   . PHE A 1 107 ? 8.337   10.659  9.152   1.00 44.69  ? 108  PHE A C   1 
ATOM   899  O O   . PHE A 1 107 ? 7.159   10.364  8.930   1.00 42.70  ? 108  PHE A O   1 
ATOM   900  C CB  . PHE A 1 107 ? 10.142  10.855  7.457   1.00 44.31  ? 108  PHE A CB  1 
ATOM   901  C CG  . PHE A 1 107 ? 9.571   9.902   6.431   1.00 45.76  ? 108  PHE A CG  1 
ATOM   902  C CD1 . PHE A 1 107 ? 9.242   10.349  5.150   1.00 44.07  ? 108  PHE A CD1 1 
ATOM   903  C CD2 . PHE A 1 107 ? 9.379   8.558   6.740   1.00 43.54  ? 108  PHE A CD2 1 
ATOM   904  C CE1 . PHE A 1 107 ? 8.736   9.474   4.192   1.00 39.45  ? 108  PHE A CE1 1 
ATOM   905  C CE2 . PHE A 1 107 ? 8.867   7.672   5.785   1.00 44.93  ? 108  PHE A CE2 1 
ATOM   906  C CZ  . PHE A 1 107 ? 8.548   8.134   4.507   1.00 38.68  ? 108  PHE A CZ  1 
ATOM   907  N N   . TRP A 1 108 ? 9.032   10.170  10.173  1.00 44.83  ? 109  TRP A N   1 
ATOM   908  C CA  . TRP A 1 108 ? 8.462   9.212   11.110  1.00 47.56  ? 109  TRP A CA  1 
ATOM   909  C C   . TRP A 1 108 ? 7.765   9.792   12.337  1.00 48.70  ? 109  TRP A C   1 
ATOM   910  O O   . TRP A 1 108 ? 6.879   9.145   12.897  1.00 50.38  ? 109  TRP A O   1 
ATOM   911  C CB  . TRP A 1 108 ? 9.549   8.257   11.601  1.00 48.18  ? 109  TRP A CB  1 
ATOM   912  C CG  . TRP A 1 108 ? 10.166  7.480   10.510  1.00 51.02  ? 109  TRP A CG  1 
ATOM   913  C CD1 . TRP A 1 108 ? 11.345  7.744   9.881   1.00 51.95  ? 109  TRP A CD1 1 
ATOM   914  C CD2 . TRP A 1 108 ? 9.602   6.339   9.856   1.00 51.16  ? 109  TRP A CD2 1 
ATOM   915  N NE1 . TRP A 1 108 ? 11.551  6.838   8.870   1.00 52.75  ? 109  TRP A NE1 1 
ATOM   916  C CE2 . TRP A 1 108 ? 10.494  5.966   8.830   1.00 51.08  ? 109  TRP A CE2 1 
ATOM   917  C CE3 . TRP A 1 108 ? 8.423   5.598   10.035  1.00 50.75  ? 109  TRP A CE3 1 
ATOM   918  C CZ2 . TRP A 1 108 ? 10.247  4.882   7.978   1.00 51.10  ? 109  TRP A CZ2 1 
ATOM   919  C CZ3 . TRP A 1 108 ? 8.175   4.520   9.189   1.00 53.81  ? 109  TRP A CZ3 1 
ATOM   920  C CH2 . TRP A 1 108 ? 9.087   4.173   8.171   1.00 51.69  ? 109  TRP A CH2 1 
ATOM   921  N N   . GLN A 1 109 ? 8.158   10.998  12.749  1.00 45.63  ? 110  GLN A N   1 
ATOM   922  C CA  . GLN A 1 109 ? 7.610   11.627  13.952  1.00 45.18  ? 110  GLN A CA  1 
ATOM   923  C C   . GLN A 1 109 ? 6.629   12.761  13.770  1.00 45.04  ? 110  GLN A C   1 
ATOM   924  O O   . GLN A 1 109 ? 5.794   13.000  14.634  1.00 44.29  ? 110  GLN A O   1 
ATOM   925  C CB  . GLN A 1 109 ? 8.742   12.164  14.805  1.00 46.78  ? 110  GLN A CB  1 
ATOM   926  C CG  . GLN A 1 109 ? 9.058   11.330  15.978  1.00 57.14  ? 110  GLN A CG  1 
ATOM   927  C CD  . GLN A 1 109 ? 9.439   9.954   15.592  1.00 54.14  ? 110  GLN A CD  1 
ATOM   928  O OE1 . GLN A 1 109 ? 8.578   9.107   15.357  1.00 61.23  ? 110  GLN A OE1 1 
ATOM   929  N NE2 . GLN A 1 109 ? 10.738  9.706   15.508  1.00 55.79  ? 110  GLN A NE2 1 
ATOM   930  N N   . ALA A 1 110 ? 6.769   13.496  12.675  1.00 44.66  ? 111  ALA A N   1 
ATOM   931  C CA  . ALA A 1 110 ? 5.895   14.622  12.404  1.00 42.97  ? 111  ALA A CA  1 
ATOM   932  C C   . ALA A 1 110 ? 5.721   14.678  10.898  1.00 42.31  ? 111  ALA A C   1 
ATOM   933  O O   . ALA A 1 110 ? 6.194   15.599  10.232  1.00 42.28  ? 111  ALA A O   1 
ATOM   934  C CB  . ALA A 1 110 ? 6.526   15.912  12.933  1.00 41.01  ? 111  ALA A CB  1 
ATOM   935  N N   . PRO A 1 111 ? 5.028   13.673  10.342  1.00 45.27  ? 112  PRO A N   1 
ATOM   936  C CA  . PRO A 1 111 ? 4.754   13.538  8.909   1.00 45.52  ? 112  PRO A CA  1 
ATOM   937  C C   . PRO A 1 111 ? 4.285   14.840  8.270   1.00 49.18  ? 112  PRO A C   1 
ATOM   938  O O   . PRO A 1 111 ? 4.714   15.195  7.169   1.00 50.71  ? 112  PRO A O   1 
ATOM   939  C CB  . PRO A 1 111 ? 3.671   12.469  8.866   1.00 44.50  ? 112  PRO A CB  1 
ATOM   940  C CG  . PRO A 1 111 ? 3.922   11.660  10.077  1.00 45.37  ? 112  PRO A CG  1 
ATOM   941  C CD  . PRO A 1 111 ? 4.237   12.700  11.114  1.00 43.65  ? 112  PRO A CD  1 
ATOM   942  N N   . HIS A 1 112 ? 3.401   15.546  8.971   1.00 50.17  ? 113  HIS A N   1 
ATOM   943  C CA  . HIS A 1 112 ? 2.844   16.805  8.478   1.00 51.80  ? 113  HIS A CA  1 
ATOM   944  C C   . HIS A 1 112 ? 3.894   17.904  8.358   1.00 50.93  ? 113  HIS A C   1 
ATOM   945  O O   . HIS A 1 112 ? 3.640   18.963  7.781   1.00 51.10  ? 113  HIS A O   1 
ATOM   946  C CB  . HIS A 1 112 ? 1.715   17.275  9.401   1.00 53.07  ? 113  HIS A CB  1 
ATOM   947  C CG  . HIS A 1 112 ? 2.170   17.604  10.787  1.00 53.54  ? 113  HIS A CG  1 
ATOM   948  N ND1 . HIS A 1 112 ? 2.715   16.664  11.634  1.00 55.34  ? 113  HIS A ND1 1 
ATOM   949  C CD2 . HIS A 1 112 ? 2.202   18.780  11.457  1.00 52.62  ? 113  HIS A CD2 1 
ATOM   950  C CE1 . HIS A 1 112 ? 3.066   17.247  12.768  1.00 51.88  ? 113  HIS A CE1 1 
ATOM   951  N NE2 . HIS A 1 112 ? 2.766   18.530  12.685  1.00 54.70  ? 113  HIS A NE2 1 
ATOM   952  N N   . LEU A 1 113 ? 5.069   17.653  8.915   1.00 47.42  ? 114  LEU A N   1 
ATOM   953  C CA  . LEU A 1 113 ? 6.149   18.621  8.863   1.00 48.59  ? 114  LEU A CA  1 
ATOM   954  C C   . LEU A 1 113 ? 7.163   18.222  7.798   1.00 48.29  ? 114  LEU A C   1 
ATOM   955  O O   . LEU A 1 113 ? 8.073   18.987  7.485   1.00 48.88  ? 114  LEU A O   1 
ATOM   956  C CB  . LEU A 1 113 ? 6.833   18.709  10.230  1.00 50.05  ? 114  LEU A CB  1 
ATOM   957  C CG  . LEU A 1 113 ? 6.499   19.896  11.151  1.00 57.29  ? 114  LEU A CG  1 
ATOM   958  C CD1 . LEU A 1 113 ? 5.073   20.414  10.917  1.00 54.51  ? 114  LEU A CD1 1 
ATOM   959  C CD2 . LEU A 1 113 ? 6.697   19.451  12.599  1.00 55.07  ? 114  LEU A CD2 1 
ATOM   960  N N   . TYR A 1 114 ? 7.001   17.019  7.255   1.00 45.44  ? 115  TYR A N   1 
ATOM   961  C CA  . TYR A 1 114 ? 7.903   16.497  6.235   1.00 43.90  ? 115  TYR A CA  1 
ATOM   962  C C   . TYR A 1 114 ? 7.789   17.305  4.951   1.00 45.39  ? 115  TYR A C   1 
ATOM   963  O O   . TYR A 1 114 ? 6.746   17.321  4.302   1.00 47.36  ? 115  TYR A O   1 
ATOM   964  C CB  . TYR A 1 114 ? 7.583   15.028  5.970   1.00 45.26  ? 115  TYR A CB  1 
ATOM   965  C CG  . TYR A 1 114 ? 8.455   14.400  4.919   1.00 45.32  ? 115  TYR A CG  1 
ATOM   966  C CD1 . TYR A 1 114 ? 9.850   14.428  5.030   1.00 43.14  ? 115  TYR A CD1 1 
ATOM   967  C CD2 . TYR A 1 114 ? 7.891   13.776  3.808   1.00 44.07  ? 115  TYR A CD2 1 
ATOM   968  C CE1 . TYR A 1 114 ? 10.654  13.849  4.059   1.00 44.69  ? 115  TYR A CE1 1 
ATOM   969  C CE2 . TYR A 1 114 ? 8.686   13.194  2.827   1.00 42.45  ? 115  TYR A CE2 1 
ATOM   970  C CZ  . TYR A 1 114 ? 10.059  13.231  2.957   1.00 45.41  ? 115  TYR A CZ  1 
ATOM   971  O OH  . TYR A 1 114 ? 10.834  12.644  1.992   1.00 47.70  ? 115  TYR A OH  1 
ATOM   972  N N   . ALA A 1 115 ? 8.872   17.973  4.581   1.00 47.04  ? 116  ALA A N   1 
ATOM   973  C CA  . ALA A 1 115 ? 8.857   18.812  3.396   1.00 48.98  ? 116  ALA A CA  1 
ATOM   974  C C   . ALA A 1 115 ? 10.133  18.684  2.570   1.00 50.18  ? 116  ALA A C   1 
ATOM   975  O O   . ALA A 1 115 ? 10.973  19.580  2.567   1.00 51.73  ? 116  ALA A O   1 
ATOM   976  C CB  . ALA A 1 115 ? 8.651   20.253  3.817   1.00 45.37  ? 116  ALA A CB  1 
ATOM   977  N N   . PRO A 1 116 ? 10.288  17.564  1.854   1.00 52.71  ? 117  PRO A N   1 
ATOM   978  C CA  . PRO A 1 116 ? 11.461  17.298  1.011   1.00 55.31  ? 117  PRO A CA  1 
ATOM   979  C C   . PRO A 1 116 ? 11.595  18.271  -0.160  1.00 58.26  ? 117  PRO A C   1 
ATOM   980  O O   . PRO A 1 116 ? 10.603  18.817  -0.636  1.00 58.24  ? 117  PRO A O   1 
ATOM   981  C CB  . PRO A 1 116 ? 11.220  15.868  0.539   1.00 53.99  ? 117  PRO A CB  1 
ATOM   982  C CG  . PRO A 1 116 ? 9.713   15.803  0.454   1.00 53.27  ? 117  PRO A CG  1 
ATOM   983  C CD  . PRO A 1 116 ? 9.295   16.479  1.736   1.00 51.73  ? 117  PRO A CD  1 
ATOM   984  N N   . GLN A 1 117 ? 12.821  18.471  -0.632  1.00 64.22  ? 118  GLN A N   1 
ATOM   985  C CA  . GLN A 1 117 ? 13.055  19.377  -1.747  1.00 69.49  ? 118  GLN A CA  1 
ATOM   986  C C   . GLN A 1 117 ? 12.639  18.793  -3.092  1.00 71.28  ? 118  GLN A C   1 
ATOM   987  O O   . GLN A 1 117 ? 12.152  19.521  -3.958  1.00 74.62  ? 118  GLN A O   1 
ATOM   988  C CB  . GLN A 1 117 ? 14.519  19.809  -1.778  1.00 74.08  ? 118  GLN A CB  1 
ATOM   989  C CG  . GLN A 1 117 ? 14.919  20.558  -0.514  1.00 82.09  ? 118  GLN A CG  1 
ATOM   990  C CD  . GLN A 1 117 ? 16.226  21.307  -0.655  1.00 86.64  ? 118  GLN A CD  1 
ATOM   991  O OE1 . GLN A 1 117 ? 17.276  20.712  -0.909  1.00 87.11  ? 118  GLN A OE1 1 
ATOM   992  N NE2 . GLN A 1 117 ? 16.169  22.628  -0.488  1.00 89.89  ? 118  GLN A NE2 1 
ATOM   993  N N   . ARG A 1 118 ? 12.813  17.489  -3.279  1.00 71.12  ? 119  ARG A N   1 
ATOM   994  C CA  . ARG A 1 118 ? 12.397  16.883  -4.538  1.00 70.56  ? 119  ARG A CA  1 
ATOM   995  C C   . ARG A 1 118 ? 11.505  15.648  -4.393  1.00 67.58  ? 119  ARG A C   1 
ATOM   996  O O   . ARG A 1 118 ? 10.810  15.257  -5.334  1.00 66.37  ? 119  ARG A O   1 
ATOM   997  C CB  . ARG A 1 118 ? 13.614  16.582  -5.425  1.00 72.76  ? 119  ARG A CB  1 
ATOM   998  C CG  . ARG A 1 118 ? 14.768  15.834  -4.786  1.00 77.59  ? 119  ARG A CG  1 
ATOM   999  C CD  . ARG A 1 118 ? 16.043  16.282  -5.486  1.00 81.96  ? 119  ARG A CD  1 
ATOM   1000 N NE  . ARG A 1 118 ? 17.138  15.318  -5.441  1.00 84.58  ? 119  ARG A NE  1 
ATOM   1001 C CZ  . ARG A 1 118 ? 17.862  15.028  -4.365  1.00 86.15  ? 119  ARG A CZ  1 
ATOM   1002 N NH1 . ARG A 1 118 ? 17.617  15.621  -3.203  1.00 84.11  ? 119  ARG A NH1 1 
ATOM   1003 N NH2 . ARG A 1 118 ? 18.861  14.160  -4.467  1.00 86.24  ? 119  ARG A NH2 1 
ATOM   1004 N N   . GLY A 1 119 ? 11.500  15.045  -3.212  1.00 63.06  ? 120  GLY A N   1 
ATOM   1005 C CA  . GLY A 1 119 ? 10.650  13.886  -3.011  1.00 59.60  ? 120  GLY A CA  1 
ATOM   1006 C C   . GLY A 1 119 ? 9.178   14.273  -3.032  1.00 57.12  ? 120  GLY A C   1 
ATOM   1007 O O   . GLY A 1 119 ? 8.802   15.355  -3.478  1.00 56.73  ? 120  GLY A O   1 
ATOM   1008 N N   . GLU A 1 120 ? 8.336   13.387  -2.528  1.00 54.07  ? 121  GLU A N   1 
ATOM   1009 C CA  . GLU A 1 120 ? 6.904   13.626  -2.490  1.00 48.61  ? 121  GLU A CA  1 
ATOM   1010 C C   . GLU A 1 120 ? 6.451   13.813  -1.031  1.00 46.68  ? 121  GLU A C   1 
ATOM   1011 O O   . GLU A 1 120 ? 6.978   13.183  -0.118  1.00 44.38  ? 121  GLU A O   1 
ATOM   1012 C CB  . GLU A 1 120 ? 6.205   12.425  -3.130  1.00 48.97  ? 121  GLU A CB  1 
ATOM   1013 C CG  . GLU A 1 120 ? 4.887   12.710  -3.820  1.00 50.84  ? 121  GLU A CG  1 
ATOM   1014 C CD  . GLU A 1 120 ? 4.500   11.595  -4.782  1.00 47.65  ? 121  GLU A CD  1 
ATOM   1015 O OE1 . GLU A 1 120 ? 4.926   10.442  -4.560  1.00 43.73  ? 121  GLU A OE1 1 
ATOM   1016 O OE2 . GLU A 1 120 ? 3.765   11.869  -5.755  1.00 48.90  ? 121  GLU A OE2 1 
ATOM   1017 N N   A ARG A 1 121 ? 5.488   14.701  -0.815  0.50 45.46  ? 122  ARG A N   1 
ATOM   1018 N N   B ARG A 1 121 ? 5.462   14.672  -0.837  0.50 46.10  ? 122  ARG A N   1 
ATOM   1019 C CA  A ARG A 1 121 ? 4.978   14.936  0.531   0.50 44.85  ? 122  ARG A CA  1 
ATOM   1020 C CA  B ARG A 1 121 ? 4.921   14.975  0.483   0.50 46.04  ? 122  ARG A CA  1 
ATOM   1021 C C   A ARG A 1 121 ? 3.801   13.986  0.768   0.50 44.53  ? 122  ARG A C   1 
ATOM   1022 C C   B ARG A 1 121 ? 3.767   14.000  0.761   0.50 45.23  ? 122  ARG A C   1 
ATOM   1023 O O   A ARG A 1 121 ? 3.163   13.534  -0.186  0.50 46.38  ? 122  ARG A O   1 
ATOM   1024 O O   B ARG A 1 121 ? 3.110   13.540  -0.176  0.50 47.04  ? 122  ARG A O   1 
ATOM   1025 C CB  A ARG A 1 121 ? 4.558   16.400  0.688   0.50 45.21  ? 122  ARG A CB  1 
ATOM   1026 C CB  B ARG A 1 121 ? 4.438   16.418  0.452   0.50 47.55  ? 122  ARG A CB  1 
ATOM   1027 C CG  A ARG A 1 121 ? 5.729   17.377  0.585   0.50 46.45  ? 122  ARG A CG  1 
ATOM   1028 C CG  B ARG A 1 121 ? 4.277   17.135  1.763   0.50 51.07  ? 122  ARG A CG  1 
ATOM   1029 C CD  A ARG A 1 121 ? 5.332   18.793  0.959   0.50 49.78  ? 122  ARG A CD  1 
ATOM   1030 C CD  B ARG A 1 121 ? 4.086   18.608  1.437   0.50 52.05  ? 122  ARG A CD  1 
ATOM   1031 N NE  A ARG A 1 121 ? 6.488   19.656  1.229   0.50 57.04  ? 122  ARG A NE  1 
ATOM   1032 N NE  B ARG A 1 121 ? 3.408   18.736  0.148   0.50 54.14  ? 122  ARG A NE  1 
ATOM   1033 C CZ  A ARG A 1 121 ? 7.317   20.135  0.302   0.50 57.23  ? 122  ARG A CZ  1 
ATOM   1034 C CZ  B ARG A 1 121 ? 3.193   19.878  -0.496  0.50 54.88  ? 122  ARG A CZ  1 
ATOM   1035 N NH1 A ARG A 1 121 ? 7.134   19.842  -0.979  0.50 58.58  ? 122  ARG A NH1 1 
ATOM   1036 N NH1 B ARG A 1 121 ? 3.599   21.032  0.018   0.50 54.79  ? 122  ARG A NH1 1 
ATOM   1037 N NH2 A ARG A 1 121 ? 8.331   20.915  0.657   0.50 54.96  ? 122  ARG A NH2 1 
ATOM   1038 N NH2 B ARG A 1 121 ? 2.569   19.857  -1.666  0.50 55.07  ? 122  ARG A NH2 1 
ATOM   1039 N N   . PHE A 1 122 ? 3.522   13.673  2.029   1.00 42.34  ? 123  PHE A N   1 
ATOM   1040 C CA  . PHE A 1 122 ? 2.439   12.736  2.367   1.00 39.29  ? 123  PHE A CA  1 
ATOM   1041 C C   . PHE A 1 122 ? 1.061   13.069  1.814   1.00 40.88  ? 123  PHE A C   1 
ATOM   1042 O O   . PHE A 1 122 ? 0.299   12.170  1.444   1.00 42.66  ? 123  PHE A O   1 
ATOM   1043 C CB  . PHE A 1 122 ? 2.330   12.536  3.879   1.00 38.66  ? 123  PHE A CB  1 
ATOM   1044 C CG  . PHE A 1 122 ? 3.487   11.792  4.474   1.00 39.70  ? 123  PHE A CG  1 
ATOM   1045 C CD1 . PHE A 1 122 ? 4.467   12.462  5.201   1.00 41.06  ? 123  PHE A CD1 1 
ATOM   1046 C CD2 . PHE A 1 122 ? 3.628   10.424  4.265   1.00 38.43  ? 123  PHE A CD2 1 
ATOM   1047 C CE1 . PHE A 1 122 ? 5.572   11.776  5.708   1.00 37.70  ? 123  PHE A CE1 1 
ATOM   1048 C CE2 . PHE A 1 122 ? 4.730   9.732   4.770   1.00 37.38  ? 123  PHE A CE2 1 
ATOM   1049 C CZ  . PHE A 1 122 ? 5.704   10.410  5.490   1.00 33.81  ? 123  PHE A CZ  1 
ATOM   1050 N N   . CYS A 1 123 ? 0.734   14.350  1.762   1.00 38.04  ? 124  CYS A N   1 
ATOM   1051 C CA  . CYS A 1 123 ? -0.551  14.765  1.246   1.00 41.34  ? 124  CYS A CA  1 
ATOM   1052 C C   . CYS A 1 123 ? -0.577  14.594  -0.273  1.00 42.02  ? 124  CYS A C   1 
ATOM   1053 O O   . CYS A 1 123 ? -1.650  14.471  -0.867  1.00 42.34  ? 124  CYS A O   1 
ATOM   1054 C CB  . CYS A 1 123 ? -0.821  16.220  1.639   1.00 41.37  ? 124  CYS A CB  1 
ATOM   1055 S SG  . CYS A 1 123 ? 0.584   17.297  1.288   1.00 61.90  ? 124  CYS A SG  1 
ATOM   1056 N N   . ASP A 1 124 ? 0.593   14.580  -0.911  1.00 42.55  ? 125  ASP A N   1 
ATOM   1057 C CA  . ASP A 1 124 ? 0.630   14.384  -2.365  1.00 43.29  ? 125  ASP A CA  1 
ATOM   1058 C C   . ASP A 1 124 ? 0.202   12.946  -2.625  1.00 42.41  ? 125  ASP A C   1 
ATOM   1059 O O   . ASP A 1 124 ? -0.532  12.652  -3.564  1.00 41.81  ? 125  ASP A O   1 
ATOM   1060 C CB  . ASP A 1 124 ? 2.044   14.559  -2.929  1.00 45.92  ? 125  ASP A CB  1 
ATOM   1061 C CG  . ASP A 1 124 ? 2.541   15.987  -2.860  1.00 51.60  ? 125  ASP A CG  1 
ATOM   1062 O OD1 . ASP A 1 124 ? 1.838   16.888  -3.361  1.00 53.87  ? 125  ASP A OD1 1 
ATOM   1063 O OD2 . ASP A 1 124 ? 3.647   16.206  -2.320  1.00 52.46  ? 125  ASP A OD2 1 
ATOM   1064 N N   . VAL A 1 125 ? 0.690   12.050  -1.774  1.00 41.54  ? 126  VAL A N   1 
ATOM   1065 C CA  . VAL A 1 125 ? 0.395   10.635  -1.899  1.00 40.65  ? 126  VAL A CA  1 
ATOM   1066 C C   . VAL A 1 125 ? -1.067  10.373  -1.579  1.00 39.22  ? 126  VAL A C   1 
ATOM   1067 O O   . VAL A 1 125 ? -1.771  9.728   -2.347  1.00 39.99  ? 126  VAL A O   1 
ATOM   1068 C CB  . VAL A 1 125 ? 1.280   9.792   -0.944  1.00 38.83  ? 126  VAL A CB  1 
ATOM   1069 C CG1 . VAL A 1 125 ? 0.892   8.337   -1.033  1.00 36.79  ? 126  VAL A CG1 1 
ATOM   1070 C CG2 . VAL A 1 125 ? 2.751   9.965   -1.301  1.00 37.07  ? 126  VAL A CG2 1 
ATOM   1071 N N   . GLN A 1 126 ? -1.524  10.880  -0.447  1.00 38.76  ? 127  GLN A N   1 
ATOM   1072 C CA  . GLN A 1 126 ? -2.906  10.671  -0.065  1.00 40.02  ? 127  GLN A CA  1 
ATOM   1073 C C   . GLN A 1 126 ? -3.846  11.136  -1.162  1.00 39.64  ? 127  GLN A C   1 
ATOM   1074 O O   . GLN A 1 126 ? -4.765  10.411  -1.533  1.00 39.93  ? 127  GLN A O   1 
ATOM   1075 C CB  . GLN A 1 126 ? -3.233  11.418  1.225   1.00 37.15  ? 127  GLN A CB  1 
ATOM   1076 C CG  . GLN A 1 126 ? -4.592  11.057  1.790   1.00 41.26  ? 127  GLN A CG  1 
ATOM   1077 C CD  . GLN A 1 126 ? -4.889  11.803  3.075   1.00 47.92  ? 127  GLN A CD  1 
ATOM   1078 O OE1 . GLN A 1 126 ? -4.898  13.033  3.094   1.00 49.57  ? 127  GLN A OE1 1 
ATOM   1079 N NE2 . GLN A 1 126 ? -5.124  11.064  4.159   1.00 43.60  ? 127  GLN A NE2 1 
ATOM   1080 N N   . GLN A 1 127 ? -3.605  12.326  -1.706  1.00 35.94  ? 128  GLN A N   1 
ATOM   1081 C CA  . GLN A 1 127 ? -4.493  12.834  -2.743  1.00 39.43  ? 128  GLN A CA  1 
ATOM   1082 C C   . GLN A 1 127 ? -4.572  11.972  -4.013  1.00 41.90  ? 128  GLN A C   1 
ATOM   1083 O O   . GLN A 1 127 ? -5.668  11.641  -4.467  1.00 42.91  ? 128  GLN A O   1 
ATOM   1084 C CB  . GLN A 1 127 ? -4.127  14.275  -3.110  1.00 38.16  ? 128  GLN A CB  1 
ATOM   1085 C CG  . GLN A 1 127 ? -5.018  14.873  -4.190  1.00 46.85  ? 128  GLN A CG  1 
ATOM   1086 C CD  . GLN A 1 127 ? -4.865  16.384  -4.319  1.00 55.49  ? 128  GLN A CD  1 
ATOM   1087 O OE1 . GLN A 1 127 ? -3.757  16.899  -4.511  1.00 59.00  ? 128  GLN A OE1 1 
ATOM   1088 N NE2 . GLN A 1 127 ? -5.984  17.101  -4.220  1.00 56.84  ? 128  GLN A NE2 1 
ATOM   1089 N N   . ARG A 1 128 ? -3.432  11.588  -4.582  1.00 40.32  ? 129  ARG A N   1 
ATOM   1090 C CA  . ARG A 1 128 ? -3.472  10.785  -5.797  1.00 38.76  ? 129  ARG A CA  1 
ATOM   1091 C C   . ARG A 1 128 ? -4.009  9.380   -5.514  1.00 39.61  ? 129  ARG A C   1 
ATOM   1092 O O   . ARG A 1 128 ? -4.699  8.793   -6.352  1.00 40.67  ? 129  ARG A O   1 
ATOM   1093 C CB  . ARG A 1 128 ? -2.080  10.712  -6.449  1.00 33.94  ? 129  ARG A CB  1 
ATOM   1094 C CG  . ARG A 1 128 ? -1.055  10.061  -5.580  1.00 40.85  ? 129  ARG A CG  1 
ATOM   1095 C CD  . ARG A 1 128 ? 0.316   9.934   -6.229  1.00 38.99  ? 129  ARG A CD  1 
ATOM   1096 N NE  . ARG A 1 128 ? 0.848   8.624   -5.864  1.00 46.36  ? 129  ARG A NE  1 
ATOM   1097 C CZ  . ARG A 1 128 ? 2.070   8.398   -5.410  1.00 41.20  ? 129  ARG A CZ  1 
ATOM   1098 N NH1 . ARG A 1 128 ? 2.924   9.385   -5.264  1.00 45.70  ? 129  ARG A NH1 1 
ATOM   1099 N NH2 . ARG A 1 128 ? 2.420   7.181   -5.060  1.00 49.84  ? 129  ARG A NH2 1 
ATOM   1100 N N   . ALA A 1 129 ? -3.712  8.832   -4.342  1.00 37.29  ? 130  ALA A N   1 
ATOM   1101 C CA  . ALA A 1 129 ? -4.214  7.496   -4.034  1.00 38.73  ? 130  ALA A CA  1 
ATOM   1102 C C   . ALA A 1 129 ? -5.739  7.558   -3.887  1.00 38.25  ? 130  ALA A C   1 
ATOM   1103 O O   . ALA A 1 129 ? -6.438  6.606   -4.228  1.00 40.02  ? 130  ALA A O   1 
ATOM   1104 C CB  . ALA A 1 129 ? -3.566  6.946   -2.754  1.00 32.77  ? 130  ALA A CB  1 
ATOM   1105 N N   . LEU A 1 130 ? -6.254  8.677   -3.387  1.00 40.37  ? 131  LEU A N   1 
ATOM   1106 C CA  . LEU A 1 130 ? -7.702  8.829   -3.245  1.00 41.43  ? 131  LEU A CA  1 
ATOM   1107 C C   . LEU A 1 130 ? -8.356  8.865   -4.621  1.00 39.83  ? 131  LEU A C   1 
ATOM   1108 O O   . LEU A 1 130 ? -9.446  8.334   -4.816  1.00 38.41  ? 131  LEU A O   1 
ATOM   1109 C CB  . LEU A 1 130 ? -8.047  10.110  -2.483  1.00 46.55  ? 131  LEU A CB  1 
ATOM   1110 C CG  . LEU A 1 130 ? -8.489  9.932   -1.029  1.00 54.19  ? 131  LEU A CG  1 
ATOM   1111 C CD1 . LEU A 1 130 ? -9.717  9.014   -0.948  1.00 51.21  ? 131  LEU A CD1 1 
ATOM   1112 C CD2 . LEU A 1 130 ? -7.339  9.342   -0.235  1.00 56.77  ? 131  LEU A CD2 1 
ATOM   1113 N N   . GLU A 1 131 ? -7.699  9.505   -5.579  1.00 40.65  ? 132  GLU A N   1 
ATOM   1114 C CA  . GLU A 1 131 ? -8.244  9.560   -6.925  1.00 43.82  ? 132  GLU A CA  1 
ATOM   1115 C C   . GLU A 1 131 ? -8.357  8.139   -7.447  1.00 42.31  ? 132  GLU A C   1 
ATOM   1116 O O   . GLU A 1 131 ? -9.402  7.731   -7.950  1.00 43.87  ? 132  GLU A O   1 
ATOM   1117 C CB  . GLU A 1 131 ? -7.321  10.328  -7.856  1.00 49.34  ? 132  GLU A CB  1 
ATOM   1118 C CG  . GLU A 1 131 ? -7.323  11.815  -7.682  1.00 58.78  ? 132  GLU A CG  1 
ATOM   1119 C CD  . GLU A 1 131 ? -6.426  12.485  -8.707  1.00 67.80  ? 132  GLU A CD  1 
ATOM   1120 O OE1 . GLU A 1 131 ? -6.657  12.267  -9.929  1.00 66.72  ? 132  GLU A OE1 1 
ATOM   1121 O OE2 . GLU A 1 131 ? -5.495  13.217  -8.289  1.00 65.87  ? 132  GLU A OE2 1 
ATOM   1122 N N   . ALA A 1 132 ? -7.262  7.392   -7.321  1.00 37.14  ? 133  ALA A N   1 
ATOM   1123 C CA  . ALA A 1 132 ? -7.223  6.017   -7.788  1.00 34.51  ? 133  ALA A CA  1 
ATOM   1124 C C   . ALA A 1 132 ? -8.384  5.245   -7.212  1.00 33.69  ? 133  ALA A C   1 
ATOM   1125 O O   . ALA A 1 132 ? -9.131  4.587   -7.940  1.00 35.54  ? 133  ALA A O   1 
ATOM   1126 C CB  . ALA A 1 132 ? -5.913  5.363   -7.375  1.00 36.61  ? 133  ALA A CB  1 
ATOM   1127 N N   . VAL A 1 133 ? -8.539  5.326   -5.896  1.00 34.26  ? 134  VAL A N   1 
ATOM   1128 C CA  . VAL A 1 133 ? -9.614  4.606   -5.229  1.00 37.60  ? 134  VAL A CA  1 
ATOM   1129 C C   . VAL A 1 133 ? -10.974 5.012   -5.761  1.00 38.03  ? 134  VAL A C   1 
ATOM   1130 O O   . VAL A 1 133 ? -11.850 4.174   -5.949  1.00 37.04  ? 134  VAL A O   1 
ATOM   1131 C CB  . VAL A 1 133 ? -9.593  4.841   -3.708  1.00 39.19  ? 134  VAL A CB  1 
ATOM   1132 C CG1 . VAL A 1 133 ? -10.879 4.297   -3.075  1.00 38.57  ? 134  VAL A CG1 1 
ATOM   1133 C CG2 . VAL A 1 133 ? -8.379  4.137   -3.106  1.00 39.88  ? 134  VAL A CG2 1 
ATOM   1134 N N   . GLN A 1 134 ? -11.148 6.301   -6.014  1.00 40.37  ? 135  GLN A N   1 
ATOM   1135 C CA  . GLN A 1 134 ? -12.429 6.772   -6.498  1.00 43.91  ? 135  GLN A CA  1 
ATOM   1136 C C   . GLN A 1 134 ? -12.676 6.272   -7.915  1.00 39.04  ? 135  GLN A C   1 
ATOM   1137 O O   . GLN A 1 134 ? -13.756 5.784   -8.226  1.00 36.73  ? 135  GLN A O   1 
ATOM   1138 C CB  . GLN A 1 134 ? -12.501 8.304   -6.440  1.00 43.36  ? 135  GLN A CB  1 
ATOM   1139 C CG  . GLN A 1 134 ? -13.864 8.846   -6.842  1.00 57.27  ? 135  GLN A CG  1 
ATOM   1140 C CD  . GLN A 1 134 ? -15.010 8.213   -6.049  1.00 63.90  ? 135  GLN A CD  1 
ATOM   1141 O OE1 . GLN A 1 134 ? -15.105 8.377   -4.829  1.00 67.91  ? 135  GLN A OE1 1 
ATOM   1142 N NE2 . GLN A 1 134 ? -15.880 7.479   -6.743  1.00 58.87  ? 135  GLN A NE2 1 
ATOM   1143 N N   . SER A 1 135 ? -11.670 6.369   -8.771  1.00 38.29  ? 136  SER A N   1 
ATOM   1144 C CA  . SER A 1 135 ? -11.854 5.902   -10.133 1.00 37.10  ? 136  SER A CA  1 
ATOM   1145 C C   . SER A 1 135 ? -12.107 4.406   -10.094 1.00 33.85  ? 136  SER A C   1 
ATOM   1146 O O   . SER A 1 135 ? -12.861 3.874   -10.899 1.00 36.07  ? 136  SER A O   1 
ATOM   1147 C CB  . SER A 1 135 ? -10.628 6.219   -10.992 1.00 37.14  ? 136  SER A CB  1 
ATOM   1148 O OG  . SER A 1 135 ? -9.592  5.295   -10.762 1.00 51.62  ? 136  SER A OG  1 
ATOM   1149 N N   . ILE A 1 136 ? -11.493 3.714   -9.142  1.00 35.20  ? 137  ILE A N   1 
ATOM   1150 C CA  . ILE A 1 136 ? -11.711 2.284   -9.055  1.00 33.97  ? 137  ILE A CA  1 
ATOM   1151 C C   . ILE A 1 136 ? -13.153 1.976   -8.664  1.00 33.76  ? 137  ILE A C   1 
ATOM   1152 O O   . ILE A 1 136 ? -13.762 1.098   -9.259  1.00 35.68  ? 137  ILE A O   1 
ATOM   1153 C CB  . ILE A 1 136 ? -10.746 1.612   -8.043  1.00 36.18  ? 137  ILE A CB  1 
ATOM   1154 C CG1 . ILE A 1 136 ? -9.308  1.630   -8.590  1.00 37.87  ? 137  ILE A CG1 1 
ATOM   1155 C CG2 . ILE A 1 136 ? -11.175 0.189   -7.779  1.00 28.02  ? 137  ILE A CG2 1 
ATOM   1156 C CD1 . ILE A 1 136 ? -8.269  1.106   -7.600  1.00 33.99  ? 137  ILE A CD1 1 
ATOM   1157 N N   . VAL A 1 137 ? -13.722 2.676   -7.686  1.00 36.34  ? 138  VAL A N   1 
ATOM   1158 C CA  . VAL A 1 137 ? -15.103 2.352   -7.333  1.00 43.67  ? 138  VAL A CA  1 
ATOM   1159 C C   . VAL A 1 137 ? -16.035 2.800   -8.458  1.00 43.75  ? 138  VAL A C   1 
ATOM   1160 O O   . VAL A 1 137 ? -17.086 2.203   -8.664  1.00 43.83  ? 138  VAL A O   1 
ATOM   1161 C CB  . VAL A 1 137 ? -15.567 2.974   -5.975  1.00 44.73  ? 138  VAL A CB  1 
ATOM   1162 C CG1 . VAL A 1 137 ? -14.413 2.997   -4.990  1.00 41.18  ? 138  VAL A CG1 1 
ATOM   1163 C CG2 . VAL A 1 137 ? -16.182 4.342   -6.187  1.00 48.09  ? 138  VAL A CG2 1 
ATOM   1164 N N   . ASP A 1 138 ? -15.641 3.838   -9.196  1.00 44.35  ? 139  ASP A N   1 
ATOM   1165 C CA  . ASP A 1 138 ? -16.450 4.302   -10.320 1.00 47.70  ? 139  ASP A CA  1 
ATOM   1166 C C   . ASP A 1 138 ? -16.572 3.208   -11.379 1.00 46.86  ? 139  ASP A C   1 
ATOM   1167 O O   . ASP A 1 138 ? -17.617 3.050   -12.003 1.00 48.49  ? 139  ASP A O   1 
ATOM   1168 C CB  . ASP A 1 138 ? -15.832 5.539   -10.987 1.00 49.79  ? 139  ASP A CB  1 
ATOM   1169 C CG  . ASP A 1 138 ? -16.078 6.820   -10.202 1.00 59.60  ? 139  ASP A CG  1 
ATOM   1170 O OD1 . ASP A 1 138 ? -17.010 6.840   -9.361  1.00 61.53  ? 139  ASP A OD1 1 
ATOM   1171 O OD2 . ASP A 1 138 ? -15.348 7.813   -10.438 1.00 59.29  ? 139  ASP A OD2 1 
ATOM   1172 N N   . ARG A 1 139 ? -15.505 2.444   -11.577 1.00 43.02  ? 140  ARG A N   1 
ATOM   1173 C CA  . ARG A 1 139 ? -15.527 1.400   -12.597 1.00 40.86  ? 140  ARG A CA  1 
ATOM   1174 C C   . ARG A 1 139 ? -15.993 0.049   -12.077 1.00 38.67  ? 140  ARG A C   1 
ATOM   1175 O O   . ARG A 1 139 ? -16.019 -0.913  -12.825 1.00 36.94  ? 140  ARG A O   1 
ATOM   1176 C CB  . ARG A 1 139 ? -14.129 1.224   -13.203 1.00 43.43  ? 140  ARG A CB  1 
ATOM   1177 C CG  . ARG A 1 139 ? -13.422 2.504   -13.627 1.00 45.27  ? 140  ARG A CG  1 
ATOM   1178 C CD  . ARG A 1 139 ? -11.973 2.183   -13.925 1.00 50.27  ? 140  ARG A CD  1 
ATOM   1179 N NE  . ARG A 1 139 ? -11.888 1.142   -14.948 1.00 64.05  ? 140  ARG A NE  1 
ATOM   1180 C CZ  . ARG A 1 139 ? -10.827 0.369   -15.155 1.00 66.02  ? 140  ARG A CZ  1 
ATOM   1181 N NH1 . ARG A 1 139 ? -9.745  0.511   -14.404 1.00 71.43  ? 140  ARG A NH1 1 
ATOM   1182 N NH2 . ARG A 1 139 ? -10.847 -0.544  -16.116 1.00 68.21  ? 140  ARG A NH2 1 
ATOM   1183 N N   . HIS A 1 140 ? -16.350 -0.046  -10.803 1.00 37.81  ? 141  HIS A N   1 
ATOM   1184 C CA  . HIS A 1 140 ? -16.765 -1.336  -10.289 1.00 38.53  ? 141  HIS A CA  1 
ATOM   1185 C C   . HIS A 1 140 ? -17.979 -1.300  -9.392  1.00 42.76  ? 141  HIS A C   1 
ATOM   1186 O O   . HIS A 1 140 ? -17.968 -1.837  -8.280  1.00 41.40  ? 141  HIS A O   1 
ATOM   1187 C CB  . HIS A 1 140 ? -15.591 -2.005  -9.579  1.00 38.47  ? 141  HIS A CB  1 
ATOM   1188 C CG  . HIS A 1 140 ? -14.471 -2.352  -10.504 1.00 35.72  ? 141  HIS A CG  1 
ATOM   1189 N ND1 . HIS A 1 140 ? -14.564 -3.372  -11.431 1.00 36.86  ? 141  HIS A ND1 1 
ATOM   1190 C CD2 . HIS A 1 140 ? -13.282 -1.746  -10.731 1.00 32.78  ? 141  HIS A CD2 1 
ATOM   1191 C CE1 . HIS A 1 140 ? -13.484 -3.373  -12.191 1.00 37.41  ? 141  HIS A CE1 1 
ATOM   1192 N NE2 . HIS A 1 140 ? -12.691 -2.395  -11.787 1.00 38.58  ? 141  HIS A NE2 1 
ATOM   1193 N N   . GLU A 1 141 ? -19.033 -0.675  -9.906  1.00 43.48  ? 142  GLU A N   1 
ATOM   1194 C CA  . GLU A 1 141 ? -20.280 -0.560  -9.187  1.00 43.50  ? 142  GLU A CA  1 
ATOM   1195 C C   . GLU A 1 141 ? -20.830 -1.960  -8.941  1.00 43.01  ? 142  GLU A C   1 
ATOM   1196 O O   . GLU A 1 141 ? -20.916 -2.767  -9.860  1.00 40.68  ? 142  GLU A O   1 
ATOM   1197 C CB  . GLU A 1 141 ? -21.283 0.257   -10.005 1.00 43.39  ? 142  GLU A CB  1 
ATOM   1198 C CG  . GLU A 1 141 ? -22.617 0.459   -9.304  1.00 48.25  ? 142  GLU A CG  1 
ATOM   1199 C CD  . GLU A 1 141 ? -22.473 1.221   -8.003  1.00 49.58  ? 142  GLU A CD  1 
ATOM   1200 O OE1 . GLU A 1 141 ? -21.828 2.287   -8.015  1.00 57.08  ? 142  GLU A OE1 1 
ATOM   1201 O OE2 . GLU A 1 141 ? -23.003 0.765   -6.969  1.00 55.49  ? 142  GLU A OE2 1 
ATOM   1202 N N   . GLY A 1 142 ? -21.191 -2.243  -7.694  1.00 41.44  ? 143  GLY A N   1 
ATOM   1203 C CA  . GLY A 1 142 ? -21.738 -3.543  -7.362  1.00 41.83  ? 143  GLY A CA  1 
ATOM   1204 C C   . GLY A 1 142 ? -20.754 -4.688  -7.456  1.00 43.19  ? 143  GLY A C   1 
ATOM   1205 O O   . GLY A 1 142 ? -21.158 -5.832  -7.680  1.00 43.11  ? 143  GLY A O   1 
ATOM   1206 N N   . GLU A 1 143 ? -19.469 -4.407  -7.269  1.00 41.42  ? 144  GLU A N   1 
ATOM   1207 C CA  . GLU A 1 143 ? -18.463 -5.463  -7.355  1.00 42.64  ? 144  GLU A CA  1 
ATOM   1208 C C   . GLU A 1 143 ? -17.444 -5.416  -6.225  1.00 39.88  ? 144  GLU A C   1 
ATOM   1209 O O   . GLU A 1 143 ? -17.386 -4.463  -5.452  1.00 40.51  ? 144  GLU A O   1 
ATOM   1210 C CB  . GLU A 1 143 ? -17.720 -5.381  -8.698  1.00 42.89  ? 144  GLU A CB  1 
ATOM   1211 C CG  . GLU A 1 143 ? -18.574 -5.708  -9.929  1.00 46.22  ? 144  GLU A CG  1 
ATOM   1212 C CD  . GLU A 1 143 ? -17.819 -5.511  -11.249 1.00 50.86  ? 144  GLU A CD  1 
ATOM   1213 O OE1 . GLU A 1 143 ? -18.242 -6.094  -12.267 1.00 56.05  ? 144  GLU A OE1 1 
ATOM   1214 O OE2 . GLU A 1 143 ? -16.811 -4.770  -11.278 1.00 50.82  ? 144  GLU A OE2 1 
ATOM   1215 N N   . THR A 1 144 ? -16.639 -6.464  -6.145  1.00 38.46  ? 145  THR A N   1 
ATOM   1216 C CA  . THR A 1 144 ? -15.593 -6.570  -5.144  1.00 38.64  ? 145  THR A CA  1 
ATOM   1217 C C   . THR A 1 144 ? -14.256 -6.586  -5.883  1.00 39.70  ? 145  THR A C   1 
ATOM   1218 O O   . THR A 1 144 ? -14.117 -7.282  -6.895  1.00 37.67  ? 145  THR A O   1 
ATOM   1219 C CB  . THR A 1 144 ? -15.718 -7.877  -4.368  1.00 36.57  ? 145  THR A CB  1 
ATOM   1220 O OG1 . THR A 1 144 ? -17.025 -7.959  -3.796  1.00 47.15  ? 145  THR A OG1 1 
ATOM   1221 C CG2 . THR A 1 144 ? -14.678 -7.948  -3.271  1.00 38.70  ? 145  THR A CG2 1 
ATOM   1222 N N   . VAL A 1 145 ? -13.278 -5.822  -5.398  1.00 38.62  ? 146  VAL A N   1 
ATOM   1223 C CA  . VAL A 1 145 ? -11.967 -5.822  -6.041  1.00 40.05  ? 146  VAL A CA  1 
ATOM   1224 C C   . VAL A 1 145 ? -10.829 -5.777  -5.033  1.00 40.13  ? 146  VAL A C   1 
ATOM   1225 O O   . VAL A 1 145 ? -11.034 -5.416  -3.869  1.00 42.10  ? 146  VAL A O   1 
ATOM   1226 C CB  . VAL A 1 145 ? -11.806 -4.639  -7.031  1.00 40.69  ? 146  VAL A CB  1 
ATOM   1227 C CG1 . VAL A 1 145 ? -12.935 -4.658  -8.051  1.00 43.47  ? 146  VAL A CG1 1 
ATOM   1228 C CG2 . VAL A 1 145 ? -11.785 -3.328  -6.292  1.00 39.66  ? 146  VAL A CG2 1 
ATOM   1229 N N   . LEU A 1 146 ? -9.632  -6.149  -5.493  1.00 38.25  ? 147  LEU A N   1 
ATOM   1230 C CA  . LEU A 1 146 ? -8.432  -6.148  -4.659  1.00 36.28  ? 147  LEU A CA  1 
ATOM   1231 C C   . LEU A 1 146 ? -7.446  -5.067  -5.093  1.00 37.67  ? 147  LEU A C   1 
ATOM   1232 O O   . LEU A 1 146 ? -7.221  -4.848  -6.290  1.00 38.88  ? 147  LEU A O   1 
ATOM   1233 C CB  . LEU A 1 146 ? -7.723  -7.510  -4.721  1.00 34.48  ? 147  LEU A CB  1 
ATOM   1234 C CG  . LEU A 1 146 ? -6.314  -7.601  -4.092  1.00 30.92  ? 147  LEU A CG  1 
ATOM   1235 C CD1 . LEU A 1 146 ? -6.387  -7.351  -2.589  1.00 34.25  ? 147  LEU A CD1 1 
ATOM   1236 C CD2 . LEU A 1 146 ? -5.719  -8.983  -4.351  1.00 28.41  ? 147  LEU A CD2 1 
ATOM   1237 N N   . ILE A 1 147 ? -6.850  -4.405  -4.110  1.00 36.25  ? 148  ILE A N   1 
ATOM   1238 C CA  . ILE A 1 147 ? -5.871  -3.368  -4.376  1.00 38.48  ? 148  ILE A CA  1 
ATOM   1239 C C   . ILE A 1 147 ? -4.573  -3.723  -3.658  1.00 40.03  ? 148  ILE A C   1 
ATOM   1240 O O   . ILE A 1 147 ? -4.553  -3.869  -2.434  1.00 37.81  ? 148  ILE A O   1 
ATOM   1241 C CB  . ILE A 1 147 ? -6.340  -1.982  -3.859  1.00 39.45  ? 148  ILE A CB  1 
ATOM   1242 C CG1 . ILE A 1 147 ? -7.661  -1.578  -4.526  1.00 42.30  ? 148  ILE A CG1 1 
ATOM   1243 C CG2 . ILE A 1 147 ? -5.279  -0.945  -4.149  1.00 39.24  ? 148  ILE A CG2 1 
ATOM   1244 C CD1 . ILE A 1 147 ? -8.184  -0.216  -4.086  1.00 41.47  ? 148  ILE A CD1 1 
ATOM   1245 N N   . VAL A 1 148 ? -3.498  -3.873  -4.426  1.00 38.90  ? 149  VAL A N   1 
ATOM   1246 C CA  . VAL A 1 148 ? -2.195  -4.189  -3.860  1.00 36.34  ? 149  VAL A CA  1 
ATOM   1247 C C   . VAL A 1 148 ? -1.348  -2.949  -4.003  1.00 36.22  ? 149  VAL A C   1 
ATOM   1248 O O   . VAL A 1 148 ? -1.013  -2.542  -5.115  1.00 37.56  ? 149  VAL A O   1 
ATOM   1249 C CB  . VAL A 1 148 ? -1.504  -5.326  -4.611  1.00 37.95  ? 149  VAL A CB  1 
ATOM   1250 C CG1 . VAL A 1 148 ? -0.148  -5.609  -3.977  1.00 38.91  ? 149  VAL A CG1 1 
ATOM   1251 C CG2 . VAL A 1 148 ? -2.374  -6.553  -4.597  1.00 35.07  ? 149  VAL A CG2 1 
ATOM   1252 N N   . THR A 1 149 ? -0.994  -2.344  -2.879  1.00 36.27  ? 150  THR A N   1 
ATOM   1253 C CA  . THR A 1 149 ? -0.215  -1.129  -2.925  1.00 37.40  ? 150  THR A CA  1 
ATOM   1254 C C   . THR A 1 149 ? 0.954   -1.181  -1.938  1.00 38.42  ? 150  THR A C   1 
ATOM   1255 O O   . THR A 1 149 ? 1.432   -2.264  -1.618  1.00 43.21  ? 150  THR A O   1 
ATOM   1256 C CB  . THR A 1 149 ? -1.148  0.086   -2.665  1.00 37.85  ? 150  THR A CB  1 
ATOM   1257 O OG1 . THR A 1 149 ? -0.444  1.296   -2.937  1.00 37.46  ? 150  THR A OG1 1 
ATOM   1258 C CG2 . THR A 1 149 ? -1.643  0.095   -1.223  1.00 39.78  ? 150  THR A CG2 1 
ATOM   1259 N N   . HIS A 1 150 ? 1.410   -0.030  -1.449  1.00 38.20  ? 151  HIS A N   1 
ATOM   1260 C CA  . HIS A 1 150 ? 2.554   0.013   -0.530  1.00 40.97  ? 151  HIS A CA  1 
ATOM   1261 C C   . HIS A 1 150 ? 2.259   0.590   0.866   1.00 42.66  ? 151  HIS A C   1 
ATOM   1262 O O   . HIS A 1 150 ? 1.205   1.185   1.096   1.00 42.93  ? 151  HIS A O   1 
ATOM   1263 C CB  . HIS A 1 150 ? 3.674   0.817   -1.194  1.00 42.26  ? 151  HIS A CB  1 
ATOM   1264 C CG  . HIS A 1 150 ? 3.914   0.425   -2.614  1.00 44.92  ? 151  HIS A CG  1 
ATOM   1265 N ND1 . HIS A 1 150 ? 4.758   -0.604  -2.969  1.00 41.96  ? 151  HIS A ND1 1 
ATOM   1266 C CD2 . HIS A 1 150 ? 3.340   0.857   -3.763  1.00 48.41  ? 151  HIS A CD2 1 
ATOM   1267 C CE1 . HIS A 1 150 ? 4.693   -0.792  -4.275  1.00 44.15  ? 151  HIS A CE1 1 
ATOM   1268 N NE2 . HIS A 1 150 ? 3.839   0.081   -4.781  1.00 46.84  ? 151  HIS A NE2 1 
ATOM   1269 N N   . GLY A 1 151 ? 3.218   0.429   1.779   1.00 41.71  ? 152  GLY A N   1 
ATOM   1270 C CA  . GLY A 1 151 ? 3.066   0.904   3.151   1.00 45.41  ? 152  GLY A CA  1 
ATOM   1271 C C   . GLY A 1 151 ? 2.478   2.288   3.386   1.00 45.51  ? 152  GLY A C   1 
ATOM   1272 O O   . GLY A 1 151 ? 1.435   2.437   4.023   1.00 44.13  ? 152  GLY A O   1 
ATOM   1273 N N   . VAL A 1 152 ? 3.152   3.306   2.869   1.00 44.77  ? 153  VAL A N   1 
ATOM   1274 C CA  . VAL A 1 152 ? 2.714   4.684   3.016   1.00 43.27  ? 153  VAL A CA  1 
ATOM   1275 C C   . VAL A 1 152 ? 1.360   4.978   2.371   1.00 45.71  ? 153  VAL A C   1 
ATOM   1276 O O   . VAL A 1 152 ? 0.508   5.618   2.980   1.00 49.23  ? 153  VAL A O   1 
ATOM   1277 C CB  . VAL A 1 152 ? 3.760   5.638   2.411   1.00 43.37  ? 153  VAL A CB  1 
ATOM   1278 C CG1 . VAL A 1 152 ? 3.275   7.065   2.500   1.00 41.86  ? 153  VAL A CG1 1 
ATOM   1279 C CG2 . VAL A 1 152 ? 5.082   5.467   3.123   1.00 40.92  ? 153  VAL A CG2 1 
ATOM   1280 N N   . VAL A 1 153 ? 1.164   4.526   1.137   1.00 43.53  ? 154  VAL A N   1 
ATOM   1281 C CA  . VAL A 1 153 ? -0.096  4.769   0.447   1.00 42.12  ? 154  VAL A CA  1 
ATOM   1282 C C   . VAL A 1 153 ? -1.219  4.215   1.295   1.00 43.88  ? 154  VAL A C   1 
ATOM   1283 O O   . VAL A 1 153 ? -2.240  4.865   1.516   1.00 45.21  ? 154  VAL A O   1 
ATOM   1284 C CB  . VAL A 1 153 ? -0.151  4.049   -0.920  1.00 43.40  ? 154  VAL A CB  1 
ATOM   1285 C CG1 . VAL A 1 153 ? -1.559  4.172   -1.524  1.00 37.10  ? 154  VAL A CG1 1 
ATOM   1286 C CG2 . VAL A 1 153 ? 0.890   4.622   -1.859  1.00 41.30  ? 154  VAL A CG2 1 
ATOM   1287 N N   . LEU A 1 154 ? -1.013  2.989   1.751   1.00 40.95  ? 155  LEU A N   1 
ATOM   1288 C CA  . LEU A 1 154 ? -1.973  2.290   2.569   1.00 42.30  ? 155  LEU A CA  1 
ATOM   1289 C C   . LEU A 1 154 ? -2.285  3.123   3.809   1.00 45.62  ? 155  LEU A C   1 
ATOM   1290 O O   . LEU A 1 154 ? -3.449  3.299   4.179   1.00 42.29  ? 155  LEU A O   1 
ATOM   1291 C CB  . LEU A 1 154 ? -1.386  0.937   2.955   1.00 46.52  ? 155  LEU A CB  1 
ATOM   1292 C CG  . LEU A 1 154 ? -2.333  -0.127  3.499   1.00 52.38  ? 155  LEU A CG  1 
ATOM   1293 C CD1 . LEU A 1 154 ? -3.539  -0.256  2.585   1.00 54.85  ? 155  LEU A CD1 1 
ATOM   1294 C CD2 . LEU A 1 154 ? -1.587  -1.462  3.591   1.00 54.04  ? 155  LEU A CD2 1 
ATOM   1295 N N   . LYS A 1 155 ? -1.246  3.652   4.448   1.00 39.53  ? 156  LYS A N   1 
ATOM   1296 C CA  . LYS A 1 155 ? -1.455  4.459   5.631   1.00 42.57  ? 156  LYS A CA  1 
ATOM   1297 C C   . LYS A 1 155 ? -2.203  5.772   5.385   1.00 40.21  ? 156  LYS A C   1 
ATOM   1298 O O   . LYS A 1 155 ? -3.074  6.136   6.176   1.00 40.76  ? 156  LYS A O   1 
ATOM   1299 C CB  . LYS A 1 155 ? -0.122  4.738   6.329   1.00 42.95  ? 156  LYS A CB  1 
ATOM   1300 C CG  . LYS A 1 155 ? 0.252   3.689   7.375   1.00 51.29  ? 156  LYS A CG  1 
ATOM   1301 C CD  . LYS A 1 155 ? -0.841  3.593   8.435   1.00 57.42  ? 156  LYS A CD  1 
ATOM   1302 C CE  . LYS A 1 155 ? -0.420  2.770   9.637   1.00 58.13  ? 156  LYS A CE  1 
ATOM   1303 N NZ  . LYS A 1 155 ? -1.501  2.777   10.665  1.00 58.99  ? 156  LYS A NZ  1 
ATOM   1304 N N   . THR A 1 156 ? -1.882  6.486   4.308   1.00 36.09  ? 157  THR A N   1 
ATOM   1305 C CA  . THR A 1 156 ? -2.568  7.748   4.053   1.00 36.69  ? 157  THR A CA  1 
ATOM   1306 C C   . THR A 1 156 ? -4.012  7.447   3.729   1.00 38.24  ? 157  THR A C   1 
ATOM   1307 O O   . THR A 1 156 ? -4.911  8.224   4.059   1.00 39.29  ? 157  THR A O   1 
ATOM   1308 C CB  . THR A 1 156 ? -1.979  8.521   2.865   1.00 38.18  ? 157  THR A CB  1 
ATOM   1309 O OG1 . THR A 1 156 ? -2.123  7.733   1.672   1.00 35.25  ? 157  THR A OG1 1 
ATOM   1310 C CG2 . THR A 1 156 ? -0.511  8.864   3.118   1.00 33.75  ? 157  THR A CG2 1 
ATOM   1311 N N   . LEU A 1 157 ? -4.237  6.323   3.063   1.00 36.82  ? 158  LEU A N   1 
ATOM   1312 C CA  . LEU A 1 157 ? -5.591  5.943   2.728   1.00 39.76  ? 158  LEU A CA  1 
ATOM   1313 C C   . LEU A 1 157 ? -6.371  5.683   4.017   1.00 39.78  ? 158  LEU A C   1 
ATOM   1314 O O   . LEU A 1 157 ? -7.435  6.263   4.243   1.00 41.48  ? 158  LEU A O   1 
ATOM   1315 C CB  . LEU A 1 157 ? -5.598  4.700   1.831   1.00 37.41  ? 158  LEU A CB  1 
ATOM   1316 C CG  . LEU A 1 157 ? -5.247  4.934   0.354   1.00 36.21  ? 158  LEU A CG  1 
ATOM   1317 C CD1 . LEU A 1 157 ? -5.356  3.626   -0.418  1.00 32.73  ? 158  LEU A CD1 1 
ATOM   1318 C CD2 . LEU A 1 157 ? -6.193  5.975   -0.241  1.00 37.62  ? 158  LEU A CD2 1 
ATOM   1319 N N   . MET A 1 158 ? -5.842  4.822   4.870   1.00 39.11  ? 159  MET A N   1 
ATOM   1320 C CA  . MET A 1 158 ? -6.530  4.527   6.109   1.00 44.18  ? 159  MET A CA  1 
ATOM   1321 C C   . MET A 1 158 ? -6.845  5.824   6.839   1.00 45.10  ? 159  MET A C   1 
ATOM   1322 O O   . MET A 1 158 ? -7.906  5.954   7.452   1.00 44.48  ? 159  MET A O   1 
ATOM   1323 C CB  . MET A 1 158 ? -5.687  3.610   6.998   1.00 46.58  ? 159  MET A CB  1 
ATOM   1324 C CG  . MET A 1 158 ? -5.579  2.186   6.480   1.00 50.42  ? 159  MET A CG  1 
ATOM   1325 S SD  . MET A 1 158 ? -7.169  1.553   5.888   1.00 58.63  ? 159  MET A SD  1 
ATOM   1326 C CE  . MET A 1 158 ? -8.090  1.456   7.454   1.00 54.14  ? 159  MET A CE  1 
ATOM   1327 N N   . ALA A 1 159 ? -5.933  6.786   6.751   1.00 41.63  ? 160  ALA A N   1 
ATOM   1328 C CA  . ALA A 1 159 ? -6.120  8.067   7.414   1.00 43.32  ? 160  ALA A CA  1 
ATOM   1329 C C   . ALA A 1 159 ? -7.318  8.823   6.848   1.00 46.13  ? 160  ALA A C   1 
ATOM   1330 O O   . ALA A 1 159 ? -8.101  9.404   7.598   1.00 46.57  ? 160  ALA A O   1 
ATOM   1331 C CB  . ALA A 1 159 ? -4.858  8.913   7.292   1.00 41.24  ? 160  ALA A CB  1 
ATOM   1332 N N   . ALA A 1 160 ? -7.468  8.815   5.527   1.00 45.60  ? 161  ALA A N   1 
ATOM   1333 C CA  . ALA A 1 160 ? -8.584  9.506   4.906   1.00 45.46  ? 161  ALA A CA  1 
ATOM   1334 C C   . ALA A 1 160 ? -9.901  8.852   5.312   1.00 46.66  ? 161  ALA A C   1 
ATOM   1335 O O   . ALA A 1 160 ? -10.869 9.545   5.641   1.00 45.29  ? 161  ALA A O   1 
ATOM   1336 C CB  . ALA A 1 160 ? -8.443  9.488   3.400   1.00 43.97  ? 161  ALA A CB  1 
ATOM   1337 N N   . PHE A 1 161 ? -9.941  7.520   5.292   1.00 43.98  ? 162  PHE A N   1 
ATOM   1338 C CA  . PHE A 1 161 ? -11.161 6.810   5.667   1.00 46.10  ? 162  PHE A CA  1 
ATOM   1339 C C   . PHE A 1 161 ? -11.491 6.978   7.149   1.00 47.17  ? 162  PHE A C   1 
ATOM   1340 O O   . PHE A 1 161 ? -12.652 7.085   7.512   1.00 48.94  ? 162  PHE A O   1 
ATOM   1341 C CB  . PHE A 1 161 ? -11.056 5.319   5.344   1.00 42.53  ? 162  PHE A CB  1 
ATOM   1342 C CG  . PHE A 1 161 ? -10.739 5.028   3.904   1.00 46.75  ? 162  PHE A CG  1 
ATOM   1343 C CD1 . PHE A 1 161 ? -11.212 5.853   2.887   1.00 45.85  ? 162  PHE A CD1 1 
ATOM   1344 C CD2 . PHE A 1 161 ? -9.984  3.913   3.560   1.00 44.94  ? 162  PHE A CD2 1 
ATOM   1345 C CE1 . PHE A 1 161 ? -10.934 5.575   1.553   1.00 44.49  ? 162  PHE A CE1 1 
ATOM   1346 C CE2 . PHE A 1 161 ? -9.703  3.625   2.231   1.00 44.01  ? 162  PHE A CE2 1 
ATOM   1347 C CZ  . PHE A 1 161 ? -10.179 4.460   1.225   1.00 46.39  ? 162  PHE A CZ  1 
ATOM   1348 N N   . LYS A 1 162 ? -10.477 6.995   8.006   1.00 50.51  ? 163  LYS A N   1 
ATOM   1349 C CA  . LYS A 1 162 ? -10.703 7.149   9.443   1.00 52.56  ? 163  LYS A CA  1 
ATOM   1350 C C   . LYS A 1 162 ? -10.846 8.615   9.805   1.00 56.04  ? 163  LYS A C   1 
ATOM   1351 O O   . LYS A 1 162 ? -11.099 8.955   10.964  1.00 52.43  ? 163  LYS A O   1 
ATOM   1352 C CB  . LYS A 1 162 ? -9.542  6.572   10.244  1.00 51.50  ? 163  LYS A CB  1 
ATOM   1353 C CG  . LYS A 1 162 ? -9.494  5.062   10.372  1.00 54.18  ? 163  LYS A CG  1 
ATOM   1354 C CD  . LYS A 1 162 ? -8.190  4.689   11.087  1.00 59.60  ? 163  LYS A CD  1 
ATOM   1355 C CE  . LYS A 1 162 ? -8.252  3.353   11.799  1.00 62.79  ? 163  LYS A CE  1 
ATOM   1356 N NZ  . LYS A 1 162 ? -7.016  3.152   12.624  1.00 69.77  ? 163  LYS A NZ  1 
ATOM   1357 N N   . ASP A 1 163 ? -10.659 9.482   8.813   1.00 58.88  ? 164  ASP A N   1 
ATOM   1358 C CA  . ASP A 1 163 ? -10.762 10.916  9.028   1.00 60.64  ? 164  ASP A CA  1 
ATOM   1359 C C   . ASP A 1 163 ? -9.683  11.388  10.009  1.00 59.83  ? 164  ASP A C   1 
ATOM   1360 O O   . ASP A 1 163 ? -9.911  12.269  10.826  1.00 58.25  ? 164  ASP A O   1 
ATOM   1361 C CB  . ASP A 1 163 ? -12.153 11.253  9.569   1.00 65.74  ? 164  ASP A CB  1 
ATOM   1362 C CG  . ASP A 1 163 ? -12.492 12.720  9.424   1.00 73.89  ? 164  ASP A CG  1 
ATOM   1363 O OD1 . ASP A 1 163 ? -12.519 13.204  8.269   1.00 75.60  ? 164  ASP A OD1 1 
ATOM   1364 O OD2 . ASP A 1 163 ? -12.729 13.388  10.460  1.00 76.76  ? 164  ASP A OD2 1 
ATOM   1365 N N   . THR A 1 164 ? -8.504  10.785  9.919   1.00 61.27  ? 165  THR A N   1 
ATOM   1366 C CA  . THR A 1 164 ? -7.387  11.123  10.794  1.00 61.99  ? 165  THR A CA  1 
ATOM   1367 C C   . THR A 1 164 ? -6.486  12.184  10.163  1.00 59.71  ? 165  THR A C   1 
ATOM   1368 O O   . THR A 1 164 ? -6.189  12.131  8.981   1.00 58.70  ? 165  THR A O   1 
ATOM   1369 C CB  . THR A 1 164 ? -6.519  9.882   11.072  1.00 63.96  ? 165  THR A CB  1 
ATOM   1370 O OG1 . THR A 1 164 ? -7.326  8.857   11.656  1.00 66.79  ? 165  THR A OG1 1 
ATOM   1371 C CG2 . THR A 1 164 ? -5.369  10.230  12.012  1.00 64.66  ? 165  THR A CG2 1 
ATOM   1372 N N   . PRO A 1 165 ? -6.046  13.170  10.949  1.00 59.80  ? 166  PRO A N   1 
ATOM   1373 C CA  . PRO A 1 165 ? -5.175  14.187  10.356  1.00 58.57  ? 166  PRO A CA  1 
ATOM   1374 C C   . PRO A 1 165 ? -3.824  13.540  10.079  1.00 58.06  ? 166  PRO A C   1 
ATOM   1375 O O   . PRO A 1 165 ? -3.393  12.641  10.810  1.00 56.67  ? 166  PRO A O   1 
ATOM   1376 C CB  . PRO A 1 165 ? -5.082  15.247  11.453  1.00 59.73  ? 166  PRO A CB  1 
ATOM   1377 C CG  . PRO A 1 165 ? -6.343  15.036  12.247  1.00 60.37  ? 166  PRO A CG  1 
ATOM   1378 C CD  . PRO A 1 165 ? -6.440  13.545  12.315  1.00 58.73  ? 166  PRO A CD  1 
ATOM   1379 N N   . LEU A 1 166 ? -3.152  14.003  9.032   1.00 57.70  ? 167  LEU A N   1 
ATOM   1380 C CA  . LEU A 1 166 ? -1.859  13.457  8.651   1.00 56.44  ? 167  LEU A CA  1 
ATOM   1381 C C   . LEU A 1 166 ? -0.797  13.448  9.742   1.00 55.15  ? 167  LEU A C   1 
ATOM   1382 O O   . LEU A 1 166 ? 0.151   12.668  9.670   1.00 53.48  ? 167  LEU A O   1 
ATOM   1383 C CB  . LEU A 1 166 ? -1.336  14.184  7.415   1.00 58.00  ? 167  LEU A CB  1 
ATOM   1384 C CG  . LEU A 1 166 ? -1.448  13.407  6.099   1.00 56.02  ? 167  LEU A CG  1 
ATOM   1385 C CD1 . LEU A 1 166 ? -2.752  12.658  6.039   1.00 56.72  ? 167  LEU A CD1 1 
ATOM   1386 C CD2 . LEU A 1 166 ? -1.326  14.370  4.938   1.00 57.03  ? 167  LEU A CD2 1 
ATOM   1387 N N   . ASP A 1 167 ? -0.931  14.297  10.754  1.00 54.60  ? 168  ASP A N   1 
ATOM   1388 C CA  . ASP A 1 167 ? 0.066   14.283  11.816  1.00 57.49  ? 168  ASP A CA  1 
ATOM   1389 C C   . ASP A 1 167 ? -0.012  12.981  12.628  1.00 58.05  ? 168  ASP A C   1 
ATOM   1390 O O   . ASP A 1 167 ? 0.940   12.619  13.321  1.00 55.53  ? 168  ASP A O   1 
ATOM   1391 C CB  . ASP A 1 167 ? -0.069  15.501  12.743  1.00 60.49  ? 168  ASP A CB  1 
ATOM   1392 C CG  . ASP A 1 167 ? -1.385  16.237  12.574  1.00 66.87  ? 168  ASP A CG  1 
ATOM   1393 O OD1 . ASP A 1 167 ? -1.714  16.633  11.433  1.00 65.76  ? 168  ASP A OD1 1 
ATOM   1394 O OD2 . ASP A 1 167 ? -2.082  16.432  13.594  1.00 69.64  ? 168  ASP A OD2 1 
ATOM   1395 N N   . HIS A 1 168 ? -1.134  12.274  12.527  1.00 54.80  ? 169  HIS A N   1 
ATOM   1396 C CA  . HIS A 1 168 ? -1.299  11.020  13.248  1.00 56.60  ? 169  HIS A CA  1 
ATOM   1397 C C   . HIS A 1 168 ? -1.300  9.871   12.269  1.00 55.02  ? 169  HIS A C   1 
ATOM   1398 O O   . HIS A 1 168 ? -1.891  8.827   12.512  1.00 53.65  ? 169  HIS A O   1 
ATOM   1399 C CB  . HIS A 1 168 ? -2.599  11.028  14.049  1.00 59.86  ? 169  HIS A CB  1 
ATOM   1400 C CG  . HIS A 1 168 ? -2.560  11.948  15.226  1.00 64.55  ? 169  HIS A CG  1 
ATOM   1401 N ND1 . HIS A 1 168 ? -1.720  11.742  16.297  1.00 68.74  ? 169  HIS A ND1 1 
ATOM   1402 C CD2 . HIS A 1 168 ? -3.211  13.108  15.473  1.00 68.06  ? 169  HIS A CD2 1 
ATOM   1403 C CE1 . HIS A 1 168 ? -1.852  12.738  17.157  1.00 68.19  ? 169  HIS A CE1 1 
ATOM   1404 N NE2 . HIS A 1 168 ? -2.750  13.580  16.679  1.00 71.38  ? 169  HIS A NE2 1 
ATOM   1405 N N   . LEU A 1 169 ? -0.620  10.082  11.155  1.00 54.42  ? 170  LEU A N   1 
ATOM   1406 C CA  . LEU A 1 169 ? -0.524  9.079   10.104  1.00 54.19  ? 170  LEU A CA  1 
ATOM   1407 C C   . LEU A 1 169 ? -0.001  7.731   10.587  1.00 52.96  ? 170  LEU A C   1 
ATOM   1408 O O   . LEU A 1 169 ? -0.615  6.698   10.342  1.00 52.67  ? 170  LEU A O   1 
ATOM   1409 C CB  . LEU A 1 169 ? 0.378   9.601   8.985   1.00 52.69  ? 170  LEU A CB  1 
ATOM   1410 C CG  . LEU A 1 169 ? 0.837   8.607   7.923   1.00 52.43  ? 170  LEU A CG  1 
ATOM   1411 C CD1 . LEU A 1 169 ? -0.342  8.194   7.057   1.00 52.72  ? 170  LEU A CD1 1 
ATOM   1412 C CD2 . LEU A 1 169 ? 1.913   9.252   7.076   1.00 55.07  ? 170  LEU A CD2 1 
ATOM   1413 N N   . TRP A 1 170 ? 1.134   7.748   11.276  1.00 53.41  ? 171  TRP A N   1 
ATOM   1414 C CA  . TRP A 1 170 ? 1.754   6.513   11.747  1.00 54.58  ? 171  TRP A CA  1 
ATOM   1415 C C   . TRP A 1 170 ? 1.123   5.867   12.980  1.00 56.51  ? 171  TRP A C   1 
ATOM   1416 O O   . TRP A 1 170 ? 1.726   4.993   13.602  1.00 58.45  ? 171  TRP A O   1 
ATOM   1417 C CB  . TRP A 1 170 ? 3.246   6.753   11.988  1.00 47.69  ? 171  TRP A CB  1 
ATOM   1418 C CG  . TRP A 1 170 ? 3.975   7.105   10.737  1.00 45.05  ? 171  TRP A CG  1 
ATOM   1419 C CD1 . TRP A 1 170 ? 4.628   8.272   10.467  1.00 45.27  ? 171  TRP A CD1 1 
ATOM   1420 C CD2 . TRP A 1 170 ? 4.106   6.292   9.564   1.00 45.59  ? 171  TRP A CD2 1 
ATOM   1421 N NE1 . TRP A 1 170 ? 5.155   8.239   9.197   1.00 44.09  ? 171  TRP A NE1 1 
ATOM   1422 C CE2 . TRP A 1 170 ? 4.849   7.032   8.620   1.00 43.25  ? 171  TRP A CE2 1 
ATOM   1423 C CE3 . TRP A 1 170 ? 3.666   5.005   9.218   1.00 42.69  ? 171  TRP A CE3 1 
ATOM   1424 C CZ2 . TRP A 1 170 ? 5.166   6.534   7.352   1.00 44.03  ? 171  TRP A CZ2 1 
ATOM   1425 C CZ3 . TRP A 1 170 ? 3.979   4.506   7.955   1.00 45.55  ? 171  TRP A CZ3 1 
ATOM   1426 C CH2 . TRP A 1 170 ? 4.723   5.273   7.038   1.00 44.00  ? 171  TRP A CH2 1 
ATOM   1427 N N   . SER A 1 171 ? -0.087  6.284   13.331  1.00 57.74  ? 172  SER A N   1 
ATOM   1428 C CA  . SER A 1 171 ? -0.772  5.707   14.483  1.00 59.95  ? 172  SER A CA  1 
ATOM   1429 C C   . SER A 1 171 ? -1.183  4.277   14.159  1.00 59.01  ? 172  SER A C   1 
ATOM   1430 O O   . SER A 1 171 ? -1.403  3.937   13.003  1.00 58.89  ? 172  SER A O   1 
ATOM   1431 C CB  . SER A 1 171 ? -2.014  6.531   14.828  1.00 61.23  ? 172  SER A CB  1 
ATOM   1432 O OG  . SER A 1 171 ? -1.656  7.855   15.185  1.00 68.12  ? 172  SER A OG  1 
ATOM   1433 N N   . PRO A 1 172 ? -1.280  3.415   15.180  1.00 60.89  ? 173  PRO A N   1 
ATOM   1434 C CA  . PRO A 1 172 ? -1.670  2.021   14.947  1.00 61.35  ? 173  PRO A CA  1 
ATOM   1435 C C   . PRO A 1 172 ? -3.052  1.923   14.301  1.00 61.47  ? 173  PRO A C   1 
ATOM   1436 O O   . PRO A 1 172 ? -3.800  2.903   14.253  1.00 63.57  ? 173  PRO A O   1 
ATOM   1437 C CB  . PRO A 1 172 ? -1.646  1.418   16.355  1.00 62.29  ? 173  PRO A CB  1 
ATOM   1438 C CG  . PRO A 1 172 ? -0.580  2.224   17.047  1.00 62.16  ? 173  PRO A CG  1 
ATOM   1439 C CD  . PRO A 1 172 ? -0.896  3.628   16.588  1.00 61.47  ? 173  PRO A CD  1 
ATOM   1440 N N   . PRO A 1 173 ? -3.411  0.733   13.799  1.00 59.77  ? 174  PRO A N   1 
ATOM   1441 C CA  . PRO A 1 173 ? -2.604  -0.490  13.830  1.00 59.48  ? 174  PRO A CA  1 
ATOM   1442 C C   . PRO A 1 173 ? -1.520  -0.542  12.755  1.00 59.03  ? 174  PRO A C   1 
ATOM   1443 O O   . PRO A 1 173 ? -1.626  0.118   11.723  1.00 56.32  ? 174  PRO A O   1 
ATOM   1444 C CB  . PRO A 1 173 ? -3.646  -1.583  13.632  1.00 55.85  ? 174  PRO A CB  1 
ATOM   1445 C CG  . PRO A 1 173 ? -4.586  -0.939  12.665  1.00 56.12  ? 174  PRO A CG  1 
ATOM   1446 C CD  . PRO A 1 173 ? -4.752  0.454   13.250  1.00 60.79  ? 174  PRO A CD  1 
ATOM   1447 N N   . TYR A 1 174 ? -0.476  -1.327  13.006  1.00 60.38  ? 175  TYR A N   1 
ATOM   1448 C CA  . TYR A 1 174 ? 0.595   -1.489  12.033  1.00 62.52  ? 175  TYR A CA  1 
ATOM   1449 C C   . TYR A 1 174 ? -0.023  -2.272  10.866  1.00 61.84  ? 175  TYR A C   1 
ATOM   1450 O O   . TYR A 1 174 ? -0.858  -3.150  11.082  1.00 60.13  ? 175  TYR A O   1 
ATOM   1451 C CB  . TYR A 1 174 ? 1.753   -2.285  12.646  1.00 65.74  ? 175  TYR A CB  1 
ATOM   1452 C CG  . TYR A 1 174 ? 2.939   -2.487  11.712  1.00 71.29  ? 175  TYR A CG  1 
ATOM   1453 C CD1 . TYR A 1 174 ? 3.808   -1.432  11.408  1.00 70.81  ? 175  TYR A CD1 1 
ATOM   1454 C CD2 . TYR A 1 174 ? 3.191   -3.734  11.131  1.00 71.25  ? 175  TYR A CD2 1 
ATOM   1455 C CE1 . TYR A 1 174 ? 4.899   -1.616  10.549  1.00 71.73  ? 175  TYR A CE1 1 
ATOM   1456 C CE2 . TYR A 1 174 ? 4.276   -3.928  10.275  1.00 70.86  ? 175  TYR A CE2 1 
ATOM   1457 C CZ  . TYR A 1 174 ? 5.125   -2.869  9.986   1.00 72.11  ? 175  TYR A CZ  1 
ATOM   1458 O OH  . TYR A 1 174 ? 6.196   -3.067  9.138   1.00 70.95  ? 175  TYR A OH  1 
ATOM   1459 N N   . MET A 1 175 ? 0.380   -1.954  9.639   1.00 60.67  ? 176  MET A N   1 
ATOM   1460 C CA  . MET A 1 175 ? -0.163  -2.633  8.466   1.00 60.24  ? 176  MET A CA  1 
ATOM   1461 C C   . MET A 1 175 ? 0.859   -3.593  7.868   1.00 60.16  ? 176  MET A C   1 
ATOM   1462 O O   . MET A 1 175 ? 1.714   -3.196  7.070   1.00 55.52  ? 176  MET A O   1 
ATOM   1463 C CB  . MET A 1 175 ? -0.579  -1.606  7.405   1.00 64.96  ? 176  MET A CB  1 
ATOM   1464 C CG  . MET A 1 175 ? -1.566  -0.541  7.886   1.00 67.14  ? 176  MET A CG  1 
ATOM   1465 S SD  . MET A 1 175 ? -3.171  -1.197  8.409   1.00 74.66  ? 176  MET A SD  1 
ATOM   1466 C CE  . MET A 1 175 ? -4.031  -1.285  6.836   1.00 73.05  ? 176  MET A CE  1 
ATOM   1467 N N   . TYR A 1 176 ? 0.764   -4.863  8.243   1.00 60.21  ? 177  TYR A N   1 
ATOM   1468 C CA  . TYR A 1 176 ? 1.700   -5.859  7.735   1.00 61.94  ? 177  TYR A CA  1 
ATOM   1469 C C   . TYR A 1 176 ? 1.552   -6.122  6.244   1.00 60.81  ? 177  TYR A C   1 
ATOM   1470 O O   . TYR A 1 176 ? 0.502   -5.863  5.648   1.00 60.24  ? 177  TYR A O   1 
ATOM   1471 C CB  . TYR A 1 176 ? 1.526   -7.186  8.474   1.00 64.22  ? 177  TYR A CB  1 
ATOM   1472 C CG  . TYR A 1 176 ? 1.935   -7.145  9.918   1.00 68.83  ? 177  TYR A CG  1 
ATOM   1473 C CD1 . TYR A 1 176 ? 1.149   -6.496  10.866  1.00 72.35  ? 177  TYR A CD1 1 
ATOM   1474 C CD2 . TYR A 1 176 ? 3.121   -7.745  10.340  1.00 71.01  ? 177  TYR A CD2 1 
ATOM   1475 C CE1 . TYR A 1 176 ? 1.532   -6.445  12.201  1.00 75.26  ? 177  TYR A CE1 1 
ATOM   1476 C CE2 . TYR A 1 176 ? 3.514   -7.699  11.671  1.00 73.23  ? 177  TYR A CE2 1 
ATOM   1477 C CZ  . TYR A 1 176 ? 2.714   -7.047  12.595  1.00 74.48  ? 177  TYR A CZ  1 
ATOM   1478 O OH  . TYR A 1 176 ? 3.092   -6.998  13.912  1.00 77.65  ? 177  TYR A OH  1 
ATOM   1479 N N   . GLY A 1 177 ? 2.614   -6.650  5.645   1.00 57.00  ? 178  GLY A N   1 
ATOM   1480 C CA  . GLY A 1 177 ? 2.561   -6.989  4.238   1.00 56.31  ? 178  GLY A CA  1 
ATOM   1481 C C   . GLY A 1 177 ? 1.528   -8.090  4.062   1.00 54.46  ? 178  GLY A C   1 
ATOM   1482 O O   . GLY A 1 177 ? 1.439   -8.990  4.892   1.00 53.97  ? 178  GLY A O   1 
ATOM   1483 N N   . THR A 1 178 ? 0.754   -8.013  2.984   1.00 52.80  ? 179  THR A N   1 
ATOM   1484 C CA  . THR A 1 178 ? -0.303  -8.973  2.672   1.00 50.70  ? 179  THR A CA  1 
ATOM   1485 C C   . THR A 1 178 ? -1.399  -9.017  3.734   1.00 51.82  ? 179  THR A C   1 
ATOM   1486 O O   . THR A 1 178 ? -2.217  -9.930  3.749   1.00 54.35  ? 179  THR A O   1 
ATOM   1487 C CB  . THR A 1 178 ? 0.237   -10.428 2.435   1.00 51.65  ? 179  THR A CB  1 
ATOM   1488 O OG1 . THR A 1 178 ? 0.731   -10.979 3.662   1.00 52.56  ? 179  THR A OG1 1 
ATOM   1489 C CG2 . THR A 1 178 ? 1.353   -10.431 1.385   1.00 46.21  ? 179  THR A CG2 1 
ATOM   1490 N N   . SER A 1 179 ? -1.427  -8.038  4.631   1.00 53.03  ? 180  SER A N   1 
ATOM   1491 C CA  . SER A 1 179 ? -2.487  -8.028  5.636   1.00 53.80  ? 180  SER A CA  1 
ATOM   1492 C C   . SER A 1 179 ? -3.777  -7.686  4.896   1.00 53.49  ? 180  SER A C   1 
ATOM   1493 O O   . SER A 1 179 ? -3.744  -7.106  3.813   1.00 52.88  ? 180  SER A O   1 
ATOM   1494 C CB  . SER A 1 179 ? -2.210  -6.988  6.726   1.00 54.11  ? 180  SER A CB  1 
ATOM   1495 O OG  . SER A 1 179 ? -2.067  -5.693  6.177   1.00 61.22  ? 180  SER A OG  1 
ATOM   1496 N N   . VAL A 1 180 ? -4.912  -8.045  5.476   1.00 52.64  ? 181  VAL A N   1 
ATOM   1497 C CA  . VAL A 1 180 ? -6.188  -7.786  4.836   1.00 52.26  ? 181  VAL A CA  1 
ATOM   1498 C C   . VAL A 1 180 ? -7.012  -6.685  5.473   1.00 52.39  ? 181  VAL A C   1 
ATOM   1499 O O   . VAL A 1 180 ? -7.332  -6.738  6.657   1.00 53.65  ? 181  VAL A O   1 
ATOM   1500 C CB  . VAL A 1 180 ? -7.065  -9.058  4.814   1.00 55.35  ? 181  VAL A CB  1 
ATOM   1501 C CG1 . VAL A 1 180 ? -8.506  -8.703  4.459   1.00 55.91  ? 181  VAL A CG1 1 
ATOM   1502 C CG2 . VAL A 1 180 ? -6.512  -10.056 3.815   1.00 57.48  ? 181  VAL A CG2 1 
ATOM   1503 N N   . THR A 1 181 ? -7.351  -5.683  4.678   1.00 51.78  ? 182  THR A N   1 
ATOM   1504 C CA  . THR A 1 181 ? -8.209  -4.615  5.154   1.00 52.96  ? 182  THR A CA  1 
ATOM   1505 C C   . THR A 1 181 ? -9.357  -4.542  4.152   1.00 50.89  ? 182  THR A C   1 
ATOM   1506 O O   . THR A 1 181 ? -9.146  -4.610  2.942   1.00 50.77  ? 182  THR A O   1 
ATOM   1507 C CB  . THR A 1 181 ? -7.460  -3.260  5.270   1.00 56.28  ? 182  THR A CB  1 
ATOM   1508 O OG1 . THR A 1 181 ? -8.385  -2.182  5.081   1.00 56.89  ? 182  THR A OG1 1 
ATOM   1509 C CG2 . THR A 1 181 ? -6.352  -3.168  4.264   1.00 62.82  ? 182  THR A CG2 1 
ATOM   1510 N N   . ILE A 1 182 ? -10.579 -4.449  4.661   1.00 48.43  ? 183  ILE A N   1 
ATOM   1511 C CA  . ILE A 1 182 ? -11.745 -4.399  3.799   1.00 47.72  ? 183  ILE A CA  1 
ATOM   1512 C C   . ILE A 1 182 ? -12.527 -3.110  3.965   1.00 46.53  ? 183  ILE A C   1 
ATOM   1513 O O   . ILE A 1 182 ? -12.950 -2.769  5.067   1.00 46.56  ? 183  ILE A O   1 
ATOM   1514 C CB  . ILE A 1 182 ? -12.697 -5.580  4.083   1.00 47.22  ? 183  ILE A CB  1 
ATOM   1515 C CG1 . ILE A 1 182 ? -11.941 -6.905  3.935   1.00 50.00  ? 183  ILE A CG1 1 
ATOM   1516 C CG2 . ILE A 1 182 ? -13.887 -5.537  3.127   1.00 47.57  ? 183  ILE A CG2 1 
ATOM   1517 C CD1 . ILE A 1 182 ? -12.805 -8.150  4.129   1.00 43.02  ? 183  ILE A CD1 1 
ATOM   1518 N N   . ILE A 1 183 ? -12.721 -2.394  2.865   1.00 46.62  ? 184  ILE A N   1 
ATOM   1519 C CA  . ILE A 1 183 ? -13.486 -1.161  2.911   1.00 48.46  ? 184  ILE A CA  1 
ATOM   1520 C C   . ILE A 1 183 ? -14.770 -1.341  2.129   1.00 48.13  ? 184  ILE A C   1 
ATOM   1521 O O   . ILE A 1 183 ? -14.754 -1.750  0.972   1.00 50.20  ? 184  ILE A O   1 
ATOM   1522 C CB  . ILE A 1 183 ? -12.710 0.045   2.335   1.00 48.69  ? 184  ILE A CB  1 
ATOM   1523 C CG1 . ILE A 1 183 ? -11.634 0.504   3.319   1.00 52.99  ? 184  ILE A CG1 1 
ATOM   1524 C CG2 . ILE A 1 183 ? -13.662 1.220   2.127   1.00 48.71  ? 184  ILE A CG2 1 
ATOM   1525 C CD1 . ILE A 1 183 ? -10.506 -0.469  3.510   1.00 62.27  ? 184  ILE A CD1 1 
ATOM   1526 N N   . GLU A 1 184 ? -15.889 -1.049  2.782   1.00 49.64  ? 185  GLU A N   1 
ATOM   1527 C CA  . GLU A 1 184 ? -17.191 -1.167  2.150   1.00 50.17  ? 185  GLU A CA  1 
ATOM   1528 C C   . GLU A 1 184 ? -17.647 0.203   1.698   1.00 48.53  ? 185  GLU A C   1 
ATOM   1529 O O   . GLU A 1 184 ? -17.647 1.151   2.480   1.00 46.59  ? 185  GLU A O   1 
ATOM   1530 C CB  . GLU A 1 184 ? -18.203 -1.755  3.129   1.00 52.62  ? 185  GLU A CB  1 
ATOM   1531 C CG  . GLU A 1 184 ? -18.228 -3.270  3.136   1.00 62.88  ? 185  GLU A CG  1 
ATOM   1532 C CD  . GLU A 1 184 ? -18.770 -3.851  1.831   1.00 70.05  ? 185  GLU A CD  1 
ATOM   1533 O OE1 . GLU A 1 184 ? -18.854 -5.095  1.728   1.00 75.48  ? 185  GLU A OE1 1 
ATOM   1534 O OE2 . GLU A 1 184 ? -19.112 -3.070  0.911   1.00 71.08  ? 185  GLU A OE2 1 
ATOM   1535 N N   . VAL A 1 185 ? -18.029 0.310   0.430   1.00 47.13  ? 186  VAL A N   1 
ATOM   1536 C CA  . VAL A 1 185 ? -18.481 1.586   -0.099  1.00 49.08  ? 186  VAL A CA  1 
ATOM   1537 C C   . VAL A 1 185 ? -19.979 1.568   -0.375  1.00 50.42  ? 186  VAL A C   1 
ATOM   1538 O O   . VAL A 1 185 ? -20.432 0.970   -1.343  1.00 52.01  ? 186  VAL A O   1 
ATOM   1539 C CB  . VAL A 1 185 ? -17.731 1.946   -1.402  1.00 48.10  ? 186  VAL A CB  1 
ATOM   1540 C CG1 . VAL A 1 185 ? -18.052 3.378   -1.815  1.00 47.56  ? 186  VAL A CG1 1 
ATOM   1541 C CG2 . VAL A 1 185 ? -16.241 1.769   -1.203  1.00 49.97  ? 186  VAL A CG2 1 
ATOM   1542 N N   A ASP A 1 186 ? -20.740 2.219   0.500   0.50 52.67  ? 187  ASP A N   1 
ATOM   1543 N N   B ASP A 1 186 ? -20.743 2.224   0.491   0.50 52.42  ? 187  ASP A N   1 
ATOM   1544 C CA  A ASP A 1 186 ? -22.192 2.301   0.365   0.50 54.09  ? 187  ASP A CA  1 
ATOM   1545 C CA  B ASP A 1 186 ? -22.190 2.298   0.333   0.50 53.72  ? 187  ASP A CA  1 
ATOM   1546 C C   A ASP A 1 186 ? -22.592 3.763   0.246   0.50 53.47  ? 187  ASP A C   1 
ATOM   1547 C C   B ASP A 1 186 ? -22.594 3.758   0.243   0.50 53.19  ? 187  ASP A C   1 
ATOM   1548 O O   A ASP A 1 186 ? -22.086 4.609   0.982   0.50 53.96  ? 187  ASP A O   1 
ATOM   1549 O O   B ASP A 1 186 ? -22.097 4.594   0.997   0.50 53.69  ? 187  ASP A O   1 
ATOM   1550 C CB  A ASP A 1 186 ? -22.896 1.704   1.592   0.50 57.19  ? 187  ASP A CB  1 
ATOM   1551 C CB  B ASP A 1 186 ? -22.906 1.652   1.520   0.50 56.17  ? 187  ASP A CB  1 
ATOM   1552 C CG  A ASP A 1 186 ? -22.757 0.198   1.681   0.50 59.71  ? 187  ASP A CG  1 
ATOM   1553 C CG  B ASP A 1 186 ? -24.414 1.822   1.450   0.50 59.03  ? 187  ASP A CG  1 
ATOM   1554 O OD1 A ASP A 1 186 ? -23.131 -0.497  0.712   0.50 62.48  ? 187  ASP A OD1 1 
ATOM   1555 O OD1 B ASP A 1 186 ? -25.049 1.187   0.580   0.50 58.86  ? 187  ASP A OD1 1 
ATOM   1556 O OD2 A ASP A 1 186 ? -22.283 -0.293  2.728   0.50 63.12  ? 187  ASP A OD2 1 
ATOM   1557 O OD2 B ASP A 1 186 ? -24.964 2.602   2.260   0.50 61.94  ? 187  ASP A OD2 1 
ATOM   1558 N N   . GLY A 1 187 ? -23.500 4.060   -0.679  1.00 52.16  ? 188  GLY A N   1 
ATOM   1559 C CA  . GLY A 1 187 ? -23.949 5.429   -0.848  1.00 50.55  ? 188  GLY A CA  1 
ATOM   1560 C C   . GLY A 1 187 ? -22.807 6.423   -0.920  1.00 48.20  ? 188  GLY A C   1 
ATOM   1561 O O   . GLY A 1 187 ? -22.910 7.535   -0.410  1.00 46.09  ? 188  GLY A O   1 
ATOM   1562 N N   . GLY A 1 188 ? -21.709 6.014   -1.538  1.00 49.27  ? 189  GLY A N   1 
ATOM   1563 C CA  . GLY A 1 188 ? -20.570 6.901   -1.671  1.00 50.69  ? 189  GLY A CA  1 
ATOM   1564 C C   . GLY A 1 188 ? -19.702 7.100   -0.441  1.00 52.09  ? 189  GLY A C   1 
ATOM   1565 O O   . GLY A 1 188 ? -18.747 7.875   -0.504  1.00 54.56  ? 189  GLY A O   1 
ATOM   1566 N N   . THR A 1 189 ? -20.004 6.434   0.673   1.00 46.87  ? 190  THR A N   1 
ATOM   1567 C CA  . THR A 1 189 ? -19.165 6.606   1.858   1.00 46.06  ? 190  THR A CA  1 
ATOM   1568 C C   . THR A 1 189 ? -18.312 5.372   2.142   1.00 46.42  ? 190  THR A C   1 
ATOM   1569 O O   . THR A 1 189 ? -18.715 4.241   1.879   1.00 47.08  ? 190  THR A O   1 
ATOM   1570 C CB  . THR A 1 189 ? -19.993 6.966   3.110   1.00 49.86  ? 190  THR A CB  1 
ATOM   1571 O OG1 . THR A 1 189 ? -20.877 5.891   3.446   1.00 51.26  ? 190  THR A OG1 1 
ATOM   1572 C CG2 . THR A 1 189 ? -20.801 8.228   2.851   1.00 51.49  ? 190  THR A CG2 1 
ATOM   1573 N N   . PHE A 1 190 ? -17.120 5.609   2.675   1.00 48.40  ? 191  PHE A N   1 
ATOM   1574 C CA  . PHE A 1 190 ? -16.166 4.546   2.970   1.00 50.43  ? 191  PHE A CA  1 
ATOM   1575 C C   . PHE A 1 190 ? -16.233 4.091   4.412   1.00 52.01  ? 191  PHE A C   1 
ATOM   1576 O O   . PHE A 1 190 ? -15.984 4.871   5.330   1.00 55.54  ? 191  PHE A O   1 
ATOM   1577 C CB  . PHE A 1 190 ? -14.756 5.031   2.642   1.00 49.56  ? 191  PHE A CB  1 
ATOM   1578 C CG  . PHE A 1 190 ? -14.602 5.476   1.222   1.00 50.35  ? 191  PHE A CG  1 
ATOM   1579 C CD1 . PHE A 1 190 ? -14.246 4.571   0.230   1.00 50.77  ? 191  PHE A CD1 1 
ATOM   1580 C CD2 . PHE A 1 190 ? -14.875 6.788   0.864   1.00 52.59  ? 191  PHE A CD2 1 
ATOM   1581 C CE1 . PHE A 1 190 ? -14.164 4.965   -1.107  1.00 49.35  ? 191  PHE A CE1 1 
ATOM   1582 C CE2 . PHE A 1 190 ? -14.797 7.193   -0.471  1.00 57.06  ? 191  PHE A CE2 1 
ATOM   1583 C CZ  . PHE A 1 190 ? -14.442 6.276   -1.457  1.00 51.86  ? 191  PHE A CZ  1 
ATOM   1584 N N   . HIS A 1 191 ? -16.569 2.817   4.593   1.00 51.47  ? 192  HIS A N   1 
ATOM   1585 C CA  . HIS A 1 191 ? -16.688 2.215   5.912   1.00 53.33  ? 192  HIS A CA  1 
ATOM   1586 C C   . HIS A 1 191 ? -15.566 1.215   6.099   1.00 51.65  ? 192  HIS A C   1 
ATOM   1587 O O   . HIS A 1 191 ? -15.424 0.288   5.308   1.00 54.22  ? 192  HIS A O   1 
ATOM   1588 C CB  . HIS A 1 191 ? -18.015 1.465   6.037   1.00 57.92  ? 192  HIS A CB  1 
ATOM   1589 C CG  . HIS A 1 191 ? -19.219 2.306   5.758   1.00 67.71  ? 192  HIS A CG  1 
ATOM   1590 N ND1 . HIS A 1 191 ? -19.691 3.251   6.646   1.00 69.71  ? 192  HIS A ND1 1 
ATOM   1591 C CD2 . HIS A 1 191 ? -20.049 2.346   4.687   1.00 70.67  ? 192  HIS A CD2 1 
ATOM   1592 C CE1 . HIS A 1 191 ? -20.760 3.836   6.134   1.00 71.06  ? 192  HIS A CE1 1 
ATOM   1593 N NE2 . HIS A 1 191 ? -20.998 3.305   4.946   1.00 73.16  ? 192  HIS A NE2 1 
ATOM   1594 N N   . VAL A 1 192 ? -14.765 1.393   7.135   1.00 47.95  ? 193  VAL A N   1 
ATOM   1595 C CA  . VAL A 1 192 ? -13.698 0.447   7.384   1.00 48.35  ? 193  VAL A CA  1 
ATOM   1596 C C   . VAL A 1 192 ? -14.335 -0.752  8.078   1.00 52.07  ? 193  VAL A C   1 
ATOM   1597 O O   . VAL A 1 192 ? -14.681 -0.678  9.256   1.00 53.81  ? 193  VAL A O   1 
ATOM   1598 C CB  . VAL A 1 192 ? -12.613 1.054   8.282   1.00 44.76  ? 193  VAL A CB  1 
ATOM   1599 C CG1 . VAL A 1 192 ? -11.683 -0.040  8.784   1.00 47.25  ? 193  VAL A CG1 1 
ATOM   1600 C CG2 . VAL A 1 192 ? -11.821 2.088   7.498   1.00 41.52  ? 193  VAL A CG2 1 
ATOM   1601 N N   . ALA A 1 193 ? -14.500 -1.847  7.340   1.00 51.45  ? 194  ALA A N   1 
ATOM   1602 C CA  . ALA A 1 193 ? -15.109 -3.058  7.886   1.00 52.91  ? 194  ALA A CA  1 
ATOM   1603 C C   . ALA A 1 193 ? -14.099 -3.919  8.635   1.00 54.34  ? 194  ALA A C   1 
ATOM   1604 O O   . ALA A 1 193 ? -14.409 -4.460  9.692   1.00 57.61  ? 194  ALA A O   1 
ATOM   1605 C CB  . ALA A 1 193 ? -15.758 -3.871  6.764   1.00 48.50  ? 194  ALA A CB  1 
ATOM   1606 N N   . VAL A 1 194 ? -12.901 -4.056  8.070   1.00 54.40  ? 195  VAL A N   1 
ATOM   1607 C CA  . VAL A 1 194 ? -11.830 -4.846  8.670   1.00 49.79  ? 195  VAL A CA  1 
ATOM   1608 C C   . VAL A 1 194 ? -10.518 -4.133  8.414   1.00 51.06  ? 195  VAL A C   1 
ATOM   1609 O O   . VAL A 1 194 ? -10.271 -3.661  7.308   1.00 47.54  ? 195  VAL A O   1 
ATOM   1610 C CB  . VAL A 1 194 ? -11.739 -6.249  8.052   1.00 50.22  ? 195  VAL A CB  1 
ATOM   1611 C CG1 . VAL A 1 194 ? -10.603 -7.022  8.704   1.00 47.16  ? 195  VAL A CG1 1 
ATOM   1612 C CG2 . VAL A 1 194 ? -13.058 -6.983  8.221   1.00 45.11  ? 195  VAL A CG2 1 
ATOM   1613 N N   . GLU A 1 195 ? -9.667  -4.073  9.430   1.00 53.36  ? 196  GLU A N   1 
ATOM   1614 C CA  . GLU A 1 195 ? -8.402  -3.374  9.295   1.00 54.99  ? 196  GLU A CA  1 
ATOM   1615 C C   . GLU A 1 195 ? -7.160  -4.176  9.696   1.00 57.47  ? 196  GLU A C   1 
ATOM   1616 O O   . GLU A 1 195 ? -7.078  -4.708  10.799  1.00 60.12  ? 196  GLU A O   1 
ATOM   1617 C CB  . GLU A 1 195 ? -8.487  -2.072  10.097  1.00 53.91  ? 196  GLU A CB  1 
ATOM   1618 C CG  . GLU A 1 195 ? -7.225  -1.241  10.130  1.00 57.75  ? 196  GLU A CG  1 
ATOM   1619 C CD  . GLU A 1 195 ? -7.433  0.095   10.831  1.00 65.35  ? 196  GLU A CD  1 
ATOM   1620 O OE1 . GLU A 1 195 ? -8.233  0.152   11.797  1.00 66.02  ? 196  GLU A OE1 1 
ATOM   1621 O OE2 . GLU A 1 195 ? -6.786  1.086   10.422  1.00 67.76  ? 196  GLU A OE2 1 
ATOM   1622 N N   . GLY A 1 196 ? -6.205  -4.259  8.775   1.00 57.89  ? 197  GLY A N   1 
ATOM   1623 C CA  . GLY A 1 196 ? -4.954  -4.953  9.016   1.00 57.58  ? 197  GLY A CA  1 
ATOM   1624 C C   . GLY A 1 196 ? -4.983  -6.396  9.479   1.00 59.48  ? 197  GLY A C   1 
ATOM   1625 O O   . GLY A 1 196 ? -3.987  -6.874  10.028  1.00 61.00  ? 197  GLY A O   1 
ATOM   1626 N N   . ASP A 1 197 ? -6.087  -7.103  9.261   1.00 58.47  ? 198  ASP A N   1 
ATOM   1627 C CA  . ASP A 1 197 ? -6.168  -8.498  9.691   1.00 60.98  ? 198  ASP A CA  1 
ATOM   1628 C C   . ASP A 1 197 ? -5.021  -9.341  9.137   1.00 62.04  ? 198  ASP A C   1 
ATOM   1629 O O   . ASP A 1 197 ? -4.774  -9.370  7.928   1.00 57.29  ? 198  ASP A O   1 
ATOM   1630 C CB  . ASP A 1 197 ? -7.498  -9.116  9.276   1.00 63.40  ? 198  ASP A CB  1 
ATOM   1631 C CG  . ASP A 1 197 ? -7.677  -10.522 9.821   1.00 67.42  ? 198  ASP A CG  1 
ATOM   1632 O OD1 . ASP A 1 197 ? -7.367  -10.746 11.011  1.00 68.11  ? 198  ASP A OD1 1 
ATOM   1633 O OD2 . ASP A 1 197 ? -8.134  -11.403 9.067   1.00 71.28  ? 198  ASP A OD2 1 
ATOM   1634 N N   . VAL A 1 198 ? -4.332  -10.044 10.028  1.00 64.07  ? 199  VAL A N   1 
ATOM   1635 C CA  . VAL A 1 198 ? -3.193  -10.852 9.614   1.00 67.53  ? 199  VAL A CA  1 
ATOM   1636 C C   . VAL A 1 198 ? -3.251  -12.334 9.973   1.00 70.63  ? 199  VAL A C   1 
ATOM   1637 O O   . VAL A 1 198 ? -2.232  -12.919 10.331  1.00 73.32  ? 199  VAL A O   1 
ATOM   1638 C CB  . VAL A 1 198 ? -1.887  -10.277 10.195  1.00 66.64  ? 199  VAL A CB  1 
ATOM   1639 C CG1 . VAL A 1 198 ? -1.614  -8.906  9.606   1.00 69.07  ? 199  VAL A CG1 1 
ATOM   1640 C CG2 . VAL A 1 198 ? -1.992  -10.188 11.711  1.00 65.08  ? 199  VAL A CG2 1 
ATOM   1641 N N   . SER A 1 199 ? -4.424  -12.948 9.874   1.00 70.71  ? 200  SER A N   1 
ATOM   1642 C CA  . SER A 1 199 ? -4.542  -14.365 10.189  1.00 73.62  ? 200  SER A CA  1 
ATOM   1643 C C   . SER A 1 199 ? -3.588  -15.147 9.291   1.00 74.92  ? 200  SER A C   1 
ATOM   1644 O O   . SER A 1 199 ? -2.417  -15.337 9.613   1.00 78.13  ? 200  SER A O   1 
ATOM   1645 C CB  . SER A 1 199 ? -5.968  -14.836 9.937   1.00 74.25  ? 200  SER A CB  1 
ATOM   1646 O OG  . SER A 1 199 ? -6.884  -13.812 10.281  1.00 78.56  ? 200  SER A OG  1 
ATOM   1647 N N   . HIS A 1 200 ? -4.111  -15.582 8.154   1.00 73.58  ? 201  HIS A N   1 
ATOM   1648 C CA  . HIS A 1 200 ? -3.373  -16.347 7.153   1.00 77.34  ? 201  HIS A CA  1 
ATOM   1649 C C   . HIS A 1 200 ? -1.839  -16.257 7.177   1.00 81.17  ? 201  HIS A C   1 
ATOM   1650 O O   . HIS A 1 200 ? -1.160  -17.244 6.900   1.00 82.56  ? 201  HIS A O   1 
ATOM   1651 C CB  . HIS A 1 200 ? -3.871  -15.948 5.759   1.00 73.98  ? 201  HIS A CB  1 
ATOM   1652 C CG  . HIS A 1 200 ? -3.619  -14.509 5.419   1.00 71.00  ? 201  HIS A CG  1 
ATOM   1653 N ND1 . HIS A 1 200 ? -4.268  -13.470 6.046   1.00 67.53  ? 201  HIS A ND1 1 
ATOM   1654 C CD2 . HIS A 1 200 ? -2.743  -13.943 4.556   1.00 68.23  ? 201  HIS A CD2 1 
ATOM   1655 C CE1 . HIS A 1 200 ? -3.802  -12.321 5.585   1.00 65.61  ? 201  HIS A CE1 1 
ATOM   1656 N NE2 . HIS A 1 200 ? -2.875  -12.581 4.683   1.00 66.55  ? 201  HIS A NE2 1 
ATOM   1657 N N   . ILE A 1 201 ? -1.298  -15.083 7.496   1.00 86.90  ? 202  ILE A N   1 
ATOM   1658 C CA  . ILE A 1 201 ? 0.153   -14.877 7.520   1.00 93.00  ? 202  ILE A CA  1 
ATOM   1659 C C   . ILE A 1 201 ? 0.872   -15.557 8.685   1.00 96.57  ? 202  ILE A C   1 
ATOM   1660 O O   . ILE A 1 201 ? 1.970   -16.090 8.516   1.00 97.16  ? 202  ILE A O   1 
ATOM   1661 C CB  . ILE A 1 201 ? 0.490   -13.369 7.549   1.00 92.61  ? 202  ILE A CB  1 
ATOM   1662 C CG1 . ILE A 1 201 ? -0.250  -12.662 6.411   1.00 94.35  ? 202  ILE A CG1 1 
ATOM   1663 C CG2 . ILE A 1 201 ? 1.993   -13.161 7.407   1.00 93.33  ? 202  ILE A CG2 1 
ATOM   1664 C CD1 . ILE A 1 201 ? -0.131  -11.162 6.435   1.00 94.33  ? 202  ILE A CD1 1 
ATOM   1665 N N   . GLU A 1 202 ? 0.243   -15.529 9.858   1.00 101.12 ? 203  GLU A N   1 
ATOM   1666 C CA  . GLU A 1 202 ? 0.788   -16.124 11.081  1.00 105.36 ? 203  GLU A CA  1 
ATOM   1667 C C   . GLU A 1 202 ? 1.968   -17.068 10.839  1.00 106.85 ? 203  GLU A C   1 
ATOM   1668 O O   . GLU A 1 202 ? 1.793   -18.273 10.626  1.00 108.33 ? 203  GLU A O   1 
ATOM   1669 C CB  . GLU A 1 202 ? -0.321  -16.871 11.831  1.00 107.34 ? 203  GLU A CB  1 
ATOM   1670 C CG  . GLU A 1 202 ? -0.352  -16.599 13.329  1.00 110.04 ? 203  GLU A CG  1 
ATOM   1671 C CD  . GLU A 1 202 ? -0.721  -15.161 13.651  1.00 111.09 ? 203  GLU A CD  1 
ATOM   1672 O OE1 . GLU A 1 202 ? -1.753  -14.686 13.132  1.00 110.44 ? 203  GLU A OE1 1 
ATOM   1673 O OE2 . GLU A 1 202 ? 0.010   -14.508 14.427  1.00 113.18 ? 203  GLU A OE2 1 
HETATM 1674 S S   . SO4 B 2 .   ? 17.571  18.489  7.443   1.00 97.23  ? 300  SO4 A S   1 
HETATM 1675 O O1  . SO4 B 2 .   ? 18.930  18.090  7.039   1.00 99.06  ? 300  SO4 A O1  1 
HETATM 1676 O O2  . SO4 B 2 .   ? 16.907  19.190  6.329   1.00 99.53  ? 300  SO4 A O2  1 
HETATM 1677 O O3  . SO4 B 2 .   ? 16.800  17.284  7.792   1.00 97.62  ? 300  SO4 A O3  1 
HETATM 1678 O O4  . SO4 B 2 .   ? 17.657  19.391  8.605   1.00 99.60  ? 300  SO4 A O4  1 
HETATM 1679 S S   . SO4 C 2 .   ? -25.243 -3.709  -4.773  1.00 79.02  ? 301  SO4 A S   1 
HETATM 1680 O O1  . SO4 C 2 .   ? -24.651 -5.058  -4.681  1.00 80.59  ? 301  SO4 A O1  1 
HETATM 1681 O O2  . SO4 C 2 .   ? -24.349 -2.826  -5.545  1.00 76.11  ? 301  SO4 A O2  1 
HETATM 1682 O O3  . SO4 C 2 .   ? -26.545 -3.803  -5.459  1.00 80.46  ? 301  SO4 A O3  1 
HETATM 1683 O O4  . SO4 C 2 .   ? -25.435 -3.160  -3.417  1.00 77.61  ? 301  SO4 A O4  1 
HETATM 1684 S S   . SO4 D 2 .   ? -20.986 -5.801  -3.176  1.00 124.04 ? 302  SO4 A S   1 
HETATM 1685 O O1  . SO4 D 2 .   ? -19.684 -5.135  -3.364  1.00 124.65 ? 302  SO4 A O1  1 
HETATM 1686 O O2  . SO4 D 2 .   ? -21.514 -6.230  -4.484  1.00 123.41 ? 302  SO4 A O2  1 
HETATM 1687 O O3  . SO4 D 2 .   ? -20.814 -6.977  -2.301  1.00 122.87 ? 302  SO4 A O3  1 
HETATM 1688 O O4  . SO4 D 2 .   ? -21.932 -4.857  -2.552  1.00 123.78 ? 302  SO4 A O4  1 
HETATM 1689 S S   . SO4 E 2 .   ? -12.146 -13.049 4.037   1.00 124.73 ? 303  SO4 A S   1 
HETATM 1690 O O1  . SO4 E 2 .   ? -11.959 -12.169 5.206   1.00 123.59 ? 303  SO4 A O1  1 
HETATM 1691 O O2  . SO4 E 2 .   ? -12.032 -12.255 2.802   1.00 124.55 ? 303  SO4 A O2  1 
HETATM 1692 O O3  . SO4 E 2 .   ? -11.114 -14.105 4.041   1.00 123.22 ? 303  SO4 A O3  1 
HETATM 1693 O O4  . SO4 E 2 .   ? -13.487 -13.664 4.090   1.00 125.22 ? 303  SO4 A O4  1 
HETATM 1694 S S   . SO4 F 2 .   ? 14.811  15.105  -0.959  1.00 112.46 ? 304  SO4 A S   1 
HETATM 1695 O O1  . SO4 F 2 .   ? 15.657  13.898  -0.979  1.00 112.22 ? 304  SO4 A O1  1 
HETATM 1696 O O2  . SO4 F 2 .   ? 15.421  16.164  -1.784  1.00 112.69 ? 304  SO4 A O2  1 
HETATM 1697 O O3  . SO4 F 2 .   ? 13.487  14.762  -1.504  1.00 114.05 ? 304  SO4 A O3  1 
HETATM 1698 O O4  . SO4 F 2 .   ? 14.669  15.595  0.427   1.00 112.36 ? 304  SO4 A O4  1 
HETATM 1699 C C1  . GOL G 3 .   ? 6.924   -0.668  0.879   1.00 69.10  ? 400  GOL A C1  1 
HETATM 1700 O O1  . GOL G 3 .   ? 7.322   0.059   -0.276  1.00 60.07  ? 400  GOL A O1  1 
HETATM 1701 C C2  . GOL G 3 .   ? 8.140   -0.906  1.788   1.00 72.13  ? 400  GOL A C2  1 
HETATM 1702 O O2  . GOL G 3 .   ? 9.204   -1.460  1.040   1.00 73.22  ? 400  GOL A O2  1 
HETATM 1703 C C3  . GOL G 3 .   ? 7.785   -1.842  2.949   1.00 73.31  ? 400  GOL A C3  1 
HETATM 1704 O O3  . GOL G 3 .   ? 7.158   -1.105  3.984   1.00 74.95  ? 400  GOL A O3  1 
HETATM 1705 C C1  . GOL H 3 .   ? -3.314  17.323  7.314   1.00 70.47  ? 401  GOL A C1  1 
HETATM 1706 O O1  . GOL H 3 .   ? -3.989  16.107  7.602   1.00 74.85  ? 401  GOL A O1  1 
HETATM 1707 C C2  . GOL H 3 .   ? -3.556  18.337  8.438   1.00 65.85  ? 401  GOL A C2  1 
HETATM 1708 O O2  . GOL H 3 .   ? -2.982  17.866  9.644   1.00 66.98  ? 401  GOL A O2  1 
HETATM 1709 C C3  . GOL H 3 .   ? -5.052  18.595  8.636   1.00 65.28  ? 401  GOL A C3  1 
HETATM 1710 O O3  . GOL H 3 .   ? -5.246  19.553  9.665   1.00 60.38  ? 401  GOL A O3  1 
HETATM 1711 C C1  . GOL I 3 .   ? 10.732  2.102   2.186   1.00 87.28  ? 402  GOL A C1  1 
HETATM 1712 O O1  . GOL I 3 .   ? 11.117  0.821   1.713   1.00 88.54  ? 402  GOL A O1  1 
HETATM 1713 C C2  . GOL I 3 .   ? 9.339   2.453   1.655   1.00 88.15  ? 402  GOL A C2  1 
HETATM 1714 O O2  . GOL I 3 .   ? 9.400   2.661   0.255   1.00 88.45  ? 402  GOL A O2  1 
HETATM 1715 C C3  . GOL I 3 .   ? 8.791   3.712   2.341   1.00 86.51  ? 402  GOL A C3  1 
HETATM 1716 O O3  . GOL I 3 .   ? 8.562   3.448   3.715   1.00 85.11  ? 402  GOL A O3  1 
HETATM 1717 O O   . HOH J 4 .   ? -20.258 2.012   -5.702  1.00 57.04  ? 2001 HOH A O   1 
HETATM 1718 O O   . HOH J 4 .   ? -16.256 -10.160 0.882   1.00 57.93  ? 2002 HOH A O   1 
HETATM 1719 O O   . HOH J 4 .   ? 12.302  2.102   -10.374 1.00 48.45  ? 2003 HOH A O   1 
HETATM 1720 O O   . HOH J 4 .   ? 19.543  4.046   -6.012  1.00 65.80  ? 2004 HOH A O   1 
HETATM 1721 O O   . HOH J 4 .   ? 20.214  5.798   -8.104  1.00 70.14  ? 2005 HOH A O   1 
HETATM 1722 O O   . HOH J 4 .   ? 13.094  -4.626  -9.583  1.00 66.70  ? 2006 HOH A O   1 
HETATM 1723 O O   . HOH J 4 .   ? -6.561  -16.306 -4.889  1.00 49.87  ? 2007 HOH A O   1 
HETATM 1724 O O   . HOH J 4 .   ? -11.150 -18.865 -6.790  1.00 71.02  ? 2008 HOH A O   1 
HETATM 1725 O O   . HOH J 4 .   ? -8.730  -24.796 -0.570  1.00 80.15  ? 2009 HOH A O   1 
HETATM 1726 O O   . HOH J 4 .   ? 6.583   -11.732 -12.027 1.00 75.54  ? 2010 HOH A O   1 
HETATM 1727 O O   . HOH J 4 .   ? 1.013   -10.498 -15.920 1.00 58.92  ? 2011 HOH A O   1 
HETATM 1728 O O   . HOH J 4 .   ? -1.533  -10.481 -16.668 1.00 70.40  ? 2012 HOH A O   1 
HETATM 1729 O O   . HOH J 4 .   ? -3.678  -9.216  -16.900 1.00 50.74  ? 2013 HOH A O   1 
HETATM 1730 O O   . HOH J 4 .   ? 6.109   2.740   -6.126  1.00 40.20  ? 2014 HOH A O   1 
HETATM 1731 O O   . HOH J 4 .   ? 11.965  1.803   5.895   1.00 58.47  ? 2015 HOH A O   1 
HETATM 1732 O O   . HOH J 4 .   ? 18.476  15.466  0.352   1.00 60.34  ? 2016 HOH A O   1 
HETATM 1733 O O   . HOH J 4 .   ? 4.757   15.696  4.363   1.00 42.45  ? 2017 HOH A O   1 
HETATM 1734 O O   . HOH J 4 .   ? 13.511  12.866  0.893   1.00 49.62  ? 2018 HOH A O   1 
HETATM 1735 O O   . HOH J 4 .   ? -17.568 9.227   -3.288  1.00 57.33  ? 2019 HOH A O   1 
HETATM 1736 O O   . HOH J 4 .   ? -19.455 3.437   -8.506  1.00 49.68  ? 2020 HOH A O   1 
HETATM 1737 O O   . HOH J 4 .   ? -19.780 4.762   -11.281 1.00 46.84  ? 2021 HOH A O   1 
HETATM 1738 O O   . HOH J 4 .   ? -16.773 10.233  -9.410  1.00 73.59  ? 2022 HOH A O   1 
HETATM 1739 O O   . HOH J 4 .   ? -15.079 8.220   -13.703 1.00 69.03  ? 2023 HOH A O   1 
HETATM 1740 O O   . HOH J 4 .   ? 3.172   0.346   6.470   1.00 76.23  ? 2024 HOH A O   1 
HETATM 1741 O O   . HOH J 4 .   ? 2.038   10.277  13.031  1.00 52.39  ? 2025 HOH A O   1 
HETATM 1742 O O   . HOH J 4 .   ? -4.056  4.763   11.556  1.00 61.97  ? 2026 HOH A O   1 
HETATM 1743 O O   . HOH J 4 .   ? 2.273   0.222   8.841   1.00 63.38  ? 2027 HOH A O   1 
HETATM 1744 O O   . HOH J 4 .   ? -3.955  -4.430  4.634   1.00 39.23  ? 2028 HOH A O   1 
HETATM 1745 O O   . HOH J 4 .   ? -24.323 9.658   0.418   1.00 64.69  ? 2029 HOH A O   1 
HETATM 1746 O O   . HOH J 4 .   ? -15.348 3.805   9.019   1.00 53.57  ? 2030 HOH A O   1 
HETATM 1747 O O   . HOH J 4 .   ? -1.772  -5.486  9.993   1.00 68.01  ? 2031 HOH A O   1 
HETATM 1748 O O   . HOH J 4 .   ? -5.460  -9.721  12.824  1.00 62.81  ? 2032 HOH A O   1 
HETATM 1749 O O   . HOH J 4 .   ? 14.394  19.841  7.107   1.00 65.81  ? 2033 HOH A O   1 
# 
loop_
_pdbx_poly_seq_scheme.asym_id 
_pdbx_poly_seq_scheme.entity_id 
_pdbx_poly_seq_scheme.seq_id 
_pdbx_poly_seq_scheme.mon_id 
_pdbx_poly_seq_scheme.ndb_seq_num 
_pdbx_poly_seq_scheme.pdb_seq_num 
_pdbx_poly_seq_scheme.auth_seq_num 
_pdbx_poly_seq_scheme.pdb_mon_id 
_pdbx_poly_seq_scheme.auth_mon_id 
_pdbx_poly_seq_scheme.pdb_strand_id 
_pdbx_poly_seq_scheme.pdb_ins_code 
_pdbx_poly_seq_scheme.hetero 
A 1 1   ALA 1   2   2   ALA ALA A . n 
A 1 2   THR 2   3   3   THR THR A . n 
A 1 3   THR 3   4   4   THR THR A . n 
A 1 4   LEU 4   5   5   LEU LEU A . n 
A 1 5   TYR 5   6   6   TYR TYR A . n 
A 1 6   LEU 6   7   7   LEU LEU A . n 
A 1 7   THR 7   8   8   THR THR A . n 
A 1 8   ARG 8   9   9   ARG ARG A . n 
A 1 9   HIS 9   10  10  HIS HIS A . n 
A 1 10  GLY 10  11  11  GLY GLY A . n 
A 1 11  GLU 11  12  12  GLU GLU A . n 
A 1 12  THR 12  13  13  THR THR A . n 
A 1 13  LYS 13  14  14  LYS LYS A . n 
A 1 14  TRP 14  15  15  TRP TRP A . n 
A 1 15  ASN 15  16  16  ASN ASN A . n 
A 1 16  VAL 16  17  17  VAL VAL A . n 
A 1 17  GLU 17  18  18  GLU GLU A . n 
A 1 18  ARG 18  19  19  ARG ARG A . n 
A 1 19  ARG 19  20  20  ARG ARG A . n 
A 1 20  MET 20  21  21  MET MET A . n 
A 1 21  GLN 21  22  22  GLN GLN A . n 
A 1 22  GLY 22  23  23  GLY GLY A . n 
A 1 23  TRP 23  24  24  TRP TRP A . n 
A 1 24  GLN 24  25  25  GLN GLN A . n 
A 1 25  ASP 25  26  26  ASP ASP A . n 
A 1 26  SER 26  27  27  SER SER A . n 
A 1 27  PRO 27  28  28  PRO PRO A . n 
A 1 28  LEU 28  29  29  LEU LEU A . n 
A 1 29  THR 29  30  30  THR THR A . n 
A 1 30  GLU 30  31  31  GLU GLU A . n 
A 1 31  LYS 31  32  32  LYS LYS A . n 
A 1 32  GLY 32  33  33  GLY GLY A . n 
A 1 33  ARG 33  34  34  ARG ARG A . n 
A 1 34  GLN 34  35  35  GLN GLN A . n 
A 1 35  ASP 35  36  36  ASP ASP A . n 
A 1 36  ALA 36  37  37  ALA ALA A . n 
A 1 37  MET 37  38  38  MET MET A . n 
A 1 38  ARG 38  39  39  ARG ARG A . n 
A 1 39  LEU 39  40  40  LEU LEU A . n 
A 1 40  GLY 40  41  41  GLY GLY A . n 
A 1 41  LYS 41  42  42  LYS LYS A . n 
A 1 42  ARG 42  43  43  ARG ARG A . n 
A 1 43  LEU 43  44  44  LEU LEU A . n 
A 1 44  GLU 44  45  45  GLU GLU A . n 
A 1 45  ALA 45  46  46  ALA ALA A . n 
A 1 46  VAL 46  47  47  VAL VAL A . n 
A 1 47  GLU 47  48  48  GLU GLU A . n 
A 1 48  LEU 48  49  49  LEU LEU A . n 
A 1 49  ALA 49  50  50  ALA ALA A . n 
A 1 50  ALA 50  51  51  ALA ALA A . n 
A 1 51  ILE 51  52  52  ILE ILE A . n 
A 1 52  TYR 52  53  53  TYR TYR A . n 
A 1 53  THR 53  54  54  THR THR A . n 
A 1 54  SER 54  55  55  SER SER A . n 
A 1 55  THR 55  56  56  THR THR A . n 
A 1 56  SER 56  57  57  SER SER A . n 
A 1 57  GLY 57  58  58  GLY GLY A . n 
A 1 58  ARG 58  59  59  ARG ARG A . n 
A 1 59  ALA 59  60  60  ALA ALA A . n 
A 1 60  LEU 60  61  61  LEU LEU A . n 
A 1 61  GLU 61  62  62  GLU GLU A . n 
A 1 62  THR 62  63  63  THR THR A . n 
A 1 63  ALA 63  64  64  ALA ALA A . n 
A 1 64  GLU 64  65  65  GLU GLU A . n 
A 1 65  ILE 65  66  66  ILE ILE A . n 
A 1 66  VAL 66  67  67  VAL VAL A . n 
A 1 67  ARG 67  68  68  ARG ARG A . n 
A 1 68  GLY 68  69  69  GLY GLY A . n 
A 1 69  GLY 69  70  70  GLY GLY A . n 
A 1 70  ARG 70  71  71  ARG ARG A . n 
A 1 71  LEU 71  72  72  LEU LEU A . n 
A 1 72  ILE 72  73  73  ILE ILE A . n 
A 1 73  PRO 73  74  74  PRO PRO A . n 
A 1 74  ILE 74  75  75  ILE ILE A . n 
A 1 75  TYR 75  76  76  TYR TYR A . n 
A 1 76  GLN 76  77  77  GLN GLN A . n 
A 1 77  ASP 77  78  78  ASP ASP A . n 
A 1 78  GLU 78  79  79  GLU GLU A . n 
A 1 79  ARG 79  80  80  ARG ARG A . n 
A 1 80  LEU 80  81  81  LEU LEU A . n 
A 1 81  ARG 81  82  82  ARG ARG A . n 
A 1 82  GLU 82  83  83  GLU GLU A . n 
A 1 83  ILE 83  84  84  ILE ILE A . n 
A 1 84  HIS 84  85  85  HIS HIS A . n 
A 1 85  LEU 85  86  86  LEU LEU A . n 
A 1 86  GLY 86  87  87  GLY GLY A . n 
A 1 87  ASP 87  88  88  ASP ASP A . n 
A 1 88  TRP 88  89  89  TRP TRP A . n 
A 1 89  GLU 89  90  90  GLU GLU A . n 
A 1 90  GLY 90  91  91  GLY GLY A . n 
A 1 91  LYS 91  92  92  LYS LYS A . n 
A 1 92  THR 92  93  93  THR THR A . n 
A 1 93  HIS 93  94  94  HIS HIS A . n 
A 1 94  ASP 94  95  95  ASP ASP A . n 
A 1 95  GLU 95  96  96  GLU GLU A . n 
A 1 96  ILE 96  97  97  ILE ILE A . n 
A 1 97  ARG 97  98  98  ARG ARG A . n 
A 1 98  GLN 98  99  99  GLN GLN A . n 
A 1 99  MET 99  100 100 MET MET A . n 
A 1 100 ASP 100 101 101 ASP ASP A . n 
A 1 101 PRO 101 102 102 PRO PRO A . n 
A 1 102 ILE 102 103 103 ILE ILE A . n 
A 1 103 ALA 103 104 104 ALA ALA A . n 
A 1 104 PHE 104 105 105 PHE PHE A . n 
A 1 105 ASP 105 106 106 ASP ASP A . n 
A 1 106 HIS 106 107 107 HIS HIS A . n 
A 1 107 PHE 107 108 108 PHE PHE A . n 
A 1 108 TRP 108 109 109 TRP TRP A . n 
A 1 109 GLN 109 110 110 GLN GLN A . n 
A 1 110 ALA 110 111 111 ALA ALA A . n 
A 1 111 PRO 111 112 112 PRO PRO A . n 
A 1 112 HIS 112 113 113 HIS HIS A . n 
A 1 113 LEU 113 114 114 LEU LEU A . n 
A 1 114 TYR 114 115 115 TYR TYR A . n 
A 1 115 ALA 115 116 116 ALA ALA A . n 
A 1 116 PRO 116 117 117 PRO PRO A . n 
A 1 117 GLN 117 118 118 GLN GLN A . n 
A 1 118 ARG 118 119 119 ARG ARG A . n 
A 1 119 GLY 119 120 120 GLY GLY A . n 
A 1 120 GLU 120 121 121 GLU GLU A . n 
A 1 121 ARG 121 122 122 ARG ARG A . n 
A 1 122 PHE 122 123 123 PHE PHE A . n 
A 1 123 CYS 123 124 124 CYS CYS A . n 
A 1 124 ASP 124 125 125 ASP ASP A . n 
A 1 125 VAL 125 126 126 VAL VAL A . n 
A 1 126 GLN 126 127 127 GLN GLN A . n 
A 1 127 GLN 127 128 128 GLN GLN A . n 
A 1 128 ARG 128 129 129 ARG ARG A . n 
A 1 129 ALA 129 130 130 ALA ALA A . n 
A 1 130 LEU 130 131 131 LEU LEU A . n 
A 1 131 GLU 131 132 132 GLU GLU A . n 
A 1 132 ALA 132 133 133 ALA ALA A . n 
A 1 133 VAL 133 134 134 VAL VAL A . n 
A 1 134 GLN 134 135 135 GLN GLN A . n 
A 1 135 SER 135 136 136 SER SER A . n 
A 1 136 ILE 136 137 137 ILE ILE A . n 
A 1 137 VAL 137 138 138 VAL VAL A . n 
A 1 138 ASP 138 139 139 ASP ASP A . n 
A 1 139 ARG 139 140 140 ARG ARG A . n 
A 1 140 HIS 140 141 141 HIS HIS A . n 
A 1 141 GLU 141 142 142 GLU GLU A . n 
A 1 142 GLY 142 143 143 GLY GLY A . n 
A 1 143 GLU 143 144 144 GLU GLU A . n 
A 1 144 THR 144 145 145 THR THR A . n 
A 1 145 VAL 145 146 146 VAL VAL A . n 
A 1 146 LEU 146 147 147 LEU LEU A . n 
A 1 147 ILE 147 148 148 ILE ILE A . n 
A 1 148 VAL 148 149 149 VAL VAL A . n 
A 1 149 THR 149 150 150 THR THR A . n 
A 1 150 HIS 150 151 151 HIS HIS A . n 
A 1 151 GLY 151 152 152 GLY GLY A . n 
A 1 152 VAL 152 153 153 VAL VAL A . n 
A 1 153 VAL 153 154 154 VAL VAL A . n 
A 1 154 LEU 154 155 155 LEU LEU A . n 
A 1 155 LYS 155 156 156 LYS LYS A . n 
A 1 156 THR 156 157 157 THR THR A . n 
A 1 157 LEU 157 158 158 LEU LEU A . n 
A 1 158 MET 158 159 159 MET MET A . n 
A 1 159 ALA 159 160 160 ALA ALA A . n 
A 1 160 ALA 160 161 161 ALA ALA A . n 
A 1 161 PHE 161 162 162 PHE PHE A . n 
A 1 162 LYS 162 163 163 LYS LYS A . n 
A 1 163 ASP 163 164 164 ASP ASP A . n 
A 1 164 THR 164 165 165 THR THR A . n 
A 1 165 PRO 165 166 166 PRO PRO A . n 
A 1 166 LEU 166 167 167 LEU LEU A . n 
A 1 167 ASP 167 168 168 ASP ASP A . n 
A 1 168 HIS 168 169 169 HIS HIS A . n 
A 1 169 LEU 169 170 170 LEU LEU A . n 
A 1 170 TRP 170 171 171 TRP TRP A . n 
A 1 171 SER 171 172 172 SER SER A . n 
A 1 172 PRO 172 173 173 PRO PRO A . n 
A 1 173 PRO 173 174 174 PRO PRO A . n 
A 1 174 TYR 174 175 175 TYR TYR A . n 
A 1 175 MET 175 176 176 MET MET A . n 
A 1 176 TYR 176 177 177 TYR TYR A . n 
A 1 177 GLY 177 178 178 GLY GLY A . n 
A 1 178 THR 178 179 179 THR THR A . n 
A 1 179 SER 179 180 180 SER SER A . n 
A 1 180 VAL 180 181 181 VAL VAL A . n 
A 1 181 THR 181 182 182 THR THR A . n 
A 1 182 ILE 182 183 183 ILE ILE A . n 
A 1 183 ILE 183 184 184 ILE ILE A . n 
A 1 184 GLU 184 185 185 GLU GLU A . n 
A 1 185 VAL 185 186 186 VAL VAL A . n 
A 1 186 ASP 186 187 187 ASP ASP A . n 
A 1 187 GLY 187 188 188 GLY GLY A . n 
A 1 188 GLY 188 189 189 GLY GLY A . n 
A 1 189 THR 189 190 190 THR THR A . n 
A 1 190 PHE 190 191 191 PHE PHE A . n 
A 1 191 HIS 191 192 192 HIS HIS A . n 
A 1 192 VAL 192 193 193 VAL VAL A . n 
A 1 193 ALA 193 194 194 ALA ALA A . n 
A 1 194 VAL 194 195 195 VAL VAL A . n 
A 1 195 GLU 195 196 196 GLU GLU A . n 
A 1 196 GLY 196 197 197 GLY GLY A . n 
A 1 197 ASP 197 198 198 ASP ASP A . n 
A 1 198 VAL 198 199 199 VAL VAL A . n 
A 1 199 SER 199 200 200 SER SER A . n 
A 1 200 HIS 200 201 201 HIS HIS A . n 
A 1 201 ILE 201 202 202 ILE ILE A . n 
A 1 202 GLU 202 203 203 GLU GLU A . n 
# 
loop_
_pdbx_nonpoly_scheme.asym_id 
_pdbx_nonpoly_scheme.entity_id 
_pdbx_nonpoly_scheme.mon_id 
_pdbx_nonpoly_scheme.ndb_seq_num 
_pdbx_nonpoly_scheme.pdb_seq_num 
_pdbx_nonpoly_scheme.auth_seq_num 
_pdbx_nonpoly_scheme.pdb_mon_id 
_pdbx_nonpoly_scheme.auth_mon_id 
_pdbx_nonpoly_scheme.pdb_strand_id 
_pdbx_nonpoly_scheme.pdb_ins_code 
B 2 SO4 1  300  300  SO4 SO4 A . 
C 2 SO4 1  301  301  SO4 SO4 A . 
D 2 SO4 1  302  302  SO4 SO4 A . 
E 2 SO4 1  303  303  SO4 SO4 A . 
F 2 SO4 1  304  304  SO4 SO4 A . 
G 3 GOL 1  400  400  GOL GOL A . 
H 3 GOL 1  401  401  GOL GOL A . 
I 3 GOL 1  402  402  GOL GOL A . 
J 4 HOH 1  2001 2001 HOH HOH A . 
J 4 HOH 2  2002 2002 HOH HOH A . 
J 4 HOH 3  2003 2003 HOH HOH A . 
J 4 HOH 4  2004 2004 HOH HOH A . 
J 4 HOH 5  2005 2005 HOH HOH A . 
J 4 HOH 6  2006 2006 HOH HOH A . 
J 4 HOH 7  2007 2007 HOH HOH A . 
J 4 HOH 8  2008 2008 HOH HOH A . 
J 4 HOH 9  2009 2009 HOH HOH A . 
J 4 HOH 10 2010 2010 HOH HOH A . 
J 4 HOH 11 2011 2011 HOH HOH A . 
J 4 HOH 12 2012 2012 HOH HOH A . 
J 4 HOH 13 2013 2013 HOH HOH A . 
J 4 HOH 14 2014 2014 HOH HOH A . 
J 4 HOH 15 2015 2015 HOH HOH A . 
J 4 HOH 16 2016 2016 HOH HOH A . 
J 4 HOH 17 2017 2017 HOH HOH A . 
J 4 HOH 18 2018 2018 HOH HOH A . 
J 4 HOH 19 2019 2019 HOH HOH A . 
J 4 HOH 20 2020 2020 HOH HOH A . 
J 4 HOH 21 2021 2021 HOH HOH A . 
J 4 HOH 22 2022 2022 HOH HOH A . 
J 4 HOH 23 2023 2023 HOH HOH A . 
J 4 HOH 24 2024 2024 HOH HOH A . 
J 4 HOH 25 2025 2025 HOH HOH A . 
J 4 HOH 26 2026 2026 HOH HOH A . 
J 4 HOH 27 2027 2027 HOH HOH A . 
J 4 HOH 28 2028 2028 HOH HOH A . 
J 4 HOH 29 2029 2029 HOH HOH A . 
J 4 HOH 30 2030 2030 HOH HOH A . 
J 4 HOH 31 2031 2031 HOH HOH A . 
J 4 HOH 32 2032 2032 HOH HOH A . 
J 4 HOH 33 2033 2033 HOH HOH A . 
# 
_pdbx_struct_assembly.id                   1 
_pdbx_struct_assembly.details              author_and_software_defined_assembly 
_pdbx_struct_assembly.method_details       PISA 
_pdbx_struct_assembly.oligomeric_details   monomeric 
_pdbx_struct_assembly.oligomeric_count     1 
# 
_pdbx_struct_assembly_gen.assembly_id       1 
_pdbx_struct_assembly_gen.oper_expression   1 
_pdbx_struct_assembly_gen.asym_id_list      A,B,C,D,E,F,G,H,I,J 
# 
_pdbx_struct_oper_list.id                   1 
_pdbx_struct_oper_list.type                 'identity operation' 
_pdbx_struct_oper_list.name                 1_555 
_pdbx_struct_oper_list.symmetry_operation   x,y,z 
_pdbx_struct_oper_list.matrix[1][1]         1.0000000000 
_pdbx_struct_oper_list.matrix[1][2]         0.0000000000 
_pdbx_struct_oper_list.matrix[1][3]         0.0000000000 
_pdbx_struct_oper_list.vector[1]            0.0000000000 
_pdbx_struct_oper_list.matrix[2][1]         0.0000000000 
_pdbx_struct_oper_list.matrix[2][2]         1.0000000000 
_pdbx_struct_oper_list.matrix[2][3]         0.0000000000 
_pdbx_struct_oper_list.vector[2]            0.0000000000 
_pdbx_struct_oper_list.matrix[3][1]         0.0000000000 
_pdbx_struct_oper_list.matrix[3][2]         0.0000000000 
_pdbx_struct_oper_list.matrix[3][3]         1.0000000000 
_pdbx_struct_oper_list.vector[3]            0.0000000000 
# 
loop_
_pdbx_audit_revision_history.ordinal 
_pdbx_audit_revision_history.data_content_type 
_pdbx_audit_revision_history.major_revision 
_pdbx_audit_revision_history.minor_revision 
_pdbx_audit_revision_history.revision_date 
1 'Structure model' 1 0 2002-02-11 
2 'Structure model' 1 1 2011-09-07 
3 'Structure model' 1 2 2023-12-13 
# 
_pdbx_audit_revision_details.ordinal             1 
_pdbx_audit_revision_details.revision_ordinal    1 
_pdbx_audit_revision_details.data_content_type   'Structure model' 
_pdbx_audit_revision_details.provider            repository 
_pdbx_audit_revision_details.type                'Initial release' 
_pdbx_audit_revision_details.description         ? 
_pdbx_audit_revision_details.details             ? 
# 
loop_
_pdbx_audit_revision_group.ordinal 
_pdbx_audit_revision_group.revision_ordinal 
_pdbx_audit_revision_group.data_content_type 
_pdbx_audit_revision_group.group 
1  2 'Structure model' 'Data collection'           
2  2 'Structure model' 'Database references'       
3  2 'Structure model' 'Derived calculations'      
4  2 'Structure model' 'Non-polymer description'   
5  2 'Structure model' Other                       
6  2 'Structure model' 'Refinement description'    
7  2 'Structure model' 'Version format compliance' 
8  3 'Structure model' 'Data collection'           
9  3 'Structure model' 'Database references'       
10 3 'Structure model' 'Derived calculations'      
11 3 'Structure model' Other                       
12 3 'Structure model' 'Refinement description'    
# 
loop_
_pdbx_audit_revision_category.ordinal 
_pdbx_audit_revision_category.revision_ordinal 
_pdbx_audit_revision_category.data_content_type 
_pdbx_audit_revision_category.category 
1 3 'Structure model' chem_comp_atom                
2 3 'Structure model' chem_comp_bond                
3 3 'Structure model' database_2                    
4 3 'Structure model' pdbx_database_status          
5 3 'Structure model' pdbx_initial_refinement_model 
6 3 'Structure model' struct_site                   
# 
loop_
_pdbx_audit_revision_item.ordinal 
_pdbx_audit_revision_item.revision_ordinal 
_pdbx_audit_revision_item.data_content_type 
_pdbx_audit_revision_item.item 
1 3 'Structure model' '_database_2.pdbx_DOI'                 
2 3 'Structure model' '_database_2.pdbx_database_accession'  
3 3 'Structure model' '_pdbx_database_status.status_code_sf' 
4 3 'Structure model' '_struct_site.pdbx_auth_asym_id'       
5 3 'Structure model' '_struct_site.pdbx_auth_comp_id'       
6 3 'Structure model' '_struct_site.pdbx_auth_seq_id'        
# 
loop_
_software.name 
_software.classification 
_software.version 
_software.citation_id 
_software.pdbx_ordinal 
CNS       refinement       1.0 ? 1 
DENZO     'data reduction' .   ? 2 
SCALEPACK 'data scaling'   .   ? 3 
MOLREP    phasing          .   ? 4 
# 
_pdbx_entry_details.entry_id                 1EBB 
_pdbx_entry_details.compound_details         ? 
_pdbx_entry_details.source_details           ? 
_pdbx_entry_details.nonpolymer_details       ? 
_pdbx_entry_details.sequence_details         
;THE SWISSPROT ENTRY Q9ALU0 IDENTIFIES THIS PROTEIN
 AS A PHOSPHOGLYCERATE MUTASE. THE PROTEIN STUDIED
 IS A HOMOLOG OF PHOSPHOGLYCERATE MUTASE BUT HAS NO
 MUTASE ACTIVITY. THE MOLECULE DOES SHOW PHOSPHATASE
 ACTIVITY.
;
_pdbx_entry_details.has_ligand_of_interest   ? 
# 
_pdbx_validate_close_contact.id               1 
_pdbx_validate_close_contact.PDB_model_num    1 
_pdbx_validate_close_contact.auth_atom_id_1   O 
_pdbx_validate_close_contact.auth_asym_id_1   A 
_pdbx_validate_close_contact.auth_comp_id_1   ARG 
_pdbx_validate_close_contact.auth_seq_id_1    82 
_pdbx_validate_close_contact.PDB_ins_code_1   ? 
_pdbx_validate_close_contact.label_alt_id_1   ? 
_pdbx_validate_close_contact.auth_atom_id_2   NH2 
_pdbx_validate_close_contact.auth_asym_id_2   A 
_pdbx_validate_close_contact.auth_comp_id_2   ARG 
_pdbx_validate_close_contact.auth_seq_id_2    129 
_pdbx_validate_close_contact.PDB_ins_code_2   ? 
_pdbx_validate_close_contact.label_alt_id_2   ? 
_pdbx_validate_close_contact.dist             2.17 
# 
loop_
_pdbx_validate_torsion.id 
_pdbx_validate_torsion.PDB_model_num 
_pdbx_validate_torsion.auth_comp_id 
_pdbx_validate_torsion.auth_asym_id 
_pdbx_validate_torsion.auth_seq_id 
_pdbx_validate_torsion.PDB_ins_code 
_pdbx_validate_torsion.label_alt_id 
_pdbx_validate_torsion.phi 
_pdbx_validate_torsion.psi 
1 1 GLN A 22  ? ? -97.40  -74.18  
2 1 MET A 100 ? ? -97.16  -61.96  
3 1 THR A 150 ? ? -133.37 -152.62 
4 1 SER A 200 ? ? -57.96  -91.94  
5 1 HIS A 201 ? ? -20.67  -36.32  
# 
loop_
_chem_comp_atom.comp_id 
_chem_comp_atom.atom_id 
_chem_comp_atom.type_symbol 
_chem_comp_atom.pdbx_aromatic_flag 
_chem_comp_atom.pdbx_stereo_config 
_chem_comp_atom.pdbx_ordinal 
ALA N    N N N 1   
ALA CA   C N S 2   
ALA C    C N N 3   
ALA O    O N N 4   
ALA CB   C N N 5   
ALA OXT  O N N 6   
ALA H    H N N 7   
ALA H2   H N N 8   
ALA HA   H N N 9   
ALA HB1  H N N 10  
ALA HB2  H N N 11  
ALA HB3  H N N 12  
ALA HXT  H N N 13  
ARG N    N N N 14  
ARG CA   C N S 15  
ARG C    C N N 16  
ARG O    O N N 17  
ARG CB   C N N 18  
ARG CG   C N N 19  
ARG CD   C N N 20  
ARG NE   N N N 21  
ARG CZ   C N N 22  
ARG NH1  N N N 23  
ARG NH2  N N N 24  
ARG OXT  O N N 25  
ARG H    H N N 26  
ARG H2   H N N 27  
ARG HA   H N N 28  
ARG HB2  H N N 29  
ARG HB3  H N N 30  
ARG HG2  H N N 31  
ARG HG3  H N N 32  
ARG HD2  H N N 33  
ARG HD3  H N N 34  
ARG HE   H N N 35  
ARG HH11 H N N 36  
ARG HH12 H N N 37  
ARG HH21 H N N 38  
ARG HH22 H N N 39  
ARG HXT  H N N 40  
ASN N    N N N 41  
ASN CA   C N S 42  
ASN C    C N N 43  
ASN O    O N N 44  
ASN CB   C N N 45  
ASN CG   C N N 46  
ASN OD1  O N N 47  
ASN ND2  N N N 48  
ASN OXT  O N N 49  
ASN H    H N N 50  
ASN H2   H N N 51  
ASN HA   H N N 52  
ASN HB2  H N N 53  
ASN HB3  H N N 54  
ASN HD21 H N N 55  
ASN HD22 H N N 56  
ASN HXT  H N N 57  
ASP N    N N N 58  
ASP CA   C N S 59  
ASP C    C N N 60  
ASP O    O N N 61  
ASP CB   C N N 62  
ASP CG   C N N 63  
ASP OD1  O N N 64  
ASP OD2  O N N 65  
ASP OXT  O N N 66  
ASP H    H N N 67  
ASP H2   H N N 68  
ASP HA   H N N 69  
ASP HB2  H N N 70  
ASP HB3  H N N 71  
ASP HD2  H N N 72  
ASP HXT  H N N 73  
CYS N    N N N 74  
CYS CA   C N R 75  
CYS C    C N N 76  
CYS O    O N N 77  
CYS CB   C N N 78  
CYS SG   S N N 79  
CYS OXT  O N N 80  
CYS H    H N N 81  
CYS H2   H N N 82  
CYS HA   H N N 83  
CYS HB2  H N N 84  
CYS HB3  H N N 85  
CYS HG   H N N 86  
CYS HXT  H N N 87  
GLN N    N N N 88  
GLN CA   C N S 89  
GLN C    C N N 90  
GLN O    O N N 91  
GLN CB   C N N 92  
GLN CG   C N N 93  
GLN CD   C N N 94  
GLN OE1  O N N 95  
GLN NE2  N N N 96  
GLN OXT  O N N 97  
GLN H    H N N 98  
GLN H2   H N N 99  
GLN HA   H N N 100 
GLN HB2  H N N 101 
GLN HB3  H N N 102 
GLN HG2  H N N 103 
GLN HG3  H N N 104 
GLN HE21 H N N 105 
GLN HE22 H N N 106 
GLN HXT  H N N 107 
GLU N    N N N 108 
GLU CA   C N S 109 
GLU C    C N N 110 
GLU O    O N N 111 
GLU CB   C N N 112 
GLU CG   C N N 113 
GLU CD   C N N 114 
GLU OE1  O N N 115 
GLU OE2  O N N 116 
GLU OXT  O N N 117 
GLU H    H N N 118 
GLU H2   H N N 119 
GLU HA   H N N 120 
GLU HB2  H N N 121 
GLU HB3  H N N 122 
GLU HG2  H N N 123 
GLU HG3  H N N 124 
GLU HE2  H N N 125 
GLU HXT  H N N 126 
GLY N    N N N 127 
GLY CA   C N N 128 
GLY C    C N N 129 
GLY O    O N N 130 
GLY OXT  O N N 131 
GLY H    H N N 132 
GLY H2   H N N 133 
GLY HA2  H N N 134 
GLY HA3  H N N 135 
GLY HXT  H N N 136 
GOL C1   C N N 137 
GOL O1   O N N 138 
GOL C2   C N N 139 
GOL O2   O N N 140 
GOL C3   C N N 141 
GOL O3   O N N 142 
GOL H11  H N N 143 
GOL H12  H N N 144 
GOL HO1  H N N 145 
GOL H2   H N N 146 
GOL HO2  H N N 147 
GOL H31  H N N 148 
GOL H32  H N N 149 
GOL HO3  H N N 150 
HIS N    N N N 151 
HIS CA   C N S 152 
HIS C    C N N 153 
HIS O    O N N 154 
HIS CB   C N N 155 
HIS CG   C Y N 156 
HIS ND1  N Y N 157 
HIS CD2  C Y N 158 
HIS CE1  C Y N 159 
HIS NE2  N Y N 160 
HIS OXT  O N N 161 
HIS H    H N N 162 
HIS H2   H N N 163 
HIS HA   H N N 164 
HIS HB2  H N N 165 
HIS HB3  H N N 166 
HIS HD1  H N N 167 
HIS HD2  H N N 168 
HIS HE1  H N N 169 
HIS HE2  H N N 170 
HIS HXT  H N N 171 
HOH O    O N N 172 
HOH H1   H N N 173 
HOH H2   H N N 174 
ILE N    N N N 175 
ILE CA   C N S 176 
ILE C    C N N 177 
ILE O    O N N 178 
ILE CB   C N S 179 
ILE CG1  C N N 180 
ILE CG2  C N N 181 
ILE CD1  C N N 182 
ILE OXT  O N N 183 
ILE H    H N N 184 
ILE H2   H N N 185 
ILE HA   H N N 186 
ILE HB   H N N 187 
ILE HG12 H N N 188 
ILE HG13 H N N 189 
ILE HG21 H N N 190 
ILE HG22 H N N 191 
ILE HG23 H N N 192 
ILE HD11 H N N 193 
ILE HD12 H N N 194 
ILE HD13 H N N 195 
ILE HXT  H N N 196 
LEU N    N N N 197 
LEU CA   C N S 198 
LEU C    C N N 199 
LEU O    O N N 200 
LEU CB   C N N 201 
LEU CG   C N N 202 
LEU CD1  C N N 203 
LEU CD2  C N N 204 
LEU OXT  O N N 205 
LEU H    H N N 206 
LEU H2   H N N 207 
LEU HA   H N N 208 
LEU HB2  H N N 209 
LEU HB3  H N N 210 
LEU HG   H N N 211 
LEU HD11 H N N 212 
LEU HD12 H N N 213 
LEU HD13 H N N 214 
LEU HD21 H N N 215 
LEU HD22 H N N 216 
LEU HD23 H N N 217 
LEU HXT  H N N 218 
LYS N    N N N 219 
LYS CA   C N S 220 
LYS C    C N N 221 
LYS O    O N N 222 
LYS CB   C N N 223 
LYS CG   C N N 224 
LYS CD   C N N 225 
LYS CE   C N N 226 
LYS NZ   N N N 227 
LYS OXT  O N N 228 
LYS H    H N N 229 
LYS H2   H N N 230 
LYS HA   H N N 231 
LYS HB2  H N N 232 
LYS HB3  H N N 233 
LYS HG2  H N N 234 
LYS HG3  H N N 235 
LYS HD2  H N N 236 
LYS HD3  H N N 237 
LYS HE2  H N N 238 
LYS HE3  H N N 239 
LYS HZ1  H N N 240 
LYS HZ2  H N N 241 
LYS HZ3  H N N 242 
LYS HXT  H N N 243 
MET N    N N N 244 
MET CA   C N S 245 
MET C    C N N 246 
MET O    O N N 247 
MET CB   C N N 248 
MET CG   C N N 249 
MET SD   S N N 250 
MET CE   C N N 251 
MET OXT  O N N 252 
MET H    H N N 253 
MET H2   H N N 254 
MET HA   H N N 255 
MET HB2  H N N 256 
MET HB3  H N N 257 
MET HG2  H N N 258 
MET HG3  H N N 259 
MET HE1  H N N 260 
MET HE2  H N N 261 
MET HE3  H N N 262 
MET HXT  H N N 263 
PHE N    N N N 264 
PHE CA   C N S 265 
PHE C    C N N 266 
PHE O    O N N 267 
PHE CB   C N N 268 
PHE CG   C Y N 269 
PHE CD1  C Y N 270 
PHE CD2  C Y N 271 
PHE CE1  C Y N 272 
PHE CE2  C Y N 273 
PHE CZ   C Y N 274 
PHE OXT  O N N 275 
PHE H    H N N 276 
PHE H2   H N N 277 
PHE HA   H N N 278 
PHE HB2  H N N 279 
PHE HB3  H N N 280 
PHE HD1  H N N 281 
PHE HD2  H N N 282 
PHE HE1  H N N 283 
PHE HE2  H N N 284 
PHE HZ   H N N 285 
PHE HXT  H N N 286 
PRO N    N N N 287 
PRO CA   C N S 288 
PRO C    C N N 289 
PRO O    O N N 290 
PRO CB   C N N 291 
PRO CG   C N N 292 
PRO CD   C N N 293 
PRO OXT  O N N 294 
PRO H    H N N 295 
PRO HA   H N N 296 
PRO HB2  H N N 297 
PRO HB3  H N N 298 
PRO HG2  H N N 299 
PRO HG3  H N N 300 
PRO HD2  H N N 301 
PRO HD3  H N N 302 
PRO HXT  H N N 303 
SER N    N N N 304 
SER CA   C N S 305 
SER C    C N N 306 
SER O    O N N 307 
SER CB   C N N 308 
SER OG   O N N 309 
SER OXT  O N N 310 
SER H    H N N 311 
SER H2   H N N 312 
SER HA   H N N 313 
SER HB2  H N N 314 
SER HB3  H N N 315 
SER HG   H N N 316 
SER HXT  H N N 317 
SO4 S    S N N 318 
SO4 O1   O N N 319 
SO4 O2   O N N 320 
SO4 O3   O N N 321 
SO4 O4   O N N 322 
THR N    N N N 323 
THR CA   C N S 324 
THR C    C N N 325 
THR O    O N N 326 
THR CB   C N R 327 
THR OG1  O N N 328 
THR CG2  C N N 329 
THR OXT  O N N 330 
THR H    H N N 331 
THR H2   H N N 332 
THR HA   H N N 333 
THR HB   H N N 334 
THR HG1  H N N 335 
THR HG21 H N N 336 
THR HG22 H N N 337 
THR HG23 H N N 338 
THR HXT  H N N 339 
TRP N    N N N 340 
TRP CA   C N S 341 
TRP C    C N N 342 
TRP O    O N N 343 
TRP CB   C N N 344 
TRP CG   C Y N 345 
TRP CD1  C Y N 346 
TRP CD2  C Y N 347 
TRP NE1  N Y N 348 
TRP CE2  C Y N 349 
TRP CE3  C Y N 350 
TRP CZ2  C Y N 351 
TRP CZ3  C Y N 352 
TRP CH2  C Y N 353 
TRP OXT  O N N 354 
TRP H    H N N 355 
TRP H2   H N N 356 
TRP HA   H N N 357 
TRP HB2  H N N 358 
TRP HB3  H N N 359 
TRP HD1  H N N 360 
TRP HE1  H N N 361 
TRP HE3  H N N 362 
TRP HZ2  H N N 363 
TRP HZ3  H N N 364 
TRP HH2  H N N 365 
TRP HXT  H N N 366 
TYR N    N N N 367 
TYR CA   C N S 368 
TYR C    C N N 369 
TYR O    O N N 370 
TYR CB   C N N 371 
TYR CG   C Y N 372 
TYR CD1  C Y N 373 
TYR CD2  C Y N 374 
TYR CE1  C Y N 375 
TYR CE2  C Y N 376 
TYR CZ   C Y N 377 
TYR OH   O N N 378 
TYR OXT  O N N 379 
TYR H    H N N 380 
TYR H2   H N N 381 
TYR HA   H N N 382 
TYR HB2  H N N 383 
TYR HB3  H N N 384 
TYR HD1  H N N 385 
TYR HD2  H N N 386 
TYR HE1  H N N 387 
TYR HE2  H N N 388 
TYR HH   H N N 389 
TYR HXT  H N N 390 
VAL N    N N N 391 
VAL CA   C N S 392 
VAL C    C N N 393 
VAL O    O N N 394 
VAL CB   C N N 395 
VAL CG1  C N N 396 
VAL CG2  C N N 397 
VAL OXT  O N N 398 
VAL H    H N N 399 
VAL H2   H N N 400 
VAL HA   H N N 401 
VAL HB   H N N 402 
VAL HG11 H N N 403 
VAL HG12 H N N 404 
VAL HG13 H N N 405 
VAL HG21 H N N 406 
VAL HG22 H N N 407 
VAL HG23 H N N 408 
VAL HXT  H N N 409 
# 
loop_
_chem_comp_bond.comp_id 
_chem_comp_bond.atom_id_1 
_chem_comp_bond.atom_id_2 
_chem_comp_bond.value_order 
_chem_comp_bond.pdbx_aromatic_flag 
_chem_comp_bond.pdbx_stereo_config 
_chem_comp_bond.pdbx_ordinal 
ALA N   CA   sing N N 1   
ALA N   H    sing N N 2   
ALA N   H2   sing N N 3   
ALA CA  C    sing N N 4   
ALA CA  CB   sing N N 5   
ALA CA  HA   sing N N 6   
ALA C   O    doub N N 7   
ALA C   OXT  sing N N 8   
ALA CB  HB1  sing N N 9   
ALA CB  HB2  sing N N 10  
ALA CB  HB3  sing N N 11  
ALA OXT HXT  sing N N 12  
ARG N   CA   sing N N 13  
ARG N   H    sing N N 14  
ARG N   H2   sing N N 15  
ARG CA  C    sing N N 16  
ARG CA  CB   sing N N 17  
ARG CA  HA   sing N N 18  
ARG C   O    doub N N 19  
ARG C   OXT  sing N N 20  
ARG CB  CG   sing N N 21  
ARG CB  HB2  sing N N 22  
ARG CB  HB3  sing N N 23  
ARG CG  CD   sing N N 24  
ARG CG  HG2  sing N N 25  
ARG CG  HG3  sing N N 26  
ARG CD  NE   sing N N 27  
ARG CD  HD2  sing N N 28  
ARG CD  HD3  sing N N 29  
ARG NE  CZ   sing N N 30  
ARG NE  HE   sing N N 31  
ARG CZ  NH1  sing N N 32  
ARG CZ  NH2  doub N N 33  
ARG NH1 HH11 sing N N 34  
ARG NH1 HH12 sing N N 35  
ARG NH2 HH21 sing N N 36  
ARG NH2 HH22 sing N N 37  
ARG OXT HXT  sing N N 38  
ASN N   CA   sing N N 39  
ASN N   H    sing N N 40  
ASN N   H2   sing N N 41  
ASN CA  C    sing N N 42  
ASN CA  CB   sing N N 43  
ASN CA  HA   sing N N 44  
ASN C   O    doub N N 45  
ASN C   OXT  sing N N 46  
ASN CB  CG   sing N N 47  
ASN CB  HB2  sing N N 48  
ASN CB  HB3  sing N N 49  
ASN CG  OD1  doub N N 50  
ASN CG  ND2  sing N N 51  
ASN ND2 HD21 sing N N 52  
ASN ND2 HD22 sing N N 53  
ASN OXT HXT  sing N N 54  
ASP N   CA   sing N N 55  
ASP N   H    sing N N 56  
ASP N   H2   sing N N 57  
ASP CA  C    sing N N 58  
ASP CA  CB   sing N N 59  
ASP CA  HA   sing N N 60  
ASP C   O    doub N N 61  
ASP C   OXT  sing N N 62  
ASP CB  CG   sing N N 63  
ASP CB  HB2  sing N N 64  
ASP CB  HB3  sing N N 65  
ASP CG  OD1  doub N N 66  
ASP CG  OD2  sing N N 67  
ASP OD2 HD2  sing N N 68  
ASP OXT HXT  sing N N 69  
CYS N   CA   sing N N 70  
CYS N   H    sing N N 71  
CYS N   H2   sing N N 72  
CYS CA  C    sing N N 73  
CYS CA  CB   sing N N 74  
CYS CA  HA   sing N N 75  
CYS C   O    doub N N 76  
CYS C   OXT  sing N N 77  
CYS CB  SG   sing N N 78  
CYS CB  HB2  sing N N 79  
CYS CB  HB3  sing N N 80  
CYS SG  HG   sing N N 81  
CYS OXT HXT  sing N N 82  
GLN N   CA   sing N N 83  
GLN N   H    sing N N 84  
GLN N   H2   sing N N 85  
GLN CA  C    sing N N 86  
GLN CA  CB   sing N N 87  
GLN CA  HA   sing N N 88  
GLN C   O    doub N N 89  
GLN C   OXT  sing N N 90  
GLN CB  CG   sing N N 91  
GLN CB  HB2  sing N N 92  
GLN CB  HB3  sing N N 93  
GLN CG  CD   sing N N 94  
GLN CG  HG2  sing N N 95  
GLN CG  HG3  sing N N 96  
GLN CD  OE1  doub N N 97  
GLN CD  NE2  sing N N 98  
GLN NE2 HE21 sing N N 99  
GLN NE2 HE22 sing N N 100 
GLN OXT HXT  sing N N 101 
GLU N   CA   sing N N 102 
GLU N   H    sing N N 103 
GLU N   H2   sing N N 104 
GLU CA  C    sing N N 105 
GLU CA  CB   sing N N 106 
GLU CA  HA   sing N N 107 
GLU C   O    doub N N 108 
GLU C   OXT  sing N N 109 
GLU CB  CG   sing N N 110 
GLU CB  HB2  sing N N 111 
GLU CB  HB3  sing N N 112 
GLU CG  CD   sing N N 113 
GLU CG  HG2  sing N N 114 
GLU CG  HG3  sing N N 115 
GLU CD  OE1  doub N N 116 
GLU CD  OE2  sing N N 117 
GLU OE2 HE2  sing N N 118 
GLU OXT HXT  sing N N 119 
GLY N   CA   sing N N 120 
GLY N   H    sing N N 121 
GLY N   H2   sing N N 122 
GLY CA  C    sing N N 123 
GLY CA  HA2  sing N N 124 
GLY CA  HA3  sing N N 125 
GLY C   O    doub N N 126 
GLY C   OXT  sing N N 127 
GLY OXT HXT  sing N N 128 
GOL C1  O1   sing N N 129 
GOL C1  C2   sing N N 130 
GOL C1  H11  sing N N 131 
GOL C1  H12  sing N N 132 
GOL O1  HO1  sing N N 133 
GOL C2  O2   sing N N 134 
GOL C2  C3   sing N N 135 
GOL C2  H2   sing N N 136 
GOL O2  HO2  sing N N 137 
GOL C3  O3   sing N N 138 
GOL C3  H31  sing N N 139 
GOL C3  H32  sing N N 140 
GOL O3  HO3  sing N N 141 
HIS N   CA   sing N N 142 
HIS N   H    sing N N 143 
HIS N   H2   sing N N 144 
HIS CA  C    sing N N 145 
HIS CA  CB   sing N N 146 
HIS CA  HA   sing N N 147 
HIS C   O    doub N N 148 
HIS C   OXT  sing N N 149 
HIS CB  CG   sing N N 150 
HIS CB  HB2  sing N N 151 
HIS CB  HB3  sing N N 152 
HIS CG  ND1  sing Y N 153 
HIS CG  CD2  doub Y N 154 
HIS ND1 CE1  doub Y N 155 
HIS ND1 HD1  sing N N 156 
HIS CD2 NE2  sing Y N 157 
HIS CD2 HD2  sing N N 158 
HIS CE1 NE2  sing Y N 159 
HIS CE1 HE1  sing N N 160 
HIS NE2 HE2  sing N N 161 
HIS OXT HXT  sing N N 162 
HOH O   H1   sing N N 163 
HOH O   H2   sing N N 164 
ILE N   CA   sing N N 165 
ILE N   H    sing N N 166 
ILE N   H2   sing N N 167 
ILE CA  C    sing N N 168 
ILE CA  CB   sing N N 169 
ILE CA  HA   sing N N 170 
ILE C   O    doub N N 171 
ILE C   OXT  sing N N 172 
ILE CB  CG1  sing N N 173 
ILE CB  CG2  sing N N 174 
ILE CB  HB   sing N N 175 
ILE CG1 CD1  sing N N 176 
ILE CG1 HG12 sing N N 177 
ILE CG1 HG13 sing N N 178 
ILE CG2 HG21 sing N N 179 
ILE CG2 HG22 sing N N 180 
ILE CG2 HG23 sing N N 181 
ILE CD1 HD11 sing N N 182 
ILE CD1 HD12 sing N N 183 
ILE CD1 HD13 sing N N 184 
ILE OXT HXT  sing N N 185 
LEU N   CA   sing N N 186 
LEU N   H    sing N N 187 
LEU N   H2   sing N N 188 
LEU CA  C    sing N N 189 
LEU CA  CB   sing N N 190 
LEU CA  HA   sing N N 191 
LEU C   O    doub N N 192 
LEU C   OXT  sing N N 193 
LEU CB  CG   sing N N 194 
LEU CB  HB2  sing N N 195 
LEU CB  HB3  sing N N 196 
LEU CG  CD1  sing N N 197 
LEU CG  CD2  sing N N 198 
LEU CG  HG   sing N N 199 
LEU CD1 HD11 sing N N 200 
LEU CD1 HD12 sing N N 201 
LEU CD1 HD13 sing N N 202 
LEU CD2 HD21 sing N N 203 
LEU CD2 HD22 sing N N 204 
LEU CD2 HD23 sing N N 205 
LEU OXT HXT  sing N N 206 
LYS N   CA   sing N N 207 
LYS N   H    sing N N 208 
LYS N   H2   sing N N 209 
LYS CA  C    sing N N 210 
LYS CA  CB   sing N N 211 
LYS CA  HA   sing N N 212 
LYS C   O    doub N N 213 
LYS C   OXT  sing N N 214 
LYS CB  CG   sing N N 215 
LYS CB  HB2  sing N N 216 
LYS CB  HB3  sing N N 217 
LYS CG  CD   sing N N 218 
LYS CG  HG2  sing N N 219 
LYS CG  HG3  sing N N 220 
LYS CD  CE   sing N N 221 
LYS CD  HD2  sing N N 222 
LYS CD  HD3  sing N N 223 
LYS CE  NZ   sing N N 224 
LYS CE  HE2  sing N N 225 
LYS CE  HE3  sing N N 226 
LYS NZ  HZ1  sing N N 227 
LYS NZ  HZ2  sing N N 228 
LYS NZ  HZ3  sing N N 229 
LYS OXT HXT  sing N N 230 
MET N   CA   sing N N 231 
MET N   H    sing N N 232 
MET N   H2   sing N N 233 
MET CA  C    sing N N 234 
MET CA  CB   sing N N 235 
MET CA  HA   sing N N 236 
MET C   O    doub N N 237 
MET C   OXT  sing N N 238 
MET CB  CG   sing N N 239 
MET CB  HB2  sing N N 240 
MET CB  HB3  sing N N 241 
MET CG  SD   sing N N 242 
MET CG  HG2  sing N N 243 
MET CG  HG3  sing N N 244 
MET SD  CE   sing N N 245 
MET CE  HE1  sing N N 246 
MET CE  HE2  sing N N 247 
MET CE  HE3  sing N N 248 
MET OXT HXT  sing N N 249 
PHE N   CA   sing N N 250 
PHE N   H    sing N N 251 
PHE N   H2   sing N N 252 
PHE CA  C    sing N N 253 
PHE CA  CB   sing N N 254 
PHE CA  HA   sing N N 255 
PHE C   O    doub N N 256 
PHE C   OXT  sing N N 257 
PHE CB  CG   sing N N 258 
PHE CB  HB2  sing N N 259 
PHE CB  HB3  sing N N 260 
PHE CG  CD1  doub Y N 261 
PHE CG  CD2  sing Y N 262 
PHE CD1 CE1  sing Y N 263 
PHE CD1 HD1  sing N N 264 
PHE CD2 CE2  doub Y N 265 
PHE CD2 HD2  sing N N 266 
PHE CE1 CZ   doub Y N 267 
PHE CE1 HE1  sing N N 268 
PHE CE2 CZ   sing Y N 269 
PHE CE2 HE2  sing N N 270 
PHE CZ  HZ   sing N N 271 
PHE OXT HXT  sing N N 272 
PRO N   CA   sing N N 273 
PRO N   CD   sing N N 274 
PRO N   H    sing N N 275 
PRO CA  C    sing N N 276 
PRO CA  CB   sing N N 277 
PRO CA  HA   sing N N 278 
PRO C   O    doub N N 279 
PRO C   OXT  sing N N 280 
PRO CB  CG   sing N N 281 
PRO CB  HB2  sing N N 282 
PRO CB  HB3  sing N N 283 
PRO CG  CD   sing N N 284 
PRO CG  HG2  sing N N 285 
PRO CG  HG3  sing N N 286 
PRO CD  HD2  sing N N 287 
PRO CD  HD3  sing N N 288 
PRO OXT HXT  sing N N 289 
SER N   CA   sing N N 290 
SER N   H    sing N N 291 
SER N   H2   sing N N 292 
SER CA  C    sing N N 293 
SER CA  CB   sing N N 294 
SER CA  HA   sing N N 295 
SER C   O    doub N N 296 
SER C   OXT  sing N N 297 
SER CB  OG   sing N N 298 
SER CB  HB2  sing N N 299 
SER CB  HB3  sing N N 300 
SER OG  HG   sing N N 301 
SER OXT HXT  sing N N 302 
SO4 S   O1   doub N N 303 
SO4 S   O2   doub N N 304 
SO4 S   O3   sing N N 305 
SO4 S   O4   sing N N 306 
THR N   CA   sing N N 307 
THR N   H    sing N N 308 
THR N   H2   sing N N 309 
THR CA  C    sing N N 310 
THR CA  CB   sing N N 311 
THR CA  HA   sing N N 312 
THR C   O    doub N N 313 
THR C   OXT  sing N N 314 
THR CB  OG1  sing N N 315 
THR CB  CG2  sing N N 316 
THR CB  HB   sing N N 317 
THR OG1 HG1  sing N N 318 
THR CG2 HG21 sing N N 319 
THR CG2 HG22 sing N N 320 
THR CG2 HG23 sing N N 321 
THR OXT HXT  sing N N 322 
TRP N   CA   sing N N 323 
TRP N   H    sing N N 324 
TRP N   H2   sing N N 325 
TRP CA  C    sing N N 326 
TRP CA  CB   sing N N 327 
TRP CA  HA   sing N N 328 
TRP C   O    doub N N 329 
TRP C   OXT  sing N N 330 
TRP CB  CG   sing N N 331 
TRP CB  HB2  sing N N 332 
TRP CB  HB3  sing N N 333 
TRP CG  CD1  doub Y N 334 
TRP CG  CD2  sing Y N 335 
TRP CD1 NE1  sing Y N 336 
TRP CD1 HD1  sing N N 337 
TRP CD2 CE2  doub Y N 338 
TRP CD2 CE3  sing Y N 339 
TRP NE1 CE2  sing Y N 340 
TRP NE1 HE1  sing N N 341 
TRP CE2 CZ2  sing Y N 342 
TRP CE3 CZ3  doub Y N 343 
TRP CE3 HE3  sing N N 344 
TRP CZ2 CH2  doub Y N 345 
TRP CZ2 HZ2  sing N N 346 
TRP CZ3 CH2  sing Y N 347 
TRP CZ3 HZ3  sing N N 348 
TRP CH2 HH2  sing N N 349 
TRP OXT HXT  sing N N 350 
TYR N   CA   sing N N 351 
TYR N   H    sing N N 352 
TYR N   H2   sing N N 353 
TYR CA  C    sing N N 354 
TYR CA  CB   sing N N 355 
TYR CA  HA   sing N N 356 
TYR C   O    doub N N 357 
TYR C   OXT  sing N N 358 
TYR CB  CG   sing N N 359 
TYR CB  HB2  sing N N 360 
TYR CB  HB3  sing N N 361 
TYR CG  CD1  doub Y N 362 
TYR CG  CD2  sing Y N 363 
TYR CD1 CE1  sing Y N 364 
TYR CD1 HD1  sing N N 365 
TYR CD2 CE2  doub Y N 366 
TYR CD2 HD2  sing N N 367 
TYR CE1 CZ   doub Y N 368 
TYR CE1 HE1  sing N N 369 
TYR CE2 CZ   sing Y N 370 
TYR CE2 HE2  sing N N 371 
TYR CZ  OH   sing N N 372 
TYR OH  HH   sing N N 373 
TYR OXT HXT  sing N N 374 
VAL N   CA   sing N N 375 
VAL N   H    sing N N 376 
VAL N   H2   sing N N 377 
VAL CA  C    sing N N 378 
VAL CA  CB   sing N N 379 
VAL CA  HA   sing N N 380 
VAL C   O    doub N N 381 
VAL C   OXT  sing N N 382 
VAL CB  CG1  sing N N 383 
VAL CB  CG2  sing N N 384 
VAL CB  HB   sing N N 385 
VAL CG1 HG11 sing N N 386 
VAL CG1 HG12 sing N N 387 
VAL CG1 HG13 sing N N 388 
VAL CG2 HG21 sing N N 389 
VAL CG2 HG22 sing N N 390 
VAL CG2 HG23 sing N N 391 
VAL OXT HXT  sing N N 392 
# 
loop_
_pdbx_entity_nonpoly.entity_id 
_pdbx_entity_nonpoly.name 
_pdbx_entity_nonpoly.comp_id 
2 'SULFATE ION' SO4 
3 GLYCEROL      GOL 
4 water         HOH 
# 
loop_
_pdbx_initial_refinement_model.id 
_pdbx_initial_refinement_model.entity_id_list 
_pdbx_initial_refinement_model.type 
_pdbx_initial_refinement_model.source_name 
_pdbx_initial_refinement_model.accession_code 
_pdbx_initial_refinement_model.details 
1 ? 'experimental model' PDB 1TIP 'PDB ENTRIES 1TIP, 5PGM +HOMOLOGY MODEL' 
2 ? 'experimental model' PDB 5PGM 'PDB ENTRIES 1TIP, 5PGM +HOMOLOGY MODEL' 
# 
